data_7EQD
#
_entry.id   7EQD
#
_cell.length_a   1.00
_cell.length_b   1.00
_cell.length_c   1.00
_cell.angle_alpha   90.00
_cell.angle_beta   90.00
_cell.angle_gamma   90.00
#
_symmetry.space_group_name_H-M   'P 1'
#
loop_
_entity.id
_entity.type
_entity.pdbx_description
1 polymer 'Reaction center protein L chain'
2 polymer 'Reaction center protein M chain'
3 polymer 'Photoreaction center protein H'
4 polymer 'Light-harvesting protein B-870 alpha chain'
5 polymer 'Light-harvesting protein B-870 beta chain'
6 non-polymer 'Trans-Geranyl BACTERIOCHLOROPHYLL A'
7 non-polymer 'Trans-Geranyl BACTERIOPHEOPHYTIN A'
8 non-polymer UBIQUINONE-10
9 non-polymer '(1R)-2-{[{[(2S)-2,3-DIHYDROXYPROPYL]OXY}(HYDROXY)PHOSPHORYL]OXY}-1-[(PALMITOYLOXY)METHYL]ETHYL (11E)-OCTADEC-11-ENOATE'
10 non-polymer DODECYL-BETA-D-MALTOSIDE
11 non-polymer 'FE (III) ION'
12 non-polymer 2-azanyl-5-[(2~{E},6~{E},8~{E},10~{E},12~{E},14~{E},18~{E},22~{E},26~{E},30~{E},34~{E})-3,7,11,15,19,23,27,31,35,39-decamethyltetraconta-2,6,8,10,12,14,18,22,26,30,34,38-dodecaenyl]-3-methoxy-6-methyl-cyclohexa-2,5-diene-1,4-dione
13 non-polymer SPIRILLOXANTHIN
14 non-polymer CARDIOLIPIN
15 non-polymer DI-PALMITOYL-3-SN-PHOSPHATIDYLETHANOLAMINE
#
loop_
_entity_poly.entity_id
_entity_poly.type
_entity_poly.pdbx_seq_one_letter_code
_entity_poly.pdbx_strand_id
1 'polypeptide(L)'
;ALLSFERKYRVRGGTLIGGDLFDFWVGPFYVGFFGVTTLLFTVLGTALIVWGAALGPSWTFWQISINPPDVSYGLAMAPM
AKGGLWQIITFSAIGAFVSWALREVEICRKLGIGYHIPFAFGFAILAYVSLVVIRPVMMGAWGYGFPYGFMTHLDWVSNT
GYQYANFHYNPAHMLGITLFFTTCLALALHGSLILSAANPGKGEVVKGPEHENTYFQDTIGYSVGTLGIHRVGLILALSA
VVWSIICMILSGPIYTGSWPDWWLWWQKLPFWNHG
;
L
2 'polypeptide(L)'
;SEYQNILTGVQVRTAPHSAPIAKGIFPRLGKPGFSYWLGKIGDAQIGPIYLGTTGVLSLVFGFFAIEIIGFNLLASVNWS
PMEFGRQFFWLGLEPPAAEYGLGFAPLAEGGWWQIAGFFLTTSILLWWVRMYRRARALKMGTHTAWAFASAIFLFLSLGF
IRPLLMGNFSESVPFGIFPHLEWTNSFSLNYGNFFYNPFHMLSIAFLYGSALLFAMHGATILAVSRLGGDREVEQITDRG
TAAERAALFWRWTMGFNATMESIHRWAWWFAVLCTFTGAIGILLTGTVVDNWFEWGVKHGLAPAP
;
M
3 'polypeptide(L)'
;NKGDITGYMDVAQVVLYAFWIFFAGLIIYLRREDRREGYPLEDAISGKINSLQGLGSVFSIARPKIFKLKTGATYAAPNF
KRDAVAIKATRTAPTAGAPFEPTGNPMTDAVGPAAYALRDELPDLTLGGQPAIVPLRVAPTFSVAAEDTDPRGLPVVDRK
GAVAGKVTDLWIDRASIAIRYLEVELAATPGRKVLLPFAATRINAKTKSKTVTVQSILARHFANVPTIAKTDSITRREED
KVMAYYSSGYLYSDRV
;
H
4 'polypeptide(L)' (FME)WRIWQLFDPRQALVGLATFLFVLALLIHFILLSTERFNWLEGASTKPVQTSMVMPSSDLAV A,D,F,I,K,O,Q,S,U,W,Y,1,3,5,7,9
5 'polypeptide(L)' AEVKQESLSGITEGEAKEFHKIFTSSILVFFGVAAFAHLLVWIWRPWVPGPNGYS B,E,G,J,N,P,R,T,V,X,Z,2,4,6,8,0
#
# COMPACT_ATOMS: atom_id res chain seq x y z
N ALA A 1 21.55 -7.10 27.46
CA ALA A 1 21.47 -6.27 26.26
C ALA A 1 21.40 -7.13 25.02
N LEU A 2 21.39 -8.45 25.21
CA LEU A 2 21.30 -9.42 24.14
C LEU A 2 20.05 -10.28 24.32
N LEU A 3 19.47 -10.70 23.20
CA LEU A 3 18.38 -11.66 23.26
C LEU A 3 18.90 -13.01 23.74
N SER A 4 17.96 -13.89 24.12
CA SER A 4 18.34 -15.22 24.59
C SER A 4 19.12 -16.01 23.54
N PHE A 5 18.97 -15.67 22.27
CA PHE A 5 19.64 -16.37 21.19
C PHE A 5 20.62 -15.49 20.42
N GLU A 6 20.89 -14.29 20.90
CA GLU A 6 21.70 -13.34 20.15
C GLU A 6 23.18 -13.67 20.21
N ARG A 7 23.68 -14.10 21.38
CA ARG A 7 25.12 -14.32 21.52
C ARG A 7 25.49 -15.67 20.91
N LYS A 8 25.00 -15.90 19.70
CA LYS A 8 25.36 -17.06 18.90
C LYS A 8 25.60 -16.71 17.44
N TYR A 9 25.03 -15.62 16.93
CA TYR A 9 25.24 -15.16 15.57
C TYR A 9 26.11 -13.91 15.49
N ARG A 10 26.63 -13.42 16.62
CA ARG A 10 27.39 -12.18 16.64
C ARG A 10 28.84 -12.44 16.20
N VAL A 11 28.98 -13.06 15.05
CA VAL A 11 30.27 -13.34 14.47
C VAL A 11 30.69 -12.15 13.62
N ARG A 12 31.99 -12.07 13.33
CA ARG A 12 32.47 -11.01 12.47
C ARG A 12 32.39 -11.45 11.01
N GLY A 13 32.80 -10.57 10.11
CA GLY A 13 32.64 -10.80 8.69
C GLY A 13 31.29 -10.34 8.20
N GLY A 14 31.10 -10.47 6.89
CA GLY A 14 29.87 -10.03 6.27
C GLY A 14 29.79 -8.55 5.96
N THR A 15 30.89 -7.82 6.15
CA THR A 15 30.94 -6.40 5.85
C THR A 15 31.54 -6.17 4.47
N LEU A 16 30.91 -5.29 3.70
CA LEU A 16 31.42 -4.95 2.38
C LEU A 16 32.68 -4.10 2.49
N ILE A 17 32.66 -3.10 3.36
CA ILE A 17 33.72 -2.11 3.46
C ILE A 17 34.04 -1.89 4.93
N GLY A 18 35.32 -1.74 5.25
CA GLY A 18 35.76 -1.42 6.59
C GLY A 18 36.54 -2.52 7.28
N GLY A 19 36.49 -3.74 6.76
CA GLY A 19 37.20 -4.83 7.43
C GLY A 19 36.64 -5.06 8.82
N ASP A 20 37.54 -5.09 9.80
CA ASP A 20 37.17 -5.28 11.20
C ASP A 20 37.11 -3.97 11.98
N LEU A 21 37.24 -2.83 11.30
CA LEU A 21 37.30 -1.56 12.01
C LEU A 21 35.98 -1.23 12.68
N PHE A 22 34.87 -1.30 11.92
CA PHE A 22 33.56 -0.94 12.43
C PHE A 22 32.64 -2.14 12.59
N ASP A 23 33.17 -3.35 12.46
CA ASP A 23 32.40 -4.57 12.66
C ASP A 23 32.22 -4.78 14.16
N PHE A 24 31.23 -4.07 14.71
CA PHE A 24 30.87 -4.22 16.12
C PHE A 24 29.45 -3.72 16.30
N TRP A 25 28.94 -3.88 17.53
CA TRP A 25 27.60 -3.45 17.89
C TRP A 25 27.66 -2.39 18.96
N VAL A 26 26.70 -1.47 18.92
CA VAL A 26 26.49 -0.48 19.98
C VAL A 26 25.07 -0.69 20.48
N GLY A 27 24.94 -1.19 21.70
CA GLY A 27 23.65 -1.60 22.21
C GLY A 27 23.07 -2.71 21.37
N PRO A 28 21.87 -2.50 20.84
CA PRO A 28 21.28 -3.50 19.93
C PRO A 28 21.73 -3.33 18.49
N PHE A 29 22.19 -2.13 18.15
CA PHE A 29 22.48 -1.78 16.76
C PHE A 29 23.80 -2.37 16.30
N TYR A 30 23.84 -2.78 15.03
CA TYR A 30 25.09 -3.05 14.34
C TYR A 30 25.53 -1.78 13.62
N VAL A 31 26.82 -1.47 13.71
CA VAL A 31 27.28 -0.19 13.18
C VAL A 31 27.85 -0.37 11.78
N GLY A 32 28.98 -1.06 11.66
CA GLY A 32 29.65 -1.16 10.38
C GLY A 32 30.10 0.17 9.82
N PHE A 33 30.76 0.14 8.66
CA PHE A 33 31.17 1.40 8.01
C PHE A 33 29.95 2.20 7.57
N PHE A 34 28.93 1.52 7.06
CA PHE A 34 27.77 2.22 6.55
C PHE A 34 26.85 2.73 7.65
N GLY A 35 26.91 2.14 8.84
CA GLY A 35 26.27 2.78 9.98
C GLY A 35 26.93 4.10 10.35
N VAL A 36 28.26 4.13 10.29
CA VAL A 36 28.98 5.37 10.52
C VAL A 36 28.59 6.40 9.47
N THR A 37 28.53 5.99 8.20
CA THR A 37 28.18 6.94 7.14
C THR A 37 26.72 7.39 7.25
N THR A 38 25.81 6.52 7.69
CA THR A 38 24.42 6.97 7.84
C THR A 38 24.28 7.89 9.04
N LEU A 39 25.07 7.70 10.10
CA LEU A 39 25.14 8.71 11.14
C LEU A 39 25.69 10.03 10.60
N LEU A 40 26.75 9.97 9.79
CA LEU A 40 27.33 11.18 9.21
C LEU A 40 26.28 11.96 8.44
N PHE A 41 25.56 11.30 7.54
CA PHE A 41 24.57 11.98 6.74
C PHE A 41 23.32 12.37 7.53
N THR A 42 22.87 11.55 8.47
CA THR A 42 21.68 11.85 9.25
C THR A 42 21.91 13.05 10.15
N VAL A 43 23.05 13.08 10.86
CA VAL A 43 23.34 14.20 11.75
C VAL A 43 23.40 15.49 10.96
N LEU A 44 24.09 15.47 9.82
CA LEU A 44 24.24 16.68 9.03
C LEU A 44 22.90 17.13 8.45
N GLY A 45 22.12 16.20 7.90
CA GLY A 45 20.84 16.57 7.33
C GLY A 45 19.86 17.08 8.36
N THR A 46 19.80 16.43 9.53
CA THR A 46 18.91 16.88 10.59
C THR A 46 19.36 18.23 11.15
N ALA A 47 20.67 18.43 11.29
CA ALA A 47 21.17 19.72 11.74
C ALA A 47 20.83 20.82 10.74
N LEU A 48 20.92 20.52 9.45
CA LEU A 48 20.55 21.50 8.43
C LEU A 48 19.05 21.77 8.43
N ILE A 49 18.25 20.74 8.69
CA ILE A 49 16.80 20.94 8.79
C ILE A 49 16.47 21.83 9.98
N VAL A 50 17.11 21.59 11.12
CA VAL A 50 16.89 22.44 12.29
C VAL A 50 17.40 23.86 12.04
N TRP A 51 18.49 23.98 11.29
CA TRP A 51 19.00 25.31 10.95
C TRP A 51 18.02 26.07 10.06
N GLY A 52 17.44 25.39 9.07
CA GLY A 52 16.39 25.99 8.28
C GLY A 52 15.14 26.32 9.06
N ALA A 53 14.84 25.53 10.09
CA ALA A 53 13.77 25.88 11.02
C ALA A 53 14.10 27.15 11.79
N ALA A 54 15.36 27.30 12.21
CA ALA A 54 15.78 28.52 12.89
C ALA A 54 15.66 29.73 11.97
N LEU A 55 16.09 29.58 10.71
CA LEU A 55 15.91 30.65 9.75
C LEU A 55 14.45 30.91 9.44
N GLY A 56 13.58 29.91 9.65
CA GLY A 56 12.17 30.06 9.40
C GLY A 56 11.49 30.88 10.48
N PRO A 57 10.20 31.17 10.28
CA PRO A 57 9.47 32.02 11.23
C PRO A 57 8.63 31.31 12.29
N SER A 58 8.65 29.97 12.39
CA SER A 58 7.65 29.28 13.19
C SER A 58 8.22 28.55 14.40
N TRP A 59 9.14 27.61 14.20
CA TRP A 59 9.45 26.55 15.15
C TRP A 59 8.26 25.64 15.42
N THR A 60 7.12 25.93 14.81
CA THR A 60 6.00 25.00 14.85
C THR A 60 6.33 23.80 13.99
N PHE A 61 6.41 22.62 14.62
CA PHE A 61 6.95 21.45 13.95
C PHE A 61 6.26 21.18 12.63
N TRP A 62 4.95 21.44 12.56
CA TRP A 62 4.19 21.22 11.34
C TRP A 62 4.25 22.37 10.37
N GLN A 63 4.77 23.53 10.78
CA GLN A 63 4.99 24.66 9.90
C GLN A 63 6.46 24.85 9.55
N ILE A 64 7.35 24.02 10.09
CA ILE A 64 8.74 24.04 9.68
C ILE A 64 8.83 23.48 8.26
N SER A 65 9.50 24.22 7.38
CA SER A 65 9.62 23.81 5.98
C SER A 65 10.98 24.23 5.44
N ILE A 66 11.57 23.38 4.61
CA ILE A 66 12.79 23.68 3.88
C ILE A 66 12.42 23.78 2.42
N ASN A 67 12.48 24.98 1.87
CA ASN A 67 11.95 25.00 0.52
C ASN A 67 13.07 24.80 -0.51
N PRO A 68 12.78 24.12 -1.61
CA PRO A 68 13.74 24.05 -2.71
C PRO A 68 13.91 25.41 -3.36
N PRO A 69 14.97 25.62 -4.13
CA PRO A 69 15.14 26.91 -4.80
C PRO A 69 14.02 27.19 -5.78
N ASP A 70 13.74 28.47 -5.98
CA ASP A 70 12.76 28.86 -6.99
C ASP A 70 13.16 28.30 -8.35
N VAL A 71 12.16 28.04 -9.19
CA VAL A 71 12.42 27.48 -10.51
C VAL A 71 13.25 28.41 -11.38
N SER A 72 13.35 29.69 -11.00
CA SER A 72 14.17 30.63 -11.75
C SER A 72 15.65 30.29 -11.69
N TYR A 73 16.05 29.41 -10.77
CA TYR A 73 17.44 28.96 -10.71
C TYR A 73 17.72 27.76 -11.60
N GLY A 74 16.69 27.15 -12.19
CA GLY A 74 16.90 25.97 -13.00
C GLY A 74 17.52 24.85 -12.18
N LEU A 75 18.44 24.13 -12.81
CA LEU A 75 19.15 23.04 -12.15
C LEU A 75 20.42 23.51 -11.46
N ALA A 76 20.64 24.82 -11.36
CA ALA A 76 21.83 25.34 -10.73
C ALA A 76 21.79 25.13 -9.22
N MET A 77 22.98 24.96 -8.65
CA MET A 77 23.14 25.05 -7.20
C MET A 77 22.70 26.43 -6.73
N ALA A 78 21.97 26.47 -5.63
CA ALA A 78 21.43 27.73 -5.14
C ALA A 78 22.19 28.21 -3.91
N PRO A 79 22.15 29.51 -3.62
CA PRO A 79 22.71 29.99 -2.36
C PRO A 79 22.03 29.33 -1.18
N MET A 80 22.82 29.08 -0.13
CA MET A 80 22.32 28.33 1.03
C MET A 80 21.14 29.02 1.68
N ALA A 81 21.13 30.35 1.69
CA ALA A 81 20.01 31.07 2.30
C ALA A 81 18.70 30.80 1.56
N LYS A 82 18.76 30.73 0.23
CA LYS A 82 17.57 30.64 -0.61
C LYS A 82 17.72 29.48 -1.60
N GLY A 83 17.38 28.28 -1.14
CA GLY A 83 17.32 27.10 -1.97
C GLY A 83 18.42 26.08 -1.76
N GLY A 84 19.64 26.54 -1.47
CA GLY A 84 20.77 25.62 -1.37
C GLY A 84 20.67 24.65 -0.21
N LEU A 85 20.08 25.08 0.90
CA LEU A 85 19.95 24.21 2.06
C LEU A 85 19.09 22.99 1.74
N TRP A 86 18.01 23.20 0.99
CA TRP A 86 17.18 22.08 0.55
C TRP A 86 17.99 21.10 -0.28
N GLN A 87 18.86 21.61 -1.16
CA GLN A 87 19.67 20.75 -2.00
C GLN A 87 20.65 19.92 -1.18
N ILE A 88 21.31 20.55 -0.20
CA ILE A 88 22.25 19.80 0.62
C ILE A 88 21.52 18.77 1.47
N ILE A 89 20.34 19.12 1.98
CA ILE A 89 19.56 18.15 2.74
C ILE A 89 19.12 16.99 1.85
N THR A 90 18.82 17.28 0.59
CA THR A 90 18.46 16.23 -0.36
C THR A 90 19.64 15.27 -0.58
N PHE A 91 20.83 15.83 -0.80
CA PHE A 91 22.00 14.97 -1.01
C PHE A 91 22.32 14.16 0.25
N SER A 92 22.23 14.79 1.42
CA SER A 92 22.47 14.08 2.67
C SER A 92 21.46 12.98 2.88
N ALA A 93 20.19 13.23 2.55
CA ALA A 93 19.16 12.21 2.67
C ALA A 93 19.43 11.04 1.76
N ILE A 94 19.84 11.32 0.51
CA ILE A 94 20.16 10.24 -0.42
C ILE A 94 21.33 9.42 0.10
N GLY A 95 22.37 10.09 0.60
CA GLY A 95 23.51 9.38 1.15
C GLY A 95 23.14 8.55 2.36
N ALA A 96 22.29 9.08 3.24
CA ALA A 96 21.87 8.34 4.42
C ALA A 96 21.03 7.13 4.05
N PHE A 97 20.12 7.28 3.08
CA PHE A 97 19.33 6.14 2.64
C PHE A 97 20.20 5.05 2.03
N VAL A 98 21.17 5.44 1.19
CA VAL A 98 22.04 4.45 0.59
C VAL A 98 22.89 3.77 1.65
N SER A 99 23.39 4.53 2.62
CA SER A 99 24.15 3.92 3.71
C SER A 99 23.29 2.96 4.52
N TRP A 100 22.03 3.31 4.74
CA TRP A 100 21.11 2.43 5.46
C TRP A 100 20.93 1.12 4.72
N ALA A 101 20.66 1.19 3.41
CA ALA A 101 20.47 -0.02 2.62
C ALA A 101 21.74 -0.86 2.60
N LEU A 102 22.90 -0.23 2.48
CA LEU A 102 24.16 -0.98 2.43
C LEU A 102 24.46 -1.63 3.78
N ARG A 103 24.16 -0.94 4.88
CA ARG A 103 24.31 -1.55 6.19
C ARG A 103 23.39 -2.75 6.34
N GLU A 104 22.17 -2.64 5.80
CA GLU A 104 21.28 -3.79 5.77
C GLU A 104 21.88 -4.94 4.97
N VAL A 105 22.57 -4.62 3.88
CA VAL A 105 23.25 -5.66 3.10
C VAL A 105 24.30 -6.36 3.94
N GLU A 106 25.10 -5.58 4.69
CA GLU A 106 26.11 -6.18 5.55
C GLU A 106 25.49 -7.06 6.62
N ILE A 107 24.38 -6.61 7.21
CA ILE A 107 23.70 -7.42 8.21
C ILE A 107 23.16 -8.71 7.60
N CYS A 108 22.62 -8.62 6.38
CA CYS A 108 22.13 -9.82 5.70
C CYS A 108 23.26 -10.81 5.45
N ARG A 109 24.42 -10.31 5.01
CA ARG A 109 25.56 -11.22 4.83
C ARG A 109 26.00 -11.83 6.15
N LYS A 110 26.02 -11.04 7.22
CA LYS A 110 26.47 -11.55 8.51
C LYS A 110 25.54 -12.63 9.03
N LEU A 111 24.24 -12.47 8.82
CA LEU A 111 23.27 -13.48 9.25
C LEU A 111 23.03 -14.56 8.20
N GLY A 112 23.64 -14.45 7.03
CA GLY A 112 23.49 -15.48 6.01
C GLY A 112 22.10 -15.62 5.47
N ILE A 113 21.35 -14.52 5.39
CA ILE A 113 20.00 -14.54 4.85
C ILE A 113 20.01 -13.83 3.49
N GLY A 114 18.88 -13.90 2.80
CA GLY A 114 18.77 -13.25 1.52
C GLY A 114 18.81 -11.74 1.63
N TYR A 115 19.11 -11.10 0.50
CA TYR A 115 19.19 -9.64 0.42
C TYR A 115 17.87 -9.02 -0.04
N HIS A 116 16.76 -9.66 0.26
CA HIS A 116 15.46 -9.16 -0.17
C HIS A 116 15.13 -7.82 0.48
N ILE A 117 15.45 -7.66 1.77
CA ILE A 117 15.07 -6.45 2.48
C ILE A 117 15.76 -5.21 1.94
N PRO A 118 17.09 -5.17 1.77
CA PRO A 118 17.70 -3.98 1.16
C PRO A 118 17.24 -3.74 -0.26
N PHE A 119 16.96 -4.81 -1.02
CA PHE A 119 16.43 -4.64 -2.36
C PHE A 119 15.06 -3.98 -2.33
N ALA A 120 14.21 -4.37 -1.38
CA ALA A 120 12.90 -3.75 -1.25
C ALA A 120 13.01 -2.30 -0.79
N PHE A 121 13.97 -2.01 0.09
CA PHE A 121 14.20 -0.63 0.50
C PHE A 121 14.73 0.22 -0.65
N GLY A 122 15.44 -0.41 -1.58
CA GLY A 122 15.91 0.30 -2.75
C GLY A 122 14.78 0.95 -3.54
N PHE A 123 13.59 0.34 -3.50
CA PHE A 123 12.46 0.92 -4.22
C PHE A 123 11.95 2.19 -3.54
N ALA A 124 11.94 2.22 -2.21
CA ALA A 124 11.59 3.46 -1.51
C ALA A 124 12.63 4.55 -1.77
N ILE A 125 13.91 4.17 -1.76
CA ILE A 125 14.95 5.14 -2.09
C ILE A 125 14.77 5.66 -3.51
N LEU A 126 14.42 4.78 -4.43
CA LEU A 126 14.19 5.19 -5.81
C LEU A 126 12.99 6.12 -5.93
N ALA A 127 11.93 5.85 -5.18
CA ALA A 127 10.78 6.74 -5.19
C ALA A 127 11.15 8.14 -4.70
N TYR A 128 11.91 8.20 -3.60
CA TYR A 128 12.35 9.50 -3.11
C TYR A 128 13.24 10.21 -4.13
N VAL A 129 14.15 9.47 -4.76
CA VAL A 129 15.06 10.08 -5.73
C VAL A 129 14.29 10.57 -6.94
N SER A 130 13.32 9.79 -7.42
CA SER A 130 12.45 10.23 -8.50
C SER A 130 11.68 11.48 -8.12
N LEU A 131 11.29 11.62 -6.86
CA LEU A 131 10.56 12.81 -6.45
C LEU A 131 11.46 14.05 -6.31
N VAL A 132 12.71 13.89 -5.90
CA VAL A 132 13.57 15.04 -5.63
C VAL A 132 14.71 15.20 -6.63
N VAL A 133 15.01 14.19 -7.44
CA VAL A 133 16.14 14.32 -8.35
C VAL A 133 15.70 14.09 -9.79
N ILE A 134 15.16 12.91 -10.07
CA ILE A 134 14.89 12.52 -11.45
C ILE A 134 13.85 13.43 -12.08
N ARG A 135 12.71 13.59 -11.41
CA ARG A 135 11.66 14.45 -11.94
C ARG A 135 12.09 15.91 -12.01
N PRO A 136 12.69 16.51 -10.98
CA PRO A 136 13.18 17.89 -11.14
C PRO A 136 14.21 18.06 -12.26
N VAL A 137 15.07 17.06 -12.47
CA VAL A 137 16.05 17.16 -13.56
C VAL A 137 15.35 17.11 -14.91
N MET A 138 14.40 16.19 -15.08
CA MET A 138 13.65 16.14 -16.34
C MET A 138 12.86 17.42 -16.57
N MET A 139 12.27 17.96 -15.50
CA MET A 139 11.48 19.19 -15.64
C MET A 139 12.35 20.43 -15.75
N GLY A 140 13.64 20.33 -15.39
CA GLY A 140 14.58 21.40 -15.64
C GLY A 140 14.79 22.38 -14.50
N ALA A 141 14.27 22.10 -13.31
CA ALA A 141 14.49 23.00 -12.18
C ALA A 141 14.37 22.21 -10.88
N TRP A 142 15.18 22.61 -9.91
CA TRP A 142 15.12 22.01 -8.59
C TRP A 142 13.88 22.42 -7.81
N GLY A 143 13.19 23.46 -8.25
CA GLY A 143 11.97 23.91 -7.61
C GLY A 143 10.76 23.04 -7.86
N TYR A 144 10.90 21.97 -8.62
CA TYR A 144 9.83 21.00 -8.79
C TYR A 144 9.92 19.84 -7.82
N GLY A 145 10.93 19.85 -6.94
CA GLY A 145 10.97 18.90 -5.85
C GLY A 145 10.07 19.34 -4.71
N PHE A 146 9.87 18.42 -3.76
CA PHE A 146 8.94 18.89 -2.75
C PHE A 146 9.68 19.51 -1.57
N PRO A 147 9.08 20.51 -0.93
CA PRO A 147 9.70 21.11 0.26
C PRO A 147 9.78 20.10 1.40
N TYR A 148 10.82 20.25 2.21
CA TYR A 148 11.01 19.37 3.37
C TYR A 148 10.28 20.01 4.54
N GLY A 149 9.00 19.70 4.65
CA GLY A 149 8.17 20.23 5.72
C GLY A 149 6.99 19.34 5.96
N PHE A 150 6.53 19.32 7.21
CA PHE A 150 5.45 18.41 7.60
C PHE A 150 4.19 18.66 6.76
N MET A 151 3.62 19.86 6.87
CA MET A 151 2.40 20.15 6.13
C MET A 151 2.68 20.81 4.79
N THR A 152 3.87 21.35 4.58
CA THR A 152 4.16 22.03 3.32
C THR A 152 4.40 21.06 2.18
N HIS A 153 4.93 19.88 2.47
CA HIS A 153 5.06 18.89 1.40
C HIS A 153 3.69 18.34 1.00
N LEU A 154 2.70 18.43 1.89
CA LEU A 154 1.32 18.17 1.47
C LEU A 154 0.78 19.28 0.60
N ASP A 155 1.14 20.54 0.88
CA ASP A 155 0.77 21.63 -0.01
C ASP A 155 1.37 21.41 -1.39
N TRP A 156 2.61 20.93 -1.43
CA TRP A 156 3.24 20.57 -2.71
C TRP A 156 2.46 19.47 -3.42
N VAL A 157 2.09 18.43 -2.69
CA VAL A 157 1.34 17.32 -3.30
C VAL A 157 0.03 17.83 -3.88
N SER A 158 -0.70 18.65 -3.13
CA SER A 158 -1.99 19.16 -3.60
C SER A 158 -1.80 20.09 -4.80
N ASN A 159 -0.81 20.99 -4.74
CA ASN A 159 -0.59 21.93 -5.83
C ASN A 159 -0.21 21.21 -7.12
N THR A 160 0.70 20.23 -7.03
CA THR A 160 1.08 19.50 -8.23
C THR A 160 -0.04 18.62 -8.73
N GLY A 161 -0.85 18.06 -7.83
CA GLY A 161 -1.98 17.25 -8.28
C GLY A 161 -3.00 18.07 -9.04
N TYR A 162 -3.33 19.25 -8.53
CA TYR A 162 -4.28 20.12 -9.21
C TYR A 162 -3.65 20.91 -10.35
N GLN A 163 -2.33 20.83 -10.52
CA GLN A 163 -1.70 21.40 -11.71
C GLN A 163 -2.21 20.74 -12.99
N TYR A 164 -2.51 19.44 -12.93
CA TYR A 164 -3.12 18.72 -14.04
C TYR A 164 -4.63 18.62 -13.89
N ALA A 165 -5.19 19.42 -12.97
CA ALA A 165 -6.60 19.75 -12.83
C ALA A 165 -7.46 18.62 -12.25
N ASN A 166 -6.95 17.40 -12.28
CA ASN A 166 -7.45 16.30 -11.48
C ASN A 166 -6.43 15.18 -11.61
N PHE A 167 -5.72 14.87 -10.54
CA PHE A 167 -4.58 13.97 -10.72
C PHE A 167 -5.02 12.52 -10.60
N HIS A 168 -6.29 12.29 -10.20
CA HIS A 168 -6.86 10.94 -10.17
C HIS A 168 -6.90 10.32 -11.56
N TYR A 169 -7.05 11.13 -12.59
CA TYR A 169 -7.24 10.63 -13.94
C TYR A 169 -5.95 10.14 -14.58
N ASN A 170 -4.81 10.39 -13.94
CA ASN A 170 -3.54 9.77 -14.27
C ASN A 170 -3.72 8.25 -14.15
N PRO A 171 -3.73 7.52 -15.26
CA PRO A 171 -4.00 6.06 -15.18
C PRO A 171 -2.95 5.30 -14.39
N ALA A 172 -1.68 5.70 -14.49
CA ALA A 172 -0.66 5.08 -13.64
C ALA A 172 -0.91 5.38 -12.18
N HIS A 173 -1.46 6.55 -11.88
CA HIS A 173 -1.88 6.86 -10.52
C HIS A 173 -3.03 5.97 -10.07
N MET A 174 -4.00 5.71 -10.96
CA MET A 174 -5.07 4.78 -10.63
C MET A 174 -4.50 3.41 -10.32
N LEU A 175 -3.56 2.95 -11.11
CA LEU A 175 -2.99 1.62 -10.89
C LEU A 175 -2.16 1.57 -9.60
N GLY A 176 -1.43 2.62 -9.30
CA GLY A 176 -0.69 2.67 -8.04
C GLY A 176 -1.61 2.70 -6.84
N ILE A 177 -2.72 3.44 -6.93
CA ILE A 177 -3.70 3.44 -5.84
C ILE A 177 -4.30 2.05 -5.67
N THR A 178 -4.63 1.39 -6.79
CA THR A 178 -5.15 0.04 -6.72
C THR A 178 -4.17 -0.90 -6.03
N LEU A 179 -2.89 -0.79 -6.37
CA LEU A 179 -1.89 -1.66 -5.75
C LEU A 179 -1.71 -1.34 -4.28
N PHE A 180 -1.74 -0.06 -3.89
CA PHE A 180 -1.59 0.28 -2.49
C PHE A 180 -2.77 -0.23 -1.66
N PHE A 181 -3.99 -0.05 -2.17
CA PHE A 181 -5.16 -0.53 -1.47
C PHE A 181 -5.17 -2.05 -1.38
N THR A 182 -4.77 -2.72 -2.47
CA THR A 182 -4.69 -4.17 -2.46
C THR A 182 -3.60 -4.66 -1.51
N THR A 183 -2.49 -3.93 -1.40
CA THR A 183 -1.46 -4.29 -0.43
C THR A 183 -2.00 -4.19 0.98
N CYS A 184 -2.74 -3.12 1.29
CA CYS A 184 -3.33 -3.01 2.62
C CYS A 184 -4.32 -4.12 2.90
N LEU A 185 -5.17 -4.44 1.92
CA LEU A 185 -6.13 -5.53 2.09
C LEU A 185 -5.43 -6.87 2.28
N ALA A 186 -4.39 -7.13 1.48
CA ALA A 186 -3.66 -8.39 1.59
C ALA A 186 -2.92 -8.48 2.91
N LEU A 187 -2.37 -7.36 3.40
CA LEU A 187 -1.72 -7.36 4.70
C LEU A 187 -2.71 -7.65 5.81
N ALA A 188 -3.90 -7.03 5.74
CA ALA A 188 -4.94 -7.32 6.72
C ALA A 188 -5.29 -8.80 6.71
N LEU A 189 -5.52 -9.36 5.52
CA LEU A 189 -5.87 -10.77 5.43
C LEU A 189 -4.76 -11.66 5.95
N HIS A 190 -3.51 -11.34 5.65
CA HIS A 190 -2.41 -12.21 6.06
C HIS A 190 -2.18 -12.17 7.56
N GLY A 191 -2.09 -10.96 8.13
CA GLY A 191 -1.96 -10.86 9.57
C GLY A 191 -3.12 -11.51 10.30
N SER A 192 -4.33 -11.33 9.79
CA SER A 192 -5.51 -11.93 10.39
C SER A 192 -5.45 -13.46 10.33
N LEU A 193 -5.07 -14.01 9.17
CA LEU A 193 -5.01 -15.46 9.05
C LEU A 193 -3.95 -16.05 9.96
N ILE A 194 -2.78 -15.42 10.05
CA ILE A 194 -1.72 -15.94 10.91
C ILE A 194 -2.15 -15.88 12.36
N LEU A 195 -2.74 -14.75 12.79
CA LEU A 195 -3.17 -14.62 14.17
C LEU A 195 -4.28 -15.62 14.50
N SER A 196 -5.23 -15.80 13.59
CA SER A 196 -6.33 -16.73 13.84
C SER A 196 -5.82 -18.17 13.89
N ALA A 197 -4.84 -18.51 13.06
CA ALA A 197 -4.25 -19.85 13.12
C ALA A 197 -3.50 -20.05 14.43
N ALA A 198 -2.74 -19.04 14.87
CA ALA A 198 -1.98 -19.16 16.10
C ALA A 198 -2.83 -19.02 17.35
N ASN A 199 -3.94 -18.32 17.29
CA ASN A 199 -4.79 -18.04 18.45
C ASN A 199 -6.23 -18.44 18.12
N PRO A 200 -6.56 -19.73 18.17
CA PRO A 200 -7.85 -20.19 17.66
C PRO A 200 -8.99 -20.15 18.67
N GLY A 201 -8.71 -19.84 19.94
CA GLY A 201 -9.75 -19.75 20.95
C GLY A 201 -9.46 -20.66 22.14
N LYS A 202 -10.45 -20.76 23.02
CA LYS A 202 -10.32 -21.61 24.21
C LYS A 202 -10.34 -23.07 23.80
N GLY A 203 -9.43 -23.85 24.37
CA GLY A 203 -9.10 -25.12 23.75
C GLY A 203 -8.41 -24.80 22.45
N GLU A 204 -8.89 -25.38 21.35
CA GLU A 204 -8.54 -24.91 20.01
C GLU A 204 -7.03 -24.94 19.78
N VAL A 205 -6.51 -26.16 19.65
CA VAL A 205 -5.10 -26.40 19.38
C VAL A 205 -4.65 -25.58 18.17
N VAL A 206 -3.36 -25.24 18.13
CA VAL A 206 -2.83 -24.41 17.05
C VAL A 206 -3.03 -25.11 15.72
N LYS A 207 -3.54 -24.36 14.74
CA LYS A 207 -3.87 -24.90 13.43
C LYS A 207 -2.65 -24.91 12.52
N GLY A 208 -2.66 -25.82 11.56
CA GLY A 208 -1.55 -25.98 10.65
C GLY A 208 -1.73 -25.25 9.33
N PRO A 209 -0.78 -25.43 8.42
CA PRO A 209 -0.91 -24.79 7.10
C PRO A 209 -2.15 -25.23 6.33
N GLU A 210 -2.58 -26.48 6.54
CA GLU A 210 -3.79 -26.97 5.89
C GLU A 210 -5.03 -26.21 6.34
N HIS A 211 -5.13 -25.86 7.62
CA HIS A 211 -6.26 -25.07 8.08
C HIS A 211 -6.25 -23.68 7.47
N GLU A 212 -5.08 -23.06 7.39
CA GLU A 212 -4.97 -21.73 6.78
C GLU A 212 -5.35 -21.77 5.31
N ASN A 213 -4.90 -22.79 4.58
CA ASN A 213 -5.32 -22.94 3.19
C ASN A 213 -6.83 -23.15 3.09
N THR A 214 -7.39 -23.99 3.97
CA THR A 214 -8.82 -24.28 3.93
C THR A 214 -9.66 -23.04 4.18
N TYR A 215 -9.21 -22.15 5.06
CA TYR A 215 -10.00 -20.97 5.38
C TYR A 215 -10.28 -20.15 4.13
N PHE A 216 -9.23 -19.80 3.38
CA PHE A 216 -9.43 -18.98 2.20
C PHE A 216 -9.90 -19.78 1.00
N GLN A 217 -9.74 -21.11 1.00
CA GLN A 217 -10.41 -21.91 -0.01
C GLN A 217 -11.92 -21.88 0.18
N ASP A 218 -12.38 -21.92 1.43
CA ASP A 218 -13.81 -21.87 1.70
C ASP A 218 -14.39 -20.47 1.49
N THR A 219 -13.70 -19.44 1.98
CA THR A 219 -14.28 -18.10 1.94
C THR A 219 -14.16 -17.46 0.56
N ILE A 220 -12.97 -17.49 -0.03
CA ILE A 220 -12.75 -16.87 -1.34
C ILE A 220 -12.96 -17.85 -2.46
N GLY A 221 -12.39 -19.04 -2.33
CA GLY A 221 -12.26 -19.98 -3.42
C GLY A 221 -10.85 -20.23 -3.86
N TYR A 222 -9.87 -19.53 -3.30
CA TYR A 222 -8.46 -19.77 -3.60
C TYR A 222 -7.62 -19.35 -2.40
N SER A 223 -6.53 -20.07 -2.20
CA SER A 223 -5.56 -19.78 -1.14
C SER A 223 -4.16 -19.75 -1.76
N VAL A 224 -3.43 -18.66 -1.52
CA VAL A 224 -2.14 -18.49 -2.16
C VAL A 224 -1.10 -19.44 -1.57
N GLY A 225 -1.08 -19.58 -0.26
CA GLY A 225 -0.06 -20.41 0.37
C GLY A 225 0.81 -19.62 1.32
N THR A 226 1.29 -20.28 2.38
CA THR A 226 2.02 -19.56 3.42
C THR A 226 3.35 -19.00 2.95
N LEU A 227 3.89 -19.53 1.85
CA LEU A 227 5.09 -18.94 1.25
C LEU A 227 4.76 -17.93 0.18
N GLY A 228 3.78 -18.24 -0.68
CA GLY A 228 3.44 -17.35 -1.77
C GLY A 228 2.80 -16.04 -1.35
N ILE A 229 2.23 -16.00 -0.15
CA ILE A 229 1.59 -14.77 0.31
C ILE A 229 2.63 -13.68 0.54
N HIS A 230 3.78 -14.02 1.11
CA HIS A 230 4.82 -13.01 1.31
C HIS A 230 5.39 -12.54 -0.03
N ARG A 231 5.53 -13.46 -0.98
CA ARG A 231 5.85 -13.13 -2.35
C ARG A 231 4.91 -12.08 -2.91
N VAL A 232 3.61 -12.40 -2.94
CA VAL A 232 2.65 -11.50 -3.56
C VAL A 232 2.56 -10.18 -2.80
N GLY A 233 2.78 -10.19 -1.49
CA GLY A 233 2.74 -8.95 -0.74
C GLY A 233 3.91 -8.04 -1.04
N LEU A 234 5.12 -8.61 -1.09
CA LEU A 234 6.28 -7.82 -1.45
C LEU A 234 6.13 -7.28 -2.87
N ILE A 235 5.66 -8.12 -3.80
CA ILE A 235 5.47 -7.67 -5.18
C ILE A 235 4.39 -6.60 -5.24
N LEU A 236 3.33 -6.72 -4.44
CA LEU A 236 2.28 -5.71 -4.43
C LEU A 236 2.81 -4.37 -3.97
N ALA A 237 3.56 -4.34 -2.87
CA ALA A 237 4.09 -3.07 -2.37
C ALA A 237 5.09 -2.46 -3.35
N LEU A 238 6.01 -3.29 -3.87
CA LEU A 238 7.01 -2.77 -4.80
C LEU A 238 6.37 -2.27 -6.09
N SER A 239 5.33 -2.96 -6.57
CA SER A 239 4.65 -2.52 -7.78
C SER A 239 3.85 -1.25 -7.55
N ALA A 240 3.24 -1.11 -6.37
CA ALA A 240 2.59 0.16 -6.03
C ALA A 240 3.57 1.30 -6.08
N VAL A 241 4.76 1.11 -5.52
CA VAL A 241 5.77 2.17 -5.56
C VAL A 241 6.24 2.42 -6.99
N VAL A 242 6.41 1.35 -7.77
CA VAL A 242 6.88 1.50 -9.16
C VAL A 242 5.88 2.30 -9.97
N TRP A 243 4.58 1.99 -9.82
CA TRP A 243 3.57 2.70 -10.59
C TRP A 243 3.35 4.11 -10.09
N SER A 244 3.56 4.38 -8.80
CA SER A 244 3.59 5.76 -8.34
C SER A 244 4.75 6.54 -8.96
N ILE A 245 5.93 5.92 -9.04
CA ILE A 245 7.06 6.57 -9.69
C ILE A 245 6.74 6.84 -11.14
N ILE A 246 6.12 5.88 -11.81
CA ILE A 246 5.75 6.04 -13.22
C ILE A 246 4.75 7.18 -13.39
N CYS A 247 3.75 7.26 -12.50
CA CYS A 247 2.76 8.31 -12.63
C CYS A 247 3.34 9.68 -12.35
N MET A 248 4.40 9.76 -11.54
CA MET A 248 5.02 11.06 -11.31
C MET A 248 6.02 11.43 -12.39
N ILE A 249 6.66 10.45 -13.03
CA ILE A 249 7.49 10.75 -14.20
C ILE A 249 6.61 11.16 -15.38
N LEU A 250 5.45 10.53 -15.51
CA LEU A 250 4.55 10.87 -16.61
C LEU A 250 4.02 12.29 -16.47
N SER A 251 3.88 12.78 -15.25
CA SER A 251 3.33 14.10 -15.01
C SER A 251 4.47 15.11 -14.93
N GLY A 252 4.48 16.06 -15.86
CA GLY A 252 5.55 17.03 -15.98
C GLY A 252 6.61 16.70 -17.01
N PRO A 253 7.48 15.71 -16.75
CA PRO A 253 8.48 15.35 -17.78
C PRO A 253 7.88 14.91 -19.10
N ILE A 254 6.76 14.19 -19.08
CA ILE A 254 6.15 13.64 -20.29
C ILE A 254 4.84 14.34 -20.63
N TYR A 255 3.89 14.34 -19.71
CA TYR A 255 2.58 14.93 -19.92
C TYR A 255 2.49 16.24 -19.15
N THR A 256 2.09 17.30 -19.84
CA THR A 256 2.00 18.65 -19.29
C THR A 256 0.63 19.23 -19.55
N GLY A 257 -0.41 18.45 -19.27
CA GLY A 257 -1.77 18.90 -19.51
C GLY A 257 -2.77 18.28 -18.57
N SER A 258 -4.06 18.50 -18.85
CA SER A 258 -5.12 18.02 -17.99
C SER A 258 -5.25 16.51 -18.12
N TRP A 259 -5.03 15.80 -17.02
CA TRP A 259 -5.27 14.35 -17.00
C TRP A 259 -6.71 13.97 -17.30
N PRO A 260 -7.74 14.67 -16.79
CA PRO A 260 -9.12 14.27 -17.12
C PRO A 260 -9.41 14.18 -18.60
N ASP A 261 -8.92 15.11 -19.41
CA ASP A 261 -9.20 15.07 -20.84
C ASP A 261 -8.15 14.29 -21.62
N TRP A 262 -7.20 13.66 -20.94
CA TRP A 262 -6.39 12.64 -21.58
C TRP A 262 -7.24 11.45 -22.01
N TRP A 263 -8.33 11.19 -21.28
CA TRP A 263 -9.18 10.02 -21.50
C TRP A 263 -10.12 10.17 -22.70
N LEU A 264 -10.15 11.34 -23.36
CA LEU A 264 -10.95 11.47 -24.57
C LEU A 264 -10.50 10.51 -25.67
N TRP A 265 -9.23 10.10 -25.65
CA TRP A 265 -8.80 9.05 -26.57
C TRP A 265 -9.73 7.85 -26.46
N TRP A 266 -10.09 7.46 -25.24
CA TRP A 266 -11.02 6.36 -25.03
C TRP A 266 -12.38 6.67 -25.62
N GLN A 267 -12.85 7.92 -25.45
CA GLN A 267 -14.14 8.29 -25.97
C GLN A 267 -14.21 8.19 -27.48
N LYS A 268 -13.08 8.36 -28.17
CA LYS A 268 -13.09 8.42 -29.63
C LYS A 268 -12.40 7.24 -30.31
N LEU A 269 -12.53 6.03 -29.78
CA LEU A 269 -12.09 4.87 -30.55
C LEU A 269 -13.04 4.62 -31.71
N PRO A 270 -12.54 4.06 -32.82
CA PRO A 270 -13.34 4.04 -34.06
C PRO A 270 -14.61 3.21 -34.00
N PHE A 271 -14.76 2.32 -33.03
CA PHE A 271 -15.96 1.49 -32.96
C PHE A 271 -17.04 2.06 -32.05
N TRP A 272 -16.77 3.18 -31.38
CA TRP A 272 -17.84 4.01 -30.86
C TRP A 272 -17.65 5.51 -31.05
N ASN A 273 -16.71 5.95 -31.88
CA ASN A 273 -16.61 7.39 -32.13
C ASN A 273 -17.77 7.82 -33.00
N HIS A 274 -18.93 8.05 -32.38
CA HIS A 274 -20.16 8.33 -33.11
C HIS A 274 -20.06 9.73 -33.71
N GLY A 275 -19.23 9.84 -34.74
CA GLY A 275 -18.98 11.10 -35.41
C GLY A 275 -17.71 11.09 -36.27
N GLU B 2 21.86 -18.36 -7.75
CA GLU B 2 21.23 -17.38 -6.86
C GLU B 2 19.71 -17.45 -6.99
N TYR B 3 19.07 -18.24 -6.12
CA TYR B 3 17.62 -18.37 -6.08
C TYR B 3 17.03 -17.46 -5.03
N GLN B 4 15.77 -17.07 -5.24
CA GLN B 4 15.16 -16.04 -4.43
C GLN B 4 13.79 -16.40 -3.86
N ASN B 5 13.20 -17.55 -4.24
CA ASN B 5 11.81 -17.86 -3.89
C ASN B 5 10.87 -16.74 -4.29
N ILE B 6 11.01 -16.26 -5.52
CA ILE B 6 10.07 -15.29 -6.08
C ILE B 6 9.12 -16.03 -7.01
N LEU B 7 9.62 -17.08 -7.64
CA LEU B 7 8.81 -17.95 -8.47
C LEU B 7 9.18 -19.40 -8.20
N THR B 8 8.18 -20.28 -8.26
CA THR B 8 8.36 -21.70 -7.98
C THR B 8 8.67 -22.42 -9.27
N GLY B 9 9.94 -22.74 -9.49
CA GLY B 9 10.33 -23.40 -10.73
C GLY B 9 9.74 -24.79 -10.87
N VAL B 10 9.70 -25.55 -9.78
CA VAL B 10 9.19 -26.92 -9.80
C VAL B 10 7.99 -27.00 -8.88
N GLN B 11 6.86 -27.44 -9.43
CA GLN B 11 5.60 -27.51 -8.71
C GLN B 11 5.26 -28.96 -8.34
N VAL B 12 4.38 -29.09 -7.35
CA VAL B 12 3.89 -30.39 -6.88
C VAL B 12 2.37 -30.36 -6.91
N ARG B 13 1.77 -31.44 -7.39
CA ARG B 13 0.31 -31.55 -7.47
C ARG B 13 -0.13 -32.90 -6.94
N THR B 14 -1.10 -32.88 -6.03
CA THR B 14 -1.53 -34.06 -5.31
C THR B 14 -3.05 -34.09 -5.29
N ALA B 15 -3.61 -35.07 -4.58
CA ALA B 15 -5.06 -35.19 -4.48
C ALA B 15 -5.61 -34.06 -3.62
N PRO B 16 -6.53 -33.24 -4.13
CA PRO B 16 -7.03 -32.11 -3.34
C PRO B 16 -7.68 -32.59 -2.04
N HIS B 17 -7.43 -31.83 -0.98
CA HIS B 17 -7.95 -32.15 0.34
C HIS B 17 -8.11 -30.84 1.11
N SER B 18 -8.93 -30.90 2.17
CA SER B 18 -9.24 -29.71 2.93
C SER B 18 -9.58 -30.11 4.37
N ALA B 19 -9.50 -29.12 5.26
CA ALA B 19 -9.79 -29.36 6.67
C ALA B 19 -11.26 -29.74 6.84
N PRO B 20 -11.56 -30.59 7.82
CA PRO B 20 -12.94 -31.09 7.95
C PRO B 20 -13.86 -30.09 8.64
N ILE B 21 -15.03 -29.91 8.04
CA ILE B 21 -16.11 -29.10 8.59
C ILE B 21 -17.33 -29.99 8.73
N ALA B 22 -18.20 -29.64 9.69
CA ALA B 22 -19.50 -30.28 9.77
C ALA B 22 -20.24 -30.10 8.45
N LYS B 23 -20.99 -31.13 8.04
CA LYS B 23 -21.65 -31.09 6.74
C LYS B 23 -22.57 -29.87 6.63
N GLY B 24 -23.45 -29.68 7.60
CA GLY B 24 -24.34 -28.54 7.55
C GLY B 24 -25.38 -28.68 6.45
N ILE B 25 -26.15 -27.61 6.28
CA ILE B 25 -27.19 -27.59 5.26
C ILE B 25 -26.58 -27.68 3.87
N PHE B 26 -25.41 -27.06 3.68
CA PHE B 26 -24.78 -26.97 2.38
C PHE B 26 -23.45 -27.71 2.36
N PRO B 27 -23.11 -28.36 1.26
CA PRO B 27 -21.80 -29.00 1.13
C PRO B 27 -20.79 -28.05 0.48
N ARG B 28 -19.54 -28.49 0.49
CA ARG B 28 -18.52 -27.77 -0.27
C ARG B 28 -18.79 -27.92 -1.76
N LEU B 29 -18.59 -26.83 -2.51
CA LEU B 29 -18.93 -26.79 -3.91
C LEU B 29 -17.75 -26.24 -4.71
N GLY B 30 -17.48 -26.85 -5.87
CA GLY B 30 -16.52 -26.26 -6.77
C GLY B 30 -15.56 -27.17 -7.51
N LYS B 31 -15.64 -28.49 -7.27
CA LYS B 31 -14.88 -29.52 -7.99
C LYS B 31 -13.43 -29.09 -8.22
N PRO B 32 -12.59 -29.11 -7.19
CA PRO B 32 -11.32 -28.38 -7.23
C PRO B 32 -10.44 -28.78 -8.40
N GLY B 33 -9.78 -27.77 -8.99
CA GLY B 33 -8.83 -27.98 -10.06
C GLY B 33 -7.49 -27.35 -9.75
N PHE B 34 -6.61 -27.24 -10.76
CA PHE B 34 -5.28 -26.69 -10.58
C PHE B 34 -4.98 -25.69 -11.68
N SER B 35 -4.14 -24.71 -11.34
CA SER B 35 -3.69 -23.70 -12.30
C SER B 35 -2.17 -23.55 -12.19
N TYR B 36 -1.55 -23.17 -13.29
CA TYR B 36 -0.09 -23.18 -13.38
C TYR B 36 0.54 -21.87 -12.92
N TRP B 37 0.03 -20.73 -13.38
CA TRP B 37 0.62 -19.46 -12.96
C TRP B 37 0.38 -19.19 -11.48
N LEU B 38 -0.81 -19.55 -10.99
CA LEU B 38 -1.08 -19.40 -9.56
C LEU B 38 -0.17 -20.29 -8.73
N GLY B 39 0.10 -21.51 -9.22
CA GLY B 39 1.08 -22.36 -8.58
C GLY B 39 2.50 -21.86 -8.71
N LYS B 40 2.78 -21.07 -9.74
CA LYS B 40 4.08 -20.42 -9.85
C LYS B 40 4.25 -19.33 -8.80
N ILE B 41 3.19 -18.55 -8.57
CA ILE B 41 3.26 -17.49 -7.58
C ILE B 41 2.89 -17.97 -6.18
N GLY B 42 2.03 -18.99 -6.08
CA GLY B 42 1.58 -19.50 -4.80
C GLY B 42 1.12 -20.93 -4.92
N ASP B 43 0.00 -21.25 -4.30
CA ASP B 43 -0.59 -22.58 -4.44
C ASP B 43 -1.30 -22.71 -5.78
N ALA B 44 -1.42 -23.96 -6.25
CA ALA B 44 -2.01 -24.24 -7.55
C ALA B 44 -3.47 -24.66 -7.49
N GLN B 45 -3.94 -25.19 -6.35
CA GLN B 45 -5.30 -25.67 -6.26
C GLN B 45 -6.29 -24.51 -6.23
N ILE B 46 -7.45 -24.72 -6.86
CA ILE B 46 -8.52 -23.73 -6.92
C ILE B 46 -9.75 -24.35 -6.28
N GLY B 47 -10.36 -23.63 -5.34
CA GLY B 47 -11.55 -24.10 -4.68
C GLY B 47 -11.25 -25.26 -3.74
N PRO B 48 -12.30 -25.92 -3.23
CA PRO B 48 -13.71 -25.59 -3.47
C PRO B 48 -14.19 -24.46 -2.57
N ILE B 49 -15.19 -23.72 -3.02
CA ILE B 49 -15.73 -22.59 -2.28
C ILE B 49 -16.90 -23.07 -1.42
N TYR B 50 -16.95 -22.60 -0.18
CA TYR B 50 -18.05 -22.94 0.70
C TYR B 50 -19.20 -21.96 0.48
N LEU B 51 -20.42 -22.49 0.36
CA LEU B 51 -21.59 -21.68 0.09
C LEU B 51 -22.67 -22.07 1.11
N GLY B 52 -22.65 -21.44 2.27
CA GLY B 52 -23.63 -21.68 3.31
C GLY B 52 -24.84 -20.78 3.17
N THR B 53 -25.72 -20.86 4.17
CA THR B 53 -26.91 -20.02 4.18
C THR B 53 -26.54 -18.54 4.15
N THR B 54 -25.58 -18.14 4.98
CA THR B 54 -25.11 -16.76 4.93
C THR B 54 -24.43 -16.45 3.61
N GLY B 55 -23.75 -17.43 3.02
CA GLY B 55 -23.17 -17.22 1.70
C GLY B 55 -24.21 -17.00 0.63
N VAL B 56 -25.27 -17.82 0.63
CA VAL B 56 -26.35 -17.63 -0.33
C VAL B 56 -27.03 -16.28 -0.11
N LEU B 57 -27.30 -15.92 1.14
CA LEU B 57 -27.94 -14.63 1.42
C LEU B 57 -27.09 -13.47 0.92
N SER B 58 -25.79 -13.50 1.22
CA SER B 58 -24.90 -12.43 0.79
C SER B 58 -24.81 -12.37 -0.72
N LEU B 59 -24.69 -13.52 -1.38
CA LEU B 59 -24.59 -13.52 -2.84
C LEU B 59 -25.86 -12.99 -3.47
N VAL B 60 -27.02 -13.35 -2.95
CA VAL B 60 -28.27 -12.88 -3.53
C VAL B 60 -28.42 -11.37 -3.36
N PHE B 61 -28.15 -10.86 -2.15
CA PHE B 61 -28.23 -9.42 -1.94
C PHE B 61 -27.22 -8.68 -2.81
N GLY B 62 -25.99 -9.18 -2.89
CA GLY B 62 -24.98 -8.52 -3.69
C GLY B 62 -25.30 -8.54 -5.17
N PHE B 63 -25.80 -9.67 -5.66
CA PHE B 63 -26.16 -9.77 -7.07
C PHE B 63 -27.33 -8.85 -7.39
N PHE B 64 -28.30 -8.75 -6.48
CA PHE B 64 -29.39 -7.80 -6.69
C PHE B 64 -28.88 -6.38 -6.78
N ALA B 65 -27.96 -6.01 -5.88
CA ALA B 65 -27.39 -4.66 -5.92
C ALA B 65 -26.61 -4.42 -7.20
N ILE B 66 -25.81 -5.39 -7.64
CA ILE B 66 -25.00 -5.22 -8.84
C ILE B 66 -25.88 -5.13 -10.08
N GLU B 67 -26.92 -5.96 -10.14
CA GLU B 67 -27.84 -5.88 -11.27
C GLU B 67 -28.58 -4.55 -11.29
N ILE B 68 -29.00 -4.05 -10.13
CA ILE B 68 -29.65 -2.74 -10.10
C ILE B 68 -28.71 -1.65 -10.59
N ILE B 69 -27.47 -1.67 -10.12
CA ILE B 69 -26.49 -0.66 -10.50
C ILE B 69 -26.22 -0.73 -12.01
N GLY B 70 -25.98 -1.94 -12.52
CA GLY B 70 -25.67 -2.08 -13.93
C GLY B 70 -26.85 -1.73 -14.83
N PHE B 71 -28.06 -2.13 -14.41
CA PHE B 71 -29.25 -1.76 -15.18
C PHE B 71 -29.40 -0.25 -15.24
N ASN B 72 -29.18 0.44 -14.12
CA ASN B 72 -29.28 1.89 -14.13
C ASN B 72 -28.20 2.52 -15.01
N LEU B 73 -26.97 1.99 -14.95
CA LEU B 73 -25.90 2.54 -15.79
C LEU B 73 -26.21 2.35 -17.26
N LEU B 74 -26.72 1.18 -17.63
CA LEU B 74 -27.06 0.93 -19.03
C LEU B 74 -28.25 1.78 -19.47
N ALA B 75 -29.21 1.99 -18.57
CA ALA B 75 -30.38 2.80 -18.90
C ALA B 75 -30.03 4.28 -19.05
N SER B 76 -29.00 4.74 -18.32
CA SER B 76 -28.62 6.14 -18.41
C SER B 76 -28.09 6.52 -19.79
N VAL B 77 -27.61 5.55 -20.57
CA VAL B 77 -27.13 5.82 -21.92
C VAL B 77 -28.11 5.26 -22.93
N ASN B 78 -29.38 5.16 -22.54
CA ASN B 78 -30.46 4.70 -23.42
C ASN B 78 -30.17 3.33 -24.02
N TRP B 79 -29.62 2.44 -23.18
CA TRP B 79 -29.45 1.02 -23.52
C TRP B 79 -28.54 0.82 -24.74
N SER B 80 -27.63 1.74 -25.00
CA SER B 80 -26.73 1.61 -26.14
C SER B 80 -25.47 0.88 -25.69
N PRO B 81 -25.21 -0.34 -26.17
CA PRO B 81 -23.96 -1.01 -25.80
C PRO B 81 -22.72 -0.25 -26.24
N MET B 82 -22.77 0.38 -27.42
CA MET B 82 -21.63 1.16 -27.87
C MET B 82 -21.39 2.34 -26.95
N GLU B 83 -22.47 3.06 -26.63
CA GLU B 83 -22.30 4.27 -25.85
C GLU B 83 -22.07 3.92 -24.38
N PHE B 84 -22.56 2.75 -23.95
CA PHE B 84 -22.18 2.21 -22.67
C PHE B 84 -20.68 1.94 -22.61
N GLY B 85 -20.12 1.38 -23.67
CA GLY B 85 -18.67 1.23 -23.72
C GLY B 85 -17.95 2.56 -23.67
N ARG B 86 -18.44 3.54 -24.44
CA ARG B 86 -17.83 4.86 -24.44
C ARG B 86 -17.82 5.52 -23.06
N GLN B 87 -18.95 5.49 -22.35
CA GLN B 87 -19.09 6.26 -21.12
C GLN B 87 -18.98 5.42 -19.86
N PHE B 88 -18.54 4.17 -19.96
CA PHE B 88 -18.61 3.26 -18.80
C PHE B 88 -17.94 3.86 -17.58
N PHE B 89 -16.74 4.42 -17.74
CA PHE B 89 -16.05 5.03 -16.60
C PHE B 89 -16.80 6.24 -16.09
N TRP B 90 -17.39 7.03 -16.99
CA TRP B 90 -18.11 8.24 -16.58
C TRP B 90 -19.51 7.95 -16.09
N LEU B 91 -20.00 6.72 -16.23
CA LEU B 91 -21.34 6.40 -15.76
C LEU B 91 -21.35 6.23 -14.26
N GLY B 92 -22.47 6.61 -13.64
CA GLY B 92 -22.61 6.49 -12.21
C GLY B 92 -24.04 6.53 -11.72
N LEU B 93 -24.35 5.73 -10.72
CA LEU B 93 -25.63 5.79 -10.03
C LEU B 93 -25.51 6.83 -8.93
N GLU B 94 -26.13 7.98 -9.12
CA GLU B 94 -25.99 9.13 -8.26
C GLU B 94 -26.94 9.03 -7.06
N PRO B 95 -26.51 9.46 -5.88
CA PRO B 95 -27.38 9.39 -4.69
C PRO B 95 -28.49 10.41 -4.77
N PRO B 96 -29.55 10.25 -3.97
CA PRO B 96 -30.67 11.19 -4.01
C PRO B 96 -30.25 12.58 -3.51
N ALA B 97 -31.02 13.57 -3.92
CA ALA B 97 -30.71 14.96 -3.62
C ALA B 97 -30.98 15.27 -2.14
N ALA B 98 -30.65 16.50 -1.76
CA ALA B 98 -30.75 16.92 -0.37
C ALA B 98 -32.20 16.93 0.11
N GLU B 99 -33.12 17.35 -0.74
CA GLU B 99 -34.50 17.58 -0.32
C GLU B 99 -35.19 16.33 0.19
N TYR B 100 -34.73 15.14 -0.21
CA TYR B 100 -35.39 13.90 0.16
C TYR B 100 -34.97 13.37 1.52
N GLY B 101 -33.98 13.99 2.15
CA GLY B 101 -33.56 13.55 3.47
C GLY B 101 -33.06 12.12 3.46
N LEU B 102 -33.37 11.39 4.53
CA LEU B 102 -33.02 9.99 4.64
C LEU B 102 -34.16 9.07 4.22
N GLY B 103 -35.27 9.62 3.72
CA GLY B 103 -36.38 8.83 3.25
C GLY B 103 -36.17 8.36 1.83
N PHE B 104 -37.15 7.62 1.34
CA PHE B 104 -37.07 7.04 0.01
C PHE B 104 -37.27 8.11 -1.05
N ALA B 105 -36.29 8.25 -1.93
CA ALA B 105 -36.42 9.12 -3.08
C ALA B 105 -37.15 8.40 -4.21
N PRO B 106 -37.66 9.14 -5.19
CA PRO B 106 -38.15 8.49 -6.41
C PRO B 106 -37.05 7.67 -7.06
N LEU B 107 -37.45 6.59 -7.73
CA LEU B 107 -36.49 5.66 -8.30
C LEU B 107 -35.52 6.38 -9.24
N ALA B 108 -36.02 7.29 -10.07
CA ALA B 108 -35.15 8.04 -10.96
C ALA B 108 -34.34 9.09 -10.23
N GLU B 109 -34.78 9.52 -9.05
CA GLU B 109 -34.16 10.63 -8.33
C GLU B 109 -33.31 10.17 -7.15
N GLY B 110 -32.86 8.91 -7.17
CA GLY B 110 -32.06 8.37 -6.08
C GLY B 110 -32.69 7.22 -5.35
N GLY B 111 -33.92 6.81 -5.70
CA GLY B 111 -34.48 5.61 -5.08
C GLY B 111 -33.71 4.36 -5.46
N TRP B 112 -33.30 4.25 -6.72
CA TRP B 112 -32.48 3.12 -7.13
C TRP B 112 -31.13 3.13 -6.44
N TRP B 113 -30.53 4.30 -6.26
CA TRP B 113 -29.28 4.37 -5.52
C TRP B 113 -29.46 3.88 -4.09
N GLN B 114 -30.56 4.27 -3.43
CA GLN B 114 -30.80 3.84 -2.06
C GLN B 114 -31.03 2.34 -1.98
N ILE B 115 -31.82 1.79 -2.90
CA ILE B 115 -32.08 0.35 -2.89
C ILE B 115 -30.79 -0.42 -3.13
N ALA B 116 -30.00 0.01 -4.11
CA ALA B 116 -28.73 -0.65 -4.39
C ALA B 116 -27.79 -0.55 -3.20
N GLY B 117 -27.73 0.62 -2.56
CA GLY B 117 -26.86 0.78 -1.42
C GLY B 117 -27.28 -0.07 -0.24
N PHE B 118 -28.59 -0.18 -0.02
CA PHE B 118 -29.08 -1.05 1.05
C PHE B 118 -28.73 -2.51 0.77
N PHE B 119 -28.94 -2.97 -0.47
CA PHE B 119 -28.64 -4.35 -0.79
C PHE B 119 -27.15 -4.63 -0.71
N LEU B 120 -26.32 -3.67 -1.14
CA LEU B 120 -24.88 -3.84 -1.04
C LEU B 120 -24.42 -3.87 0.41
N THR B 121 -24.97 -2.99 1.24
CA THR B 121 -24.65 -3.00 2.66
C THR B 121 -25.03 -4.32 3.31
N THR B 122 -26.23 -4.83 2.98
CA THR B 122 -26.67 -6.10 3.53
C THR B 122 -25.76 -7.25 3.08
N SER B 123 -25.37 -7.26 1.81
CA SER B 123 -24.49 -8.31 1.33
C SER B 123 -23.11 -8.23 1.97
N ILE B 124 -22.60 -7.02 2.18
CA ILE B 124 -21.30 -6.87 2.82
C ILE B 124 -21.35 -7.33 4.27
N LEU B 125 -22.41 -6.98 4.99
CA LEU B 125 -22.55 -7.42 6.37
C LEU B 125 -22.74 -8.94 6.44
N LEU B 126 -23.49 -9.51 5.50
CA LEU B 126 -23.66 -10.95 5.47
C LEU B 126 -22.35 -11.65 5.12
N TRP B 127 -21.54 -11.02 4.27
CA TRP B 127 -20.20 -11.56 4.00
C TRP B 127 -19.33 -11.50 5.24
N TRP B 128 -19.46 -10.44 6.04
CA TRP B 128 -18.75 -10.39 7.31
C TRP B 128 -19.17 -11.54 8.22
N VAL B 129 -20.48 -11.79 8.31
CA VAL B 129 -20.98 -12.91 9.09
C VAL B 129 -20.42 -14.22 8.54
N ARG B 130 -20.31 -14.32 7.22
CA ARG B 130 -19.76 -15.51 6.59
C ARG B 130 -18.31 -15.73 6.98
N MET B 131 -17.51 -14.66 6.98
CA MET B 131 -16.11 -14.80 7.40
C MET B 131 -16.03 -15.24 8.85
N TYR B 132 -16.85 -14.64 9.71
CA TYR B 132 -16.89 -15.04 11.12
C TYR B 132 -17.23 -16.52 11.26
N ARG B 133 -18.28 -16.96 10.58
CA ARG B 133 -18.75 -18.34 10.73
C ARG B 133 -17.76 -19.33 10.13
N ARG B 134 -17.10 -18.96 9.02
CA ARG B 134 -16.11 -19.84 8.42
C ARG B 134 -14.89 -19.97 9.31
N ALA B 135 -14.47 -18.87 9.95
CA ALA B 135 -13.36 -18.96 10.89
C ALA B 135 -13.72 -19.82 12.09
N ARG B 136 -14.95 -19.66 12.61
CA ARG B 136 -15.35 -20.44 13.78
C ARG B 136 -15.53 -21.92 13.44
N ALA B 137 -16.00 -22.22 12.22
CA ALA B 137 -16.23 -23.60 11.84
C ALA B 137 -14.92 -24.38 11.77
N LEU B 138 -13.87 -23.75 11.28
CA LEU B 138 -12.55 -24.38 11.19
C LEU B 138 -11.79 -24.33 12.49
N LYS B 139 -12.48 -24.06 13.61
CA LYS B 139 -11.86 -24.04 14.93
C LYS B 139 -10.70 -23.04 14.99
N MET B 140 -10.87 -21.91 14.33
CA MET B 140 -9.87 -20.85 14.25
C MET B 140 -10.41 -19.58 14.91
N GLY B 141 -9.56 -18.55 14.94
CA GLY B 141 -9.95 -17.26 15.48
C GLY B 141 -10.61 -16.37 14.44
N THR B 142 -11.24 -15.31 14.92
CA THR B 142 -12.02 -14.40 14.07
C THR B 142 -11.32 -13.08 13.82
N HIS B 143 -9.99 -13.10 13.69
CA HIS B 143 -9.24 -11.87 13.43
C HIS B 143 -9.59 -11.29 12.06
N THR B 144 -9.79 -12.14 11.06
CA THR B 144 -10.16 -11.66 9.73
C THR B 144 -11.51 -10.95 9.76
N ALA B 145 -12.45 -11.46 10.56
CA ALA B 145 -13.77 -10.83 10.63
C ALA B 145 -13.68 -9.41 11.17
N TRP B 146 -12.87 -9.19 12.21
CA TRP B 146 -12.77 -7.85 12.79
C TRP B 146 -11.92 -6.91 11.93
N ALA B 147 -10.88 -7.43 11.29
CA ALA B 147 -10.17 -6.64 10.30
C ALA B 147 -11.11 -6.19 9.19
N PHE B 148 -12.00 -7.09 8.75
CA PHE B 148 -13.00 -6.71 7.76
C PHE B 148 -13.99 -5.71 8.33
N ALA B 149 -14.35 -5.86 9.60
CA ALA B 149 -15.28 -4.94 10.24
C ALA B 149 -14.74 -3.52 10.24
N SER B 150 -13.42 -3.35 10.35
CA SER B 150 -12.86 -2.01 10.22
C SER B 150 -13.14 -1.40 8.84
N ALA B 151 -12.93 -2.20 7.78
CA ALA B 151 -13.20 -1.73 6.42
C ALA B 151 -14.69 -1.44 6.23
N ILE B 152 -15.54 -2.30 6.79
CA ILE B 152 -16.98 -2.07 6.73
C ILE B 152 -17.36 -0.79 7.46
N PHE B 153 -16.65 -0.48 8.57
CA PHE B 153 -16.90 0.77 9.26
C PHE B 153 -16.59 1.96 8.36
N LEU B 154 -15.46 1.91 7.65
CA LEU B 154 -15.17 2.99 6.72
C LEU B 154 -16.22 3.08 5.62
N PHE B 155 -16.62 1.94 5.07
CA PHE B 155 -17.62 1.90 3.99
C PHE B 155 -18.95 2.48 4.45
N LEU B 156 -19.41 2.08 5.64
CA LEU B 156 -20.70 2.55 6.14
C LEU B 156 -20.63 4.01 6.56
N SER B 157 -19.48 4.45 7.08
CA SER B 157 -19.28 5.87 7.35
C SER B 157 -19.38 6.69 6.07
N LEU B 158 -18.77 6.20 4.99
CA LEU B 158 -18.86 6.92 3.71
C LEU B 158 -20.29 6.94 3.18
N GLY B 159 -20.99 5.80 3.26
CA GLY B 159 -22.25 5.67 2.56
C GLY B 159 -23.49 5.89 3.39
N PHE B 160 -23.48 5.50 4.66
CA PHE B 160 -24.68 5.53 5.47
C PHE B 160 -24.56 6.38 6.72
N ILE B 161 -23.49 6.22 7.51
CA ILE B 161 -23.44 6.85 8.82
C ILE B 161 -23.35 8.36 8.69
N ARG B 162 -22.45 8.87 7.86
CA ARG B 162 -22.39 10.31 7.65
C ARG B 162 -23.66 10.87 7.06
N PRO B 163 -24.32 10.21 6.10
CA PRO B 163 -25.67 10.66 5.73
C PRO B 163 -26.63 10.72 6.91
N LEU B 164 -26.57 9.75 7.83
CA LEU B 164 -27.40 9.81 9.03
C LEU B 164 -27.11 11.06 9.84
N LEU B 165 -25.83 11.33 10.08
CA LEU B 165 -25.46 12.49 10.88
C LEU B 165 -25.86 13.80 10.20
N MET B 166 -25.65 13.90 8.90
CA MET B 166 -26.09 15.06 8.13
C MET B 166 -27.57 15.01 7.80
N GLY B 167 -28.23 13.89 8.08
CA GLY B 167 -29.63 13.73 7.74
C GLY B 167 -29.89 13.77 6.25
N ASN B 168 -28.94 13.29 5.44
CA ASN B 168 -28.97 13.59 4.02
C ASN B 168 -28.08 12.64 3.26
N PHE B 169 -28.64 11.99 2.23
CA PHE B 169 -27.86 11.16 1.33
C PHE B 169 -27.26 11.94 0.17
N SER B 170 -27.48 13.26 0.11
CA SER B 170 -27.05 14.03 -1.05
C SER B 170 -25.53 14.02 -1.23
N GLU B 171 -24.79 13.90 -0.13
CA GLU B 171 -23.34 13.96 -0.18
C GLU B 171 -22.71 12.59 -0.03
N SER B 172 -23.47 11.53 -0.29
CA SER B 172 -22.91 10.19 -0.34
C SER B 172 -22.24 9.94 -1.68
N VAL B 173 -21.50 8.85 -1.76
CA VAL B 173 -20.66 8.53 -2.91
C VAL B 173 -21.42 7.71 -3.94
N PRO B 174 -21.33 8.07 -5.22
CA PRO B 174 -22.11 7.37 -6.25
C PRO B 174 -21.51 6.02 -6.61
N PHE B 175 -22.30 5.25 -7.37
CA PHE B 175 -21.87 3.95 -7.86
C PHE B 175 -21.36 4.12 -9.28
N GLY B 176 -20.10 4.54 -9.39
CA GLY B 176 -19.47 4.72 -10.67
C GLY B 176 -17.97 4.70 -10.52
N ILE B 177 -17.28 4.53 -11.65
CA ILE B 177 -15.82 4.46 -11.62
C ILE B 177 -15.23 5.86 -11.47
N PHE B 178 -15.47 6.72 -12.45
CA PHE B 178 -15.04 8.11 -12.35
C PHE B 178 -15.93 8.92 -11.42
N PRO B 179 -17.25 8.68 -11.36
CA PRO B 179 -18.07 9.45 -10.41
C PRO B 179 -17.64 9.34 -8.96
N HIS B 180 -17.15 8.18 -8.52
CA HIS B 180 -16.76 8.08 -7.11
C HIS B 180 -15.42 8.77 -6.84
N LEU B 181 -14.52 8.78 -7.82
CA LEU B 181 -13.34 9.64 -7.73
C LEU B 181 -13.72 11.12 -7.70
N GLU B 182 -14.68 11.51 -8.52
CA GLU B 182 -15.13 12.90 -8.49
C GLU B 182 -15.81 13.23 -7.17
N TRP B 183 -16.50 12.27 -6.58
CA TRP B 183 -17.02 12.46 -5.23
C TRP B 183 -15.89 12.69 -4.24
N THR B 184 -14.82 11.91 -4.35
CA THR B 184 -13.67 12.10 -3.47
C THR B 184 -13.10 13.50 -3.61
N ASN B 185 -12.88 13.94 -4.85
CA ASN B 185 -12.33 15.26 -5.11
C ASN B 185 -13.24 16.36 -4.56
N SER B 186 -14.54 16.28 -4.86
CA SER B 186 -15.46 17.33 -4.45
C SER B 186 -15.69 17.32 -2.94
N PHE B 187 -15.65 16.16 -2.31
CA PHE B 187 -15.70 16.08 -0.86
C PHE B 187 -14.52 16.78 -0.23
N SER B 188 -13.32 16.56 -0.78
CA SER B 188 -12.15 17.27 -0.26
C SER B 188 -12.26 18.77 -0.47
N LEU B 189 -12.72 19.19 -1.66
CA LEU B 189 -12.79 20.62 -1.95
C LEU B 189 -13.85 21.32 -1.10
N ASN B 190 -15.00 20.69 -0.92
CA ASN B 190 -16.09 21.31 -0.16
C ASN B 190 -15.72 21.55 1.29
N TYR B 191 -14.77 20.78 1.83
CA TYR B 191 -14.43 20.82 3.24
C TYR B 191 -12.97 21.21 3.47
N GLY B 192 -12.39 21.96 2.54
CA GLY B 192 -11.13 22.62 2.79
C GLY B 192 -9.89 21.77 2.93
N ASN B 193 -9.38 21.21 1.83
CA ASN B 193 -8.03 20.66 1.76
C ASN B 193 -7.86 19.50 2.76
N PHE B 194 -8.51 18.40 2.40
CA PHE B 194 -8.66 17.21 3.22
C PHE B 194 -7.33 16.66 3.73
N PHE B 195 -6.21 17.11 3.15
CA PHE B 195 -4.90 17.00 3.81
C PHE B 195 -4.88 17.58 5.21
N TYR B 196 -5.64 18.65 5.45
CA TYR B 196 -5.64 19.26 6.77
C TYR B 196 -6.55 18.55 7.76
N ASN B 197 -7.25 17.51 7.31
CA ASN B 197 -7.93 16.61 8.22
C ASN B 197 -6.87 15.76 8.93
N PRO B 198 -6.76 15.82 10.26
CA PRO B 198 -5.70 15.05 10.93
C PRO B 198 -5.94 13.56 10.93
N PHE B 199 -7.20 13.12 10.91
CA PHE B 199 -7.48 11.70 10.81
C PHE B 199 -7.23 11.19 9.40
N HIS B 200 -7.36 12.06 8.40
CA HIS B 200 -6.87 11.72 7.07
C HIS B 200 -5.36 11.53 7.08
N MET B 201 -4.63 12.39 7.80
CA MET B 201 -3.19 12.22 7.93
C MET B 201 -2.86 10.92 8.64
N LEU B 202 -3.61 10.57 9.69
CA LEU B 202 -3.39 9.30 10.37
C LEU B 202 -3.67 8.12 9.46
N SER B 203 -4.76 8.19 8.69
CA SER B 203 -5.09 7.10 7.78
C SER B 203 -4.03 6.93 6.71
N ILE B 204 -3.52 8.05 6.17
CA ILE B 204 -2.44 7.95 5.20
C ILE B 204 -1.18 7.40 5.84
N ALA B 205 -0.91 7.79 7.09
CA ALA B 205 0.23 7.23 7.79
C ALA B 205 0.11 5.72 7.94
N PHE B 206 -1.09 5.24 8.25
CA PHE B 206 -1.28 3.81 8.42
C PHE B 206 -1.33 3.06 7.09
N LEU B 207 -1.78 3.70 6.01
CA LEU B 207 -1.71 3.06 4.70
C LEU B 207 -0.27 2.94 4.22
N TYR B 208 0.50 4.03 4.35
CA TYR B 208 1.92 3.98 4.05
C TYR B 208 2.62 2.96 4.92
N GLY B 209 2.27 2.92 6.21
CA GLY B 209 2.87 1.96 7.11
C GLY B 209 2.49 0.53 6.80
N SER B 210 1.27 0.31 6.31
CA SER B 210 0.87 -1.04 5.90
C SER B 210 1.67 -1.49 4.69
N ALA B 211 1.84 -0.62 3.70
CA ALA B 211 2.69 -0.98 2.55
C ALA B 211 4.13 -1.21 2.98
N LEU B 212 4.66 -0.33 3.81
CA LEU B 212 6.01 -0.48 4.34
C LEU B 212 6.17 -1.78 5.11
N LEU B 213 5.19 -2.10 5.96
CA LEU B 213 5.26 -3.27 6.79
C LEU B 213 5.13 -4.54 5.97
N PHE B 214 4.32 -4.52 4.92
CA PHE B 214 4.07 -5.75 4.19
C PHE B 214 5.13 -5.92 3.10
N ALA B 215 5.96 -4.90 2.88
CA ALA B 215 7.20 -5.06 2.14
C ALA B 215 8.33 -5.55 3.04
N MET B 216 8.47 -4.95 4.23
CA MET B 216 9.46 -5.41 5.20
C MET B 216 9.25 -6.86 5.56
N HIS B 217 8.01 -7.24 5.91
CA HIS B 217 7.73 -8.59 6.36
C HIS B 217 7.84 -9.59 5.22
N GLY B 218 7.34 -9.22 4.03
CA GLY B 218 7.48 -10.09 2.89
C GLY B 218 8.92 -10.34 2.54
N ALA B 219 9.74 -9.29 2.53
CA ALA B 219 11.15 -9.44 2.21
C ALA B 219 11.89 -10.21 3.30
N THR B 220 11.48 -10.04 4.56
CA THR B 220 12.11 -10.78 5.64
C THR B 220 11.82 -12.27 5.53
N ILE B 221 10.55 -12.62 5.29
CA ILE B 221 10.19 -14.03 5.17
C ILE B 221 10.81 -14.65 3.92
N LEU B 222 10.88 -13.88 2.83
CA LEU B 222 11.55 -14.39 1.64
C LEU B 222 13.05 -14.51 1.84
N ALA B 223 13.63 -13.69 2.72
CA ALA B 223 15.05 -13.75 3.01
C ALA B 223 15.40 -14.94 3.91
N VAL B 224 14.47 -15.38 4.73
CA VAL B 224 14.69 -16.54 5.60
C VAL B 224 13.91 -17.75 5.13
N SER B 225 13.44 -17.73 3.88
CA SER B 225 12.70 -18.88 3.35
C SER B 225 13.60 -20.08 3.10
N ARG B 226 14.91 -19.87 2.97
CA ARG B 226 15.84 -20.98 2.90
C ARG B 226 16.03 -21.67 4.25
N LEU B 227 15.50 -21.08 5.32
CA LEU B 227 15.65 -21.60 6.67
C LEU B 227 14.32 -22.07 7.26
N GLY B 228 13.34 -22.34 6.42
CA GLY B 228 12.02 -22.68 6.91
C GLY B 228 11.24 -21.50 7.45
N GLY B 229 11.61 -20.27 7.06
CA GLY B 229 10.95 -19.09 7.57
C GLY B 229 9.58 -18.81 7.01
N ASP B 230 9.25 -19.38 5.85
CA ASP B 230 7.91 -19.21 5.30
C ASP B 230 6.86 -19.93 6.12
N ARG B 231 7.25 -20.95 6.87
CA ARG B 231 6.34 -21.73 7.69
C ARG B 231 6.16 -21.02 9.03
N GLU B 232 5.41 -19.92 8.98
CA GLU B 232 5.41 -18.96 10.08
C GLU B 232 4.77 -19.51 11.33
N VAL B 233 3.64 -20.22 11.20
CA VAL B 233 2.93 -20.70 12.38
C VAL B 233 3.77 -21.73 13.12
N GLU B 234 4.50 -22.57 12.37
CA GLU B 234 5.38 -23.55 12.97
C GLU B 234 6.57 -22.89 13.67
N GLN B 235 7.08 -21.79 13.13
CA GLN B 235 8.10 -21.02 13.83
C GLN B 235 7.53 -20.24 15.01
N ILE B 236 6.21 -20.03 15.04
CA ILE B 236 5.56 -19.41 16.19
C ILE B 236 5.43 -20.41 17.33
N THR B 237 5.01 -21.63 17.02
CA THR B 237 4.88 -22.65 18.04
C THR B 237 6.22 -23.26 18.46
N ASP B 238 7.17 -23.37 17.53
CA ASP B 238 8.51 -23.86 17.83
C ASP B 238 9.50 -22.97 17.10
N ARG B 239 10.18 -22.09 17.85
CA ARG B 239 11.02 -21.07 17.25
C ARG B 239 12.26 -21.70 16.63
N GLY B 240 12.36 -21.61 15.30
CA GLY B 240 13.53 -22.06 14.59
C GLY B 240 14.53 -20.93 14.38
N THR B 241 15.63 -21.26 13.72
CA THR B 241 16.67 -20.27 13.50
C THR B 241 16.26 -19.24 12.45
N ALA B 242 15.28 -19.56 11.60
CA ALA B 242 14.75 -18.57 10.67
C ALA B 242 14.14 -17.40 11.41
N ALA B 243 13.30 -17.69 12.40
CA ALA B 243 12.69 -16.63 13.20
C ALA B 243 13.74 -15.86 13.99
N GLU B 244 14.74 -16.57 14.51
CA GLU B 244 15.81 -15.90 15.26
C GLU B 244 16.58 -14.93 14.38
N ARG B 245 16.93 -15.35 13.16
CA ARG B 245 17.65 -14.46 12.26
C ARG B 245 16.77 -13.33 11.76
N ALA B 246 15.48 -13.59 11.54
CA ALA B 246 14.56 -12.53 11.16
C ALA B 246 14.48 -11.47 12.27
N ALA B 247 14.43 -11.90 13.53
CA ALA B 247 14.41 -10.95 14.62
C ALA B 247 15.73 -10.21 14.76
N LEU B 248 16.85 -10.92 14.61
CA LEU B 248 18.15 -10.29 14.83
C LEU B 248 18.51 -9.32 13.71
N PHE B 249 18.09 -9.59 12.48
CA PHE B 249 18.31 -8.62 11.42
C PHE B 249 17.70 -7.28 11.77
N TRP B 250 16.44 -7.27 12.16
CA TRP B 250 15.75 -6.03 12.48
C TRP B 250 16.23 -5.45 13.80
N ARG B 251 16.67 -6.29 14.74
CA ARG B 251 17.21 -5.77 15.98
C ARG B 251 18.54 -5.05 15.75
N TRP B 252 19.37 -5.58 14.86
CA TRP B 252 20.65 -4.96 14.56
C TRP B 252 20.50 -3.73 13.67
N THR B 253 19.56 -3.74 12.74
CA THR B 253 19.40 -2.60 11.85
C THR B 253 18.48 -1.53 12.42
N MET B 254 17.69 -1.83 13.43
CA MET B 254 16.60 -0.97 13.86
C MET B 254 16.57 -0.74 15.37
N GLY B 255 17.22 -1.58 16.16
CA GLY B 255 17.26 -1.45 17.59
C GLY B 255 16.23 -2.29 18.31
N PHE B 256 15.16 -2.68 17.63
CA PHE B 256 14.12 -3.51 18.21
C PHE B 256 13.60 -4.46 17.15
N ASN B 257 12.72 -5.36 17.56
CA ASN B 257 12.28 -6.43 16.68
C ASN B 257 10.96 -6.96 17.18
N ALA B 258 10.29 -7.72 16.33
CA ALA B 258 9.05 -8.39 16.67
C ALA B 258 9.27 -9.90 16.74
N THR B 259 8.20 -10.59 17.06
CA THR B 259 8.14 -12.05 17.01
C THR B 259 7.45 -12.45 15.71
N MET B 260 7.68 -13.71 15.30
CA MET B 260 6.96 -14.24 14.15
C MET B 260 5.45 -14.12 14.34
N GLU B 261 4.99 -14.16 15.59
CA GLU B 261 3.57 -14.00 15.89
C GLU B 261 3.17 -12.53 15.96
N SER B 262 3.98 -11.69 16.61
CA SER B 262 3.61 -10.31 16.86
C SER B 262 3.78 -9.40 15.66
N ILE B 263 4.64 -9.78 14.69
CA ILE B 263 4.74 -9.00 13.47
C ILE B 263 3.42 -8.97 12.74
N HIS B 264 2.68 -10.07 12.77
CA HIS B 264 1.35 -10.09 12.17
C HIS B 264 0.33 -9.35 13.02
N ARG B 265 0.57 -9.18 14.32
CA ARG B 265 -0.26 -8.25 15.08
C ARG B 265 -0.05 -6.82 14.62
N TRP B 266 1.21 -6.44 14.39
CA TRP B 266 1.48 -5.13 13.80
C TRP B 266 0.81 -5.00 12.44
N ALA B 267 0.90 -6.05 11.63
CA ALA B 267 0.29 -6.05 10.30
C ALA B 267 -1.22 -5.88 10.40
N TRP B 268 -1.85 -6.59 11.32
CA TRP B 268 -3.28 -6.48 11.54
C TRP B 268 -3.66 -5.06 11.92
N TRP B 269 -2.94 -4.50 12.90
CA TRP B 269 -3.34 -3.22 13.46
C TRP B 269 -3.10 -2.05 12.52
N PHE B 270 -2.00 -2.05 11.76
CA PHE B 270 -1.80 -0.97 10.78
C PHE B 270 -2.92 -0.95 9.76
N ALA B 271 -3.27 -2.11 9.21
CA ALA B 271 -4.36 -2.17 8.23
C ALA B 271 -5.68 -1.75 8.85
N VAL B 272 -5.98 -2.22 10.06
CA VAL B 272 -7.26 -1.88 10.70
C VAL B 272 -7.34 -0.38 10.96
N LEU B 273 -6.26 0.20 11.48
CA LEU B 273 -6.25 1.62 11.81
C LEU B 273 -6.32 2.50 10.57
N CYS B 274 -5.76 2.03 9.45
CA CYS B 274 -5.86 2.79 8.20
C CYS B 274 -7.30 3.15 7.88
N THR B 275 -8.23 2.23 8.11
CA THR B 275 -9.64 2.51 7.85
C THR B 275 -10.40 3.02 9.06
N PHE B 276 -9.97 2.66 10.28
CA PHE B 276 -10.64 3.18 11.46
C PHE B 276 -10.48 4.70 11.57
N THR B 277 -9.24 5.19 11.46
CA THR B 277 -9.03 6.64 11.47
C THR B 277 -9.71 7.30 10.28
N GLY B 278 -9.76 6.62 9.14
CA GLY B 278 -10.42 7.19 7.99
C GLY B 278 -11.92 7.37 8.20
N ALA B 279 -12.55 6.35 8.78
CA ALA B 279 -13.98 6.47 9.11
C ALA B 279 -14.22 7.57 10.11
N ILE B 280 -13.34 7.70 11.11
CA ILE B 280 -13.51 8.77 12.10
C ILE B 280 -13.39 10.14 11.43
N GLY B 281 -12.38 10.31 10.58
CA GLY B 281 -12.20 11.57 9.89
C GLY B 281 -13.35 11.92 8.96
N ILE B 282 -13.94 10.91 8.32
CA ILE B 282 -15.13 11.15 7.50
C ILE B 282 -16.32 11.54 8.37
N LEU B 283 -16.49 10.86 9.51
CA LEU B 283 -17.60 11.20 10.38
C LEU B 283 -17.46 12.57 11.01
N LEU B 284 -16.23 13.08 11.13
CA LEU B 284 -15.99 14.38 11.73
C LEU B 284 -16.20 15.54 10.77
N THR B 285 -16.01 15.35 9.48
CA THR B 285 -16.13 16.44 8.53
C THR B 285 -17.59 16.78 8.27
N GLY B 286 -17.87 18.07 8.10
CA GLY B 286 -19.22 18.52 7.85
C GLY B 286 -20.05 18.61 9.11
N THR B 287 -19.92 17.61 9.98
CA THR B 287 -20.70 17.58 11.23
C THR B 287 -20.06 18.47 12.29
N VAL B 288 -18.79 18.22 12.60
CA VAL B 288 -18.07 19.00 13.59
C VAL B 288 -17.19 20.07 12.95
N VAL B 289 -16.44 19.70 11.91
CA VAL B 289 -15.48 20.59 11.27
C VAL B 289 -16.02 20.92 9.88
N ASP B 290 -16.43 22.17 9.69
CA ASP B 290 -16.90 22.59 8.38
C ASP B 290 -15.75 22.72 7.38
N ASN B 291 -14.62 23.27 7.82
CA ASN B 291 -13.49 23.54 6.93
C ASN B 291 -12.22 23.05 7.61
N TRP B 292 -11.58 22.02 7.05
CA TRP B 292 -10.40 21.46 7.68
C TRP B 292 -9.20 22.38 7.58
N PHE B 293 -9.14 23.25 6.57
CA PHE B 293 -8.06 24.23 6.52
C PHE B 293 -8.15 25.22 7.67
N GLU B 294 -9.36 25.69 7.98
CA GLU B 294 -9.49 26.62 9.10
C GLU B 294 -9.23 25.94 10.44
N TRP B 295 -9.58 24.65 10.56
CA TRP B 295 -9.21 23.90 11.75
C TRP B 295 -7.70 23.79 11.87
N GLY B 296 -7.01 23.54 10.75
CA GLY B 296 -5.55 23.48 10.79
C GLY B 296 -4.91 24.81 11.11
N VAL B 297 -5.48 25.91 10.60
CA VAL B 297 -4.98 27.23 10.95
C VAL B 297 -5.16 27.49 12.44
N LYS B 298 -6.34 27.16 12.95
CA LYS B 298 -6.62 27.40 14.37
C LYS B 298 -5.69 26.59 15.26
N HIS B 299 -5.33 25.38 14.83
CA HIS B 299 -4.56 24.46 15.66
C HIS B 299 -3.09 24.38 15.27
N GLY B 300 -2.60 25.30 14.45
CA GLY B 300 -1.18 25.40 14.19
C GLY B 300 -0.63 24.54 13.07
N LEU B 301 -1.48 24.00 12.21
CA LEU B 301 -1.00 23.24 11.06
C LEU B 301 -0.71 24.13 9.85
N ALA B 302 -1.20 25.36 9.85
CA ALA B 302 -1.04 26.25 8.72
C ALA B 302 -0.52 27.61 9.19
N PRO B 303 0.18 28.33 8.33
CA PRO B 303 0.86 29.56 8.78
C PRO B 303 -0.07 30.73 9.04
N ALA B 304 -1.38 30.48 9.09
CA ALA B 304 -2.38 31.49 9.43
C ALA B 304 -2.32 32.68 8.47
N PRO B 305 -2.77 32.50 7.21
CA PRO B 305 -2.74 33.56 6.20
C PRO B 305 -3.46 34.83 6.65
N ASN C 1 -16.85 27.40 17.60
CA ASN C 1 -18.23 27.78 17.34
C ASN C 1 -19.14 26.56 17.31
N LYS C 2 -19.36 26.00 16.11
CA LYS C 2 -20.26 24.87 15.98
C LYS C 2 -19.69 23.62 16.65
N GLY C 3 -18.40 23.33 16.43
CA GLY C 3 -17.80 22.12 16.92
C GLY C 3 -16.90 22.26 18.14
N ASP C 4 -16.88 23.41 18.79
CA ASP C 4 -15.94 23.61 19.88
C ASP C 4 -16.46 22.97 21.17
N ILE C 5 -15.54 22.78 22.12
CA ILE C 5 -15.88 22.24 23.43
C ILE C 5 -15.56 23.28 24.50
N THR C 6 -14.32 23.77 24.54
CA THR C 6 -13.98 24.87 25.45
C THR C 6 -13.08 25.87 24.73
N GLY C 7 -13.71 26.83 24.04
CA GLY C 7 -13.03 28.02 23.58
C GLY C 7 -12.06 27.76 22.46
N TYR C 8 -10.96 27.09 22.78
CA TYR C 8 -9.96 26.65 21.82
C TYR C 8 -10.04 25.16 21.52
N MET C 9 -10.50 24.36 22.48
CA MET C 9 -10.58 22.92 22.28
C MET C 9 -11.90 22.57 21.63
N ASP C 10 -11.85 21.75 20.57
CA ASP C 10 -13.04 21.33 19.86
C ASP C 10 -13.09 19.80 19.81
N VAL C 11 -14.16 19.27 19.20
CA VAL C 11 -14.42 17.84 19.21
C VAL C 11 -13.34 17.08 18.45
N ALA C 12 -12.93 17.59 17.28
CA ALA C 12 -11.95 16.88 16.47
C ALA C 12 -10.63 16.74 17.20
N GLN C 13 -10.20 17.80 17.88
CA GLN C 13 -8.97 17.73 18.67
C GLN C 13 -9.08 16.72 19.81
N VAL C 14 -10.23 16.67 20.47
CA VAL C 14 -10.41 15.72 21.57
C VAL C 14 -10.37 14.29 21.06
N VAL C 15 -11.03 14.03 19.94
CA VAL C 15 -10.99 12.69 19.35
C VAL C 15 -9.57 12.35 18.91
N LEU C 16 -8.82 13.34 18.42
CA LEU C 16 -7.44 13.11 18.05
C LEU C 16 -6.58 12.73 19.24
N TYR C 17 -6.75 13.43 20.37
CA TYR C 17 -5.98 13.09 21.56
C TYR C 17 -6.41 11.75 22.15
N ALA C 18 -7.70 11.41 22.04
CA ALA C 18 -8.14 10.08 22.42
C ALA C 18 -7.47 9.02 21.56
N PHE C 19 -7.35 9.26 20.24
CA PHE C 19 -6.62 8.33 19.40
C PHE C 19 -5.16 8.24 19.81
N TRP C 20 -4.55 9.36 20.17
CA TRP C 20 -3.13 9.32 20.56
C TRP C 20 -2.94 8.47 21.81
N ILE C 21 -3.84 8.62 22.79
CA ILE C 21 -3.77 7.78 23.99
C ILE C 21 -3.95 6.31 23.63
N PHE C 22 -4.94 6.02 22.79
CA PHE C 22 -5.18 4.63 22.38
C PHE C 22 -3.99 4.06 21.64
N PHE C 23 -3.33 4.88 20.81
CA PHE C 23 -2.19 4.40 20.04
C PHE C 23 -0.99 4.18 20.93
N ALA C 24 -0.81 5.00 21.96
CA ALA C 24 0.25 4.73 22.93
C ALA C 24 0.01 3.40 23.64
N GLY C 25 -1.23 3.16 24.06
CA GLY C 25 -1.55 1.88 24.67
C GLY C 25 -1.36 0.71 23.72
N LEU C 26 -1.70 0.90 22.45
CA LEU C 26 -1.54 -0.15 21.45
C LEU C 26 -0.07 -0.42 21.17
N ILE C 27 0.76 0.62 21.15
CA ILE C 27 2.20 0.42 20.99
C ILE C 27 2.75 -0.36 22.16
N ILE C 28 2.29 -0.04 23.38
CA ILE C 28 2.72 -0.80 24.55
C ILE C 28 2.33 -2.27 24.41
N TYR C 29 1.08 -2.52 23.98
CA TYR C 29 0.62 -3.89 23.81
C TYR C 29 1.45 -4.63 22.76
N LEU C 30 1.71 -3.97 21.63
CA LEU C 30 2.46 -4.60 20.55
C LEU C 30 3.90 -4.88 20.97
N ARG C 31 4.52 -3.96 21.71
CA ARG C 31 5.87 -4.21 22.22
C ARG C 31 5.89 -5.35 23.23
N ARG C 32 4.83 -5.46 24.05
CA ARG C 32 4.72 -6.61 24.95
C ARG C 32 4.66 -7.91 24.17
N GLU C 33 3.87 -7.93 23.09
CA GLU C 33 3.82 -9.13 22.25
C GLU C 33 5.16 -9.39 21.59
N ASP C 34 5.87 -8.33 21.17
CA ASP C 34 7.20 -8.50 20.59
C ASP C 34 8.15 -9.15 21.59
N ARG C 35 8.07 -8.74 22.85
CA ARG C 35 8.96 -9.29 23.87
C ARG C 35 8.43 -10.63 24.39
N ARG C 36 8.15 -11.56 23.48
CA ARG C 36 7.75 -12.91 23.85
C ARG C 36 8.79 -13.96 23.46
N GLU C 37 9.83 -13.56 22.73
CA GLU C 37 10.92 -14.44 22.36
C GLU C 37 12.24 -13.75 22.65
N GLY C 38 13.17 -14.47 23.24
CA GLY C 38 14.48 -13.93 23.53
C GLY C 38 14.52 -12.96 24.69
N TYR C 39 13.47 -12.90 25.50
CA TYR C 39 13.42 -11.98 26.62
C TYR C 39 13.27 -12.72 27.92
N PRO C 40 13.80 -12.17 29.03
CA PRO C 40 14.50 -10.89 29.17
C PRO C 40 15.89 -10.87 28.55
N LEU C 41 16.49 -9.69 28.47
CA LEU C 41 17.80 -9.54 27.85
C LEU C 41 18.91 -9.89 28.83
N GLU C 42 19.99 -10.43 28.28
CA GLU C 42 21.15 -10.88 29.03
C GLU C 42 22.32 -9.94 28.80
N ASP C 43 23.32 -10.02 29.68
CA ASP C 43 24.54 -9.26 29.48
C ASP C 43 25.33 -9.83 28.30
N ALA C 44 26.00 -8.94 27.57
CA ALA C 44 26.70 -9.34 26.37
C ALA C 44 27.91 -10.23 26.67
N ILE C 45 28.52 -10.06 27.84
CA ILE C 45 29.70 -10.83 28.21
C ILE C 45 29.34 -11.90 29.23
N SER C 46 28.88 -11.47 30.41
CA SER C 46 28.64 -12.41 31.49
C SER C 46 27.35 -13.20 31.29
N GLY C 47 26.31 -12.56 30.77
CA GLY C 47 25.04 -13.24 30.55
C GLY C 47 24.04 -13.12 31.67
N LYS C 48 24.31 -12.30 32.69
CA LYS C 48 23.33 -12.08 33.72
C LYS C 48 22.15 -11.27 33.19
N ILE C 49 21.01 -11.40 33.85
CA ILE C 49 19.81 -10.71 33.40
C ILE C 49 19.96 -9.24 33.73
N ASN C 50 20.33 -8.45 32.74
CA ASN C 50 20.60 -7.03 32.93
C ASN C 50 20.32 -6.31 31.62
N SER C 51 19.81 -5.08 31.73
CA SER C 51 19.52 -4.23 30.59
C SER C 51 19.09 -2.87 31.11
N LEU C 52 19.40 -1.83 30.34
CA LEU C 52 19.06 -0.46 30.73
C LEU C 52 17.57 -0.27 30.47
N GLN C 53 16.78 -0.51 31.51
CA GLN C 53 15.33 -0.57 31.40
C GLN C 53 14.71 0.20 32.56
N GLY C 54 13.61 0.89 32.28
CA GLY C 54 13.00 1.77 33.25
C GLY C 54 11.78 1.22 33.96
N LEU C 55 10.83 2.09 34.27
CA LEU C 55 9.62 1.66 34.98
C LEU C 55 8.70 0.83 34.09
N GLY C 56 8.95 0.77 32.79
CA GLY C 56 8.17 -0.08 31.90
C GLY C 56 8.52 -1.54 31.96
N SER C 57 9.55 -1.91 32.73
CA SER C 57 9.93 -3.32 32.83
C SER C 57 8.79 -4.17 33.35
N VAL C 58 8.09 -3.67 34.37
CA VAL C 58 6.95 -4.41 34.92
C VAL C 58 5.92 -4.67 33.82
N PHE C 59 5.80 -3.73 32.88
CA PHE C 59 4.89 -3.92 31.76
C PHE C 59 5.58 -4.44 30.50
N SER C 60 6.91 -4.61 30.52
CA SER C 60 7.62 -4.99 29.30
C SER C 60 7.39 -6.44 28.94
N ILE C 61 7.44 -7.34 29.91
CA ILE C 61 7.35 -8.78 29.67
C ILE C 61 5.95 -9.22 30.03
N ALA C 62 5.30 -9.94 29.10
CA ALA C 62 3.95 -10.41 29.33
C ALA C 62 3.95 -11.78 30.02
N ARG C 63 2.81 -12.12 30.61
CA ARG C 63 2.67 -13.45 31.18
C ARG C 63 2.69 -14.48 30.05
N PRO C 64 3.24 -15.67 30.30
CA PRO C 64 3.38 -16.65 29.22
C PRO C 64 2.04 -17.14 28.70
N LYS C 65 1.73 -16.76 27.46
CA LYS C 65 0.59 -17.33 26.77
C LYS C 65 0.90 -18.79 26.40
N ILE C 66 -0.16 -19.58 26.34
CA ILE C 66 -0.06 -21.03 26.21
C ILE C 66 -0.60 -21.44 24.85
N PHE C 67 0.24 -22.06 24.04
CA PHE C 67 -0.14 -22.61 22.75
C PHE C 67 -0.38 -24.10 22.91
N LYS C 68 -1.55 -24.55 22.46
CA LYS C 68 -1.93 -25.96 22.50
C LYS C 68 -1.66 -26.60 21.15
N LEU C 69 -1.09 -27.80 21.17
CA LEU C 69 -0.77 -28.54 19.96
C LEU C 69 -1.78 -29.65 19.74
N LYS C 70 -1.85 -30.13 18.50
CA LYS C 70 -2.72 -31.28 18.24
C LYS C 70 -1.97 -32.58 18.44
N THR C 71 -1.25 -32.66 19.56
CA THR C 71 -0.62 -33.87 20.04
C THR C 71 -0.66 -33.99 21.55
N GLY C 72 -1.29 -33.04 22.24
CA GLY C 72 -1.17 -32.90 23.67
C GLY C 72 -0.03 -32.00 24.10
N ALA C 73 0.83 -31.57 23.18
CA ALA C 73 1.97 -30.74 23.52
C ALA C 73 1.51 -29.32 23.83
N THR C 74 2.45 -28.55 24.38
CA THR C 74 2.17 -27.16 24.76
C THR C 74 3.44 -26.35 24.62
N TYR C 75 3.30 -25.13 24.12
CA TYR C 75 4.39 -24.17 24.08
C TYR C 75 4.03 -22.99 24.97
N ALA C 76 5.02 -22.46 25.67
CA ALA C 76 4.85 -21.28 26.52
C ALA C 76 5.62 -20.13 25.92
N ALA C 77 4.95 -18.98 25.77
CA ALA C 77 5.58 -17.80 25.18
C ALA C 77 5.27 -16.59 26.04
N PRO C 78 6.26 -16.01 26.74
CA PRO C 78 7.66 -16.45 26.67
C PRO C 78 8.00 -17.61 27.59
N ASN C 79 8.75 -18.56 27.06
CA ASN C 79 9.47 -19.54 27.87
C ASN C 79 10.89 -19.02 28.05
N PHE C 80 11.29 -18.83 29.30
CA PHE C 80 12.60 -18.23 29.57
C PHE C 80 13.71 -19.29 29.52
N LYS C 81 13.75 -20.00 28.38
CA LYS C 81 14.78 -20.99 28.10
C LYS C 81 15.82 -20.33 27.20
N ARG C 82 17.00 -20.06 27.75
CA ARG C 82 18.03 -19.27 27.08
C ARG C 82 19.16 -20.16 26.60
N ASP C 83 20.02 -19.57 25.77
CA ASP C 83 21.19 -20.26 25.25
C ASP C 83 22.35 -20.14 26.22
N ALA C 84 23.31 -21.06 26.07
CA ALA C 84 24.49 -21.02 26.93
C ALA C 84 25.40 -19.87 26.52
N VAL C 85 25.98 -19.21 27.53
CA VAL C 85 26.86 -18.08 27.26
C VAL C 85 28.08 -18.54 26.48
N ALA C 86 28.67 -19.66 26.87
CA ALA C 86 29.88 -20.16 26.23
C ALA C 86 29.53 -20.83 24.91
N ILE C 87 29.82 -20.15 23.81
CA ILE C 87 29.66 -20.71 22.48
C ILE C 87 31.05 -21.04 21.93
N LYS C 88 31.08 -21.73 20.80
CA LYS C 88 32.35 -22.13 20.17
C LYS C 88 32.97 -20.96 19.41
N ALA C 89 33.23 -19.88 20.17
CA ALA C 89 33.84 -18.68 19.61
C ALA C 89 34.36 -17.84 20.76
N THR C 90 35.26 -16.92 20.41
CA THR C 90 35.91 -16.04 21.40
C THR C 90 35.75 -14.59 20.99
N ARG C 91 35.58 -13.72 21.98
CA ARG C 91 35.44 -12.29 21.71
C ARG C 91 36.70 -11.74 21.06
N THR C 92 36.52 -11.03 19.94
CA THR C 92 37.66 -10.34 19.34
C THR C 92 38.24 -9.31 20.29
N ALA C 93 37.38 -8.55 20.96
CA ALA C 93 37.74 -7.64 22.03
C ALA C 93 36.79 -7.85 23.18
N PRO C 94 37.25 -7.65 24.42
CA PRO C 94 36.37 -7.85 25.59
C PRO C 94 35.58 -6.59 25.94
N THR C 95 34.82 -6.08 24.97
CA THR C 95 34.13 -4.80 25.11
C THR C 95 32.62 -4.91 25.05
N ALA C 96 32.08 -6.13 25.06
CA ALA C 96 30.64 -6.44 25.03
C ALA C 96 29.96 -6.06 23.72
N GLY C 97 30.67 -5.42 22.79
CA GLY C 97 30.08 -5.09 21.51
C GLY C 97 30.86 -5.71 20.39
N ALA C 98 32.01 -6.29 20.72
CA ALA C 98 32.88 -6.89 19.72
C ALA C 98 32.27 -8.19 19.19
N PRO C 99 32.57 -8.53 17.94
CA PRO C 99 32.09 -9.80 17.37
C PRO C 99 32.90 -11.00 17.85
N PHE C 100 32.64 -12.17 17.29
CA PHE C 100 33.26 -13.41 17.73
C PHE C 100 34.12 -14.02 16.63
N GLU C 101 35.34 -14.41 17.00
CA GLU C 101 36.16 -15.30 16.18
C GLU C 101 35.71 -16.74 16.42
N PRO C 102 35.29 -17.47 15.39
CA PRO C 102 35.08 -18.91 15.56
C PRO C 102 36.38 -19.61 15.93
N THR C 103 36.28 -20.59 16.82
CA THR C 103 37.42 -21.36 17.29
C THR C 103 37.45 -22.75 16.65
N GLY C 104 37.09 -22.84 15.38
CA GLY C 104 37.08 -24.11 14.69
C GLY C 104 36.45 -23.96 13.33
N ASN C 105 36.02 -25.09 12.75
CA ASN C 105 35.29 -25.04 11.50
C ASN C 105 33.84 -24.64 11.78
N PRO C 106 33.45 -23.40 11.46
CA PRO C 106 32.12 -22.93 11.86
C PRO C 106 30.98 -23.59 11.11
N MET C 107 31.26 -24.25 9.98
CA MET C 107 30.22 -25.04 9.31
C MET C 107 29.66 -26.12 10.23
N THR C 108 30.55 -26.92 10.81
CA THR C 108 30.13 -28.05 11.63
C THR C 108 30.08 -27.71 13.12
N ASP C 109 30.46 -26.51 13.51
CA ASP C 109 30.38 -26.09 14.91
C ASP C 109 29.16 -25.24 15.21
N ALA C 110 28.32 -24.96 14.21
CA ALA C 110 27.08 -24.20 14.38
C ALA C 110 27.34 -22.85 15.05
N VAL C 111 28.20 -22.06 14.42
CA VAL C 111 28.58 -20.74 14.90
C VAL C 111 28.29 -19.72 13.81
N GLY C 112 27.58 -18.65 14.16
CA GLY C 112 27.25 -17.62 13.23
C GLY C 112 26.09 -18.00 12.33
N PRO C 113 26.22 -17.72 11.03
CA PRO C 113 25.15 -18.12 10.09
C PRO C 113 24.92 -19.61 10.03
N ALA C 114 25.83 -20.42 10.56
CA ALA C 114 25.60 -21.86 10.68
C ALA C 114 24.80 -22.22 11.91
N ALA C 115 24.58 -21.27 12.81
CA ALA C 115 23.90 -21.57 14.07
C ALA C 115 22.43 -21.89 13.81
N TYR C 116 21.94 -22.89 14.51
CA TYR C 116 20.57 -23.35 14.36
C TYR C 116 19.88 -23.32 15.71
N ALA C 117 18.60 -22.99 15.70
CA ALA C 117 17.84 -22.94 16.94
C ALA C 117 17.70 -24.33 17.54
N LEU C 118 17.70 -24.38 18.87
CA LEU C 118 17.69 -25.64 19.60
C LEU C 118 16.23 -26.06 19.75
N ARG C 119 15.67 -26.56 18.65
CA ARG C 119 14.25 -26.90 18.58
C ARG C 119 14.02 -28.26 19.24
N ASP C 120 12.84 -28.83 19.01
CA ASP C 120 12.49 -30.14 19.55
C ASP C 120 12.55 -31.20 18.45
N GLU C 121 12.83 -32.44 18.85
CA GLU C 121 13.05 -33.54 17.91
C GLU C 121 11.74 -34.23 17.54
N LEU C 122 10.87 -33.47 16.88
CA LEU C 122 9.62 -34.00 16.38
C LEU C 122 9.38 -33.44 14.98
N PRO C 123 8.99 -34.28 14.04
CA PRO C 123 8.67 -33.79 12.70
C PRO C 123 7.41 -32.92 12.72
N ASP C 124 7.30 -32.04 11.73
CA ASP C 124 6.07 -31.29 11.55
C ASP C 124 4.92 -32.26 11.26
N LEU C 125 3.75 -31.96 11.82
CA LEU C 125 2.60 -32.83 11.71
C LEU C 125 1.63 -32.33 10.65
N THR C 126 0.93 -33.27 10.02
CA THR C 126 -0.16 -32.94 9.13
C THR C 126 -1.47 -32.96 9.89
N LEU C 127 -2.58 -32.74 9.17
CA LEU C 127 -3.89 -32.82 9.79
C LEU C 127 -4.23 -34.23 10.28
N GLY C 128 -3.52 -35.25 9.79
CA GLY C 128 -3.73 -36.62 10.19
C GLY C 128 -2.75 -37.17 11.20
N GLY C 129 -1.96 -36.31 11.85
CA GLY C 129 -1.01 -36.77 12.84
C GLY C 129 0.13 -37.61 12.30
N GLN C 130 0.68 -37.23 11.15
CA GLN C 130 1.80 -37.92 10.52
C GLN C 130 2.84 -36.89 10.10
N PRO C 131 4.08 -37.32 9.86
CA PRO C 131 5.11 -36.35 9.45
C PRO C 131 4.73 -35.64 8.16
N ALA C 132 5.09 -34.36 8.09
CA ALA C 132 4.78 -33.55 6.92
C ALA C 132 5.91 -33.57 5.90
N ILE C 133 7.16 -33.50 6.36
CA ILE C 133 8.31 -33.54 5.47
C ILE C 133 8.67 -35.01 5.27
N VAL C 134 8.37 -35.54 4.08
CA VAL C 134 8.61 -36.96 3.81
C VAL C 134 9.20 -37.11 2.42
N PRO C 135 9.99 -38.16 2.21
CA PRO C 135 10.45 -38.47 0.86
C PRO C 135 9.32 -38.96 -0.02
N LEU C 136 9.46 -38.71 -1.32
CA LEU C 136 8.41 -39.07 -2.27
C LEU C 136 8.21 -40.58 -2.38
N ARG C 137 9.18 -41.39 -1.95
CA ARG C 137 9.01 -42.84 -1.99
C ARG C 137 7.88 -43.28 -1.06
N VAL C 138 7.81 -42.71 0.13
CA VAL C 138 6.82 -43.10 1.11
C VAL C 138 5.58 -42.20 1.05
N ALA C 139 5.40 -41.47 -0.05
CA ALA C 139 4.16 -40.76 -0.34
C ALA C 139 3.74 -41.09 -1.77
N PRO C 140 3.20 -42.29 -2.00
CA PRO C 140 2.84 -42.67 -3.39
C PRO C 140 1.88 -41.70 -4.05
N THR C 141 0.94 -41.13 -3.29
CA THR C 141 -0.07 -40.26 -3.88
C THR C 141 0.53 -38.98 -4.46
N PHE C 142 1.53 -38.42 -3.81
CA PHE C 142 2.14 -37.17 -4.25
C PHE C 142 3.01 -37.41 -5.47
N SER C 143 2.94 -36.49 -6.43
CA SER C 143 3.72 -36.58 -7.65
C SER C 143 4.15 -35.19 -8.09
N VAL C 144 5.23 -35.13 -8.85
CA VAL C 144 5.72 -33.88 -9.39
C VAL C 144 4.88 -33.50 -10.59
N ALA C 145 4.34 -32.28 -10.58
CA ALA C 145 3.48 -31.81 -11.65
C ALA C 145 4.27 -31.66 -12.95
N ALA C 146 3.56 -31.84 -14.06
CA ALA C 146 4.18 -31.71 -15.37
C ALA C 146 4.51 -30.25 -15.67
N GLU C 147 5.02 -30.01 -16.87
CA GLU C 147 5.48 -28.70 -17.33
C GLU C 147 6.64 -28.16 -16.50
N ASP C 148 7.22 -28.98 -15.62
CA ASP C 148 8.37 -28.60 -14.81
C ASP C 148 9.42 -29.69 -14.91
N THR C 149 10.68 -29.27 -14.86
CA THR C 149 11.78 -30.23 -14.90
C THR C 149 11.75 -31.10 -13.67
N ASP C 150 11.87 -32.41 -13.88
CA ASP C 150 11.86 -33.34 -12.76
C ASP C 150 13.26 -33.44 -12.18
N PRO C 151 13.51 -32.97 -10.96
CA PRO C 151 14.86 -32.91 -10.40
C PRO C 151 15.33 -34.22 -9.78
N ARG C 152 15.15 -35.31 -10.53
CA ARG C 152 15.61 -36.64 -10.11
C ARG C 152 16.69 -37.10 -11.06
N GLY C 153 17.85 -37.47 -10.52
CA GLY C 153 18.95 -37.92 -11.32
C GLY C 153 19.81 -36.83 -11.89
N LEU C 154 19.45 -35.57 -11.70
CA LEU C 154 20.23 -34.47 -12.24
C LEU C 154 21.50 -34.30 -11.42
N PRO C 155 22.64 -34.02 -12.05
CA PRO C 155 23.85 -33.75 -11.27
C PRO C 155 23.68 -32.55 -10.36
N VAL C 156 24.22 -32.65 -9.15
CA VAL C 156 24.22 -31.57 -8.18
C VAL C 156 25.63 -31.02 -8.14
N VAL C 157 25.77 -29.77 -8.60
CA VAL C 157 27.07 -29.11 -8.73
C VAL C 157 27.04 -27.83 -7.90
N ASP C 158 28.23 -27.35 -7.56
CA ASP C 158 28.38 -26.08 -6.86
C ASP C 158 28.57 -24.96 -7.88
N ARG C 159 28.96 -23.78 -7.40
CA ARG C 159 29.21 -22.66 -8.31
C ARG C 159 30.48 -22.88 -9.13
N LYS C 160 31.48 -23.56 -8.56
CA LYS C 160 32.71 -23.83 -9.29
C LYS C 160 32.51 -24.83 -10.42
N GLY C 161 31.37 -25.52 -10.47
CA GLY C 161 31.09 -26.46 -11.52
C GLY C 161 31.38 -27.91 -11.16
N ALA C 162 32.14 -28.15 -10.10
CA ALA C 162 32.44 -29.51 -9.69
C ALA C 162 31.14 -30.23 -9.31
N VAL C 163 30.97 -31.44 -9.83
CA VAL C 163 29.76 -32.21 -9.57
C VAL C 163 29.85 -32.77 -8.15
N ALA C 164 29.12 -32.12 -7.23
CA ALA C 164 29.14 -32.57 -5.84
C ALA C 164 28.52 -33.95 -5.69
N GLY C 165 27.42 -34.21 -6.39
CA GLY C 165 26.76 -35.49 -6.21
C GLY C 165 25.64 -35.68 -7.21
N LYS C 166 24.74 -36.61 -6.89
CA LYS C 166 23.60 -36.90 -7.76
C LYS C 166 22.32 -36.97 -6.92
N VAL C 167 21.26 -36.36 -7.41
CA VAL C 167 19.99 -36.37 -6.70
C VAL C 167 19.25 -37.66 -7.01
N THR C 168 18.71 -38.30 -5.98
CA THR C 168 17.95 -39.53 -6.11
C THR C 168 16.51 -39.37 -5.70
N ASP C 169 16.22 -38.57 -4.69
CA ASP C 169 14.88 -38.48 -4.12
C ASP C 169 14.56 -37.03 -3.79
N LEU C 170 13.26 -36.74 -3.76
CA LEU C 170 12.75 -35.44 -3.35
C LEU C 170 11.97 -35.59 -2.05
N TRP C 171 12.22 -34.68 -1.12
CA TRP C 171 11.46 -34.60 0.12
C TRP C 171 10.51 -33.42 0.03
N ILE C 172 9.26 -33.65 0.41
CA ILE C 172 8.21 -32.66 0.24
C ILE C 172 7.43 -32.48 1.53
N ASP C 173 6.84 -31.29 1.67
CA ASP C 173 5.95 -30.96 2.78
C ASP C 173 4.54 -31.39 2.43
N ARG C 174 3.91 -32.19 3.30
CA ARG C 174 2.54 -32.62 3.05
C ARG C 174 1.53 -31.52 3.33
N ALA C 175 1.79 -30.71 4.36
CA ALA C 175 0.85 -29.66 4.73
C ALA C 175 0.73 -28.60 3.65
N SER C 176 1.84 -28.18 3.07
CA SER C 176 1.86 -27.26 1.93
C SER C 176 2.55 -27.97 0.77
N ILE C 177 1.83 -28.10 -0.34
CA ILE C 177 2.28 -28.95 -1.43
C ILE C 177 3.43 -28.26 -2.16
N ALA C 178 4.66 -28.59 -1.78
CA ALA C 178 5.85 -28.04 -2.40
C ALA C 178 7.05 -28.89 -2.00
N ILE C 179 8.07 -28.86 -2.84
CA ILE C 179 9.29 -29.61 -2.58
C ILE C 179 10.10 -28.88 -1.52
N ARG C 180 10.55 -29.62 -0.50
CA ARG C 180 11.40 -29.07 0.54
C ARG C 180 12.86 -29.42 0.34
N TYR C 181 13.17 -30.70 0.12
CA TYR C 181 14.54 -31.18 0.09
C TYR C 181 14.77 -32.02 -1.15
N LEU C 182 16.03 -32.07 -1.57
CA LEU C 182 16.53 -33.04 -2.53
C LEU C 182 17.49 -33.98 -1.81
N GLU C 183 17.27 -35.28 -1.97
CA GLU C 183 18.17 -36.28 -1.41
C GLU C 183 19.31 -36.48 -2.40
N VAL C 184 20.55 -36.28 -1.94
CA VAL C 184 21.72 -36.29 -2.79
C VAL C 184 22.67 -37.38 -2.31
N GLU C 185 23.02 -38.30 -3.20
CA GLU C 185 24.02 -39.31 -2.96
C GLU C 185 25.38 -38.76 -3.40
N LEU C 186 26.36 -38.86 -2.52
CA LEU C 186 27.68 -38.30 -2.77
C LEU C 186 28.41 -39.10 -3.84
N ALA C 187 28.99 -38.40 -4.82
CA ALA C 187 29.87 -39.05 -5.77
C ALA C 187 31.15 -39.53 -5.11
N ALA C 188 31.51 -38.97 -3.95
CA ALA C 188 32.73 -39.36 -3.25
C ALA C 188 32.50 -40.47 -2.23
N THR C 189 31.29 -40.57 -1.68
CA THR C 189 30.97 -41.60 -0.69
C THR C 189 29.58 -42.15 -0.97
N PRO C 190 29.48 -43.29 -1.65
CA PRO C 190 28.14 -43.90 -1.85
C PRO C 190 27.42 -44.21 -0.55
N GLY C 191 28.16 -44.61 0.50
CA GLY C 191 27.54 -44.89 1.77
C GLY C 191 27.02 -43.67 2.52
N ARG C 192 27.27 -42.48 1.99
CA ARG C 192 26.81 -41.23 2.58
C ARG C 192 25.67 -40.66 1.75
N LYS C 193 24.67 -40.11 2.44
CA LYS C 193 23.52 -39.48 1.81
C LYS C 193 23.25 -38.16 2.53
N VAL C 194 22.88 -37.13 1.78
CA VAL C 194 22.67 -35.81 2.36
C VAL C 194 21.35 -35.23 1.86
N LEU C 195 20.88 -34.20 2.55
CA LEU C 195 19.68 -33.47 2.18
C LEU C 195 20.06 -32.04 1.83
N LEU C 196 19.61 -31.57 0.68
CA LEU C 196 19.91 -30.23 0.22
C LEU C 196 18.60 -29.47 0.05
N PRO C 197 18.39 -28.35 0.75
CA PRO C 197 17.08 -27.67 0.69
C PRO C 197 16.75 -27.22 -0.73
N PHE C 198 15.46 -27.35 -1.07
CA PHE C 198 15.02 -26.97 -2.42
C PHE C 198 15.15 -25.47 -2.65
N ALA C 199 15.04 -24.66 -1.58
CA ALA C 199 15.20 -23.22 -1.72
C ALA C 199 16.62 -22.82 -2.11
N ALA C 200 17.58 -23.72 -1.93
CA ALA C 200 18.98 -23.44 -2.25
C ALA C 200 19.37 -23.91 -3.64
N THR C 201 18.40 -24.26 -4.49
CA THR C 201 18.69 -24.80 -5.81
C THR C 201 18.24 -23.83 -6.89
N ARG C 202 18.95 -23.86 -8.01
CA ARG C 202 18.51 -23.27 -9.26
C ARG C 202 17.98 -24.37 -10.17
N ILE C 203 16.87 -24.09 -10.84
CA ILE C 203 16.28 -25.10 -11.72
C ILE C 203 17.23 -25.41 -12.87
N ASN C 204 17.79 -24.36 -13.48
CA ASN C 204 18.77 -24.48 -14.57
C ASN C 204 18.21 -25.29 -15.74
N ALA C 205 16.89 -25.21 -15.95
CA ALA C 205 16.26 -25.96 -17.03
C ALA C 205 16.63 -25.42 -18.40
N LYS C 206 17.26 -24.25 -18.48
CA LYS C 206 17.61 -23.62 -19.75
C LYS C 206 19.14 -23.57 -19.86
N THR C 207 19.72 -24.62 -20.41
CA THR C 207 21.14 -24.70 -20.68
C THR C 207 21.36 -25.82 -21.69
N LYS C 208 22.63 -26.20 -21.88
CA LYS C 208 22.94 -27.33 -22.75
C LYS C 208 22.29 -28.61 -22.23
N SER C 209 22.35 -28.84 -20.92
CA SER C 209 21.66 -29.98 -20.31
C SER C 209 20.94 -29.51 -19.05
N LYS C 210 20.33 -30.44 -18.32
CA LYS C 210 19.62 -30.12 -17.09
C LYS C 210 20.46 -30.56 -15.90
N THR C 211 20.72 -29.62 -14.98
CA THR C 211 21.49 -29.90 -13.79
C THR C 211 20.98 -29.02 -12.66
N VAL C 212 21.35 -29.37 -11.43
CA VAL C 212 20.99 -28.62 -10.24
C VAL C 212 22.27 -28.02 -9.67
N THR C 213 22.27 -26.70 -9.49
CA THR C 213 23.44 -25.99 -8.99
C THR C 213 23.15 -25.32 -7.67
N VAL C 214 24.18 -25.25 -6.83
CA VAL C 214 24.11 -24.60 -5.53
C VAL C 214 25.21 -23.54 -5.47
N GLN C 215 24.84 -22.34 -5.05
CA GLN C 215 25.75 -21.21 -5.01
C GLN C 215 26.36 -20.97 -3.64
N SER C 216 25.99 -21.77 -2.64
CA SER C 216 26.42 -21.49 -1.27
C SER C 216 27.70 -22.22 -0.89
N ILE C 217 27.66 -23.55 -0.91
CA ILE C 217 28.79 -24.36 -0.45
C ILE C 217 29.47 -25.01 -1.65
N LEU C 218 30.68 -25.49 -1.41
CA LEU C 218 31.47 -26.16 -2.43
C LEU C 218 31.26 -27.67 -2.33
N ALA C 219 31.83 -28.41 -3.29
CA ALA C 219 31.59 -29.84 -3.36
C ALA C 219 32.07 -30.56 -2.10
N ARG C 220 33.29 -30.25 -1.65
CA ARG C 220 33.83 -30.89 -0.46
C ARG C 220 32.97 -30.65 0.77
N HIS C 221 32.29 -29.50 0.85
CA HIS C 221 31.42 -29.22 1.98
C HIS C 221 30.26 -30.19 2.08
N PHE C 222 29.96 -30.92 1.01
CA PHE C 222 28.93 -31.95 1.06
C PHE C 222 29.36 -33.16 1.85
N ALA C 223 30.62 -33.26 2.24
CA ALA C 223 31.08 -34.38 3.05
C ALA C 223 30.84 -34.19 4.53
N ASN C 224 30.36 -33.02 4.95
CA ASN C 224 30.14 -32.74 6.36
C ASN C 224 28.73 -32.23 6.64
N VAL C 225 27.82 -32.36 5.68
CA VAL C 225 26.43 -31.96 5.92
C VAL C 225 25.87 -32.74 7.09
N PRO C 226 25.14 -32.12 8.02
CA PRO C 226 24.57 -32.88 9.13
C PRO C 226 23.63 -33.97 8.64
N THR C 227 23.68 -35.11 9.33
CA THR C 227 22.90 -36.28 8.97
C THR C 227 21.58 -36.32 9.74
N ILE C 228 20.69 -37.21 9.31
CA ILE C 228 19.40 -37.40 9.94
C ILE C 228 19.24 -38.87 10.29
N ALA C 229 18.28 -39.16 11.17
CA ALA C 229 18.15 -40.50 11.72
C ALA C 229 17.24 -41.39 10.89
N LYS C 230 15.98 -41.00 10.72
CA LYS C 230 14.97 -41.94 10.24
C LYS C 230 15.07 -42.20 8.73
N THR C 231 15.65 -41.27 7.97
CA THR C 231 15.83 -41.39 6.53
C THR C 231 14.50 -41.41 5.77
N ASP C 232 13.39 -41.36 6.50
CA ASP C 232 12.08 -41.23 5.88
C ASP C 232 11.18 -40.25 6.61
N SER C 233 11.65 -39.64 7.71
CA SER C 233 10.92 -38.61 8.43
C SER C 233 11.93 -37.84 9.26
N ILE C 234 11.91 -36.52 9.13
CA ILE C 234 12.96 -35.66 9.66
C ILE C 234 12.36 -34.73 10.70
N THR C 235 13.06 -34.60 11.83
CA THR C 235 12.60 -33.75 12.92
C THR C 235 12.88 -32.28 12.60
N ARG C 236 12.24 -31.41 13.37
CA ARG C 236 12.43 -29.97 13.19
C ARG C 236 13.86 -29.56 13.46
N ARG C 237 14.47 -30.11 14.51
CA ARG C 237 15.85 -29.77 14.84
C ARG C 237 16.80 -30.22 13.74
N GLU C 238 16.59 -31.42 13.19
CA GLU C 238 17.47 -31.92 12.15
C GLU C 238 17.37 -31.06 10.89
N GLU C 239 16.15 -30.72 10.47
CA GLU C 239 15.98 -29.90 9.27
C GLU C 239 16.52 -28.49 9.49
N ASP C 240 16.32 -27.92 10.69
CA ASP C 240 16.85 -26.61 10.99
C ASP C 240 18.38 -26.62 10.96
N LYS C 241 18.98 -27.70 11.49
CA LYS C 241 20.43 -27.87 11.43
C LYS C 241 20.93 -27.91 9.99
N VAL C 242 20.27 -28.71 9.14
CA VAL C 242 20.72 -28.83 7.76
C VAL C 242 20.59 -27.50 7.02
N MET C 243 19.45 -26.82 7.19
CA MET C 243 19.28 -25.53 6.52
C MET C 243 20.29 -24.50 7.02
N ALA C 244 20.57 -24.48 8.32
CA ALA C 244 21.58 -23.55 8.84
C ALA C 244 22.96 -23.85 8.26
N TYR C 245 23.31 -25.13 8.16
CA TYR C 245 24.60 -25.50 7.58
C TYR C 245 24.70 -25.02 6.13
N TYR C 246 23.66 -25.27 5.34
CA TYR C 246 23.69 -24.83 3.94
C TYR C 246 23.72 -23.31 3.83
N SER C 247 22.99 -22.62 4.70
CA SER C 247 22.97 -21.16 4.64
C SER C 247 24.27 -20.53 5.11
N SER C 248 25.08 -21.27 5.87
CA SER C 248 26.36 -20.74 6.31
C SER C 248 27.38 -20.63 5.19
N GLY C 249 27.08 -21.18 4.01
CA GLY C 249 28.06 -21.17 2.94
C GLY C 249 28.46 -19.78 2.50
N TYR C 250 27.49 -18.90 2.31
CA TYR C 250 27.76 -17.62 1.66
C TYR C 250 28.78 -16.80 2.43
N LEU C 251 28.72 -16.80 3.76
CA LEU C 251 29.62 -15.95 4.53
C LEU C 251 31.06 -16.41 4.40
N TYR C 252 31.36 -17.63 4.84
CA TYR C 252 32.69 -18.23 4.69
C TYR C 252 32.56 -19.56 3.96
N SER C 253 32.51 -19.50 2.63
CA SER C 253 32.59 -20.69 1.81
C SER C 253 34.02 -21.04 1.42
N ASP C 254 34.96 -20.13 1.62
CA ASP C 254 36.37 -20.35 1.30
C ASP C 254 37.16 -20.12 2.58
N ARG C 255 37.25 -21.17 3.41
CA ARG C 255 37.94 -21.15 4.69
C ARG C 255 37.48 -20.02 5.59
N VAL C 256 38.22 -19.74 6.65
CA VAL C 256 37.90 -18.64 7.55
C VAL C 256 39.14 -17.77 7.76
N TRP D 2 29.28 7.85 44.32
CA TRP D 2 30.10 6.99 43.48
C TRP D 2 29.49 5.60 43.26
N ARG D 3 28.49 5.26 44.08
CA ARG D 3 27.78 4.00 43.91
C ARG D 3 26.95 3.98 42.64
N ILE D 4 26.77 5.13 41.97
CA ILE D 4 26.03 5.17 40.72
C ILE D 4 26.68 4.31 39.65
N TRP D 5 28.00 4.13 39.72
CA TRP D 5 28.69 3.27 38.77
C TRP D 5 28.58 1.80 39.13
N GLN D 6 28.00 1.46 40.29
CA GLN D 6 27.57 0.11 40.57
C GLN D 6 26.18 -0.17 40.02
N LEU D 7 25.49 0.85 39.52
CA LEU D 7 24.26 0.68 38.76
C LEU D 7 24.48 0.79 37.26
N PHE D 8 25.37 1.66 36.82
CA PHE D 8 25.51 2.02 35.41
C PHE D 8 26.93 1.77 34.94
N ASP D 9 27.07 1.13 33.79
CA ASP D 9 28.37 0.95 33.17
C ASP D 9 28.95 2.32 32.81
N PRO D 10 30.26 2.53 33.00
CA PRO D 10 30.83 3.86 32.74
C PRO D 10 30.98 4.17 31.27
N ARG D 11 31.29 3.17 30.45
CA ARG D 11 31.51 3.41 29.03
C ARG D 11 30.23 3.86 28.33
N GLN D 12 29.15 3.11 28.51
CA GLN D 12 27.89 3.49 27.90
C GLN D 12 27.33 4.76 28.51
N ALA D 13 27.55 4.98 29.81
CA ALA D 13 27.16 6.24 30.42
C ALA D 13 27.87 7.40 29.76
N LEU D 14 29.18 7.27 29.52
CA LEU D 14 29.94 8.34 28.88
C LEU D 14 29.44 8.61 27.47
N VAL D 15 29.24 7.55 26.67
CA VAL D 15 28.84 7.78 25.29
C VAL D 15 27.44 8.38 25.22
N GLY D 16 26.50 7.87 26.02
CA GLY D 16 25.17 8.43 26.03
C GLY D 16 25.13 9.87 26.54
N LEU D 17 25.90 10.16 27.58
CA LEU D 17 25.95 11.52 28.11
C LEU D 17 26.55 12.49 27.10
N ALA D 18 27.62 12.06 26.41
CA ALA D 18 28.21 12.90 25.39
C ALA D 18 27.21 13.19 24.27
N THR D 19 26.49 12.17 23.82
CA THR D 19 25.50 12.37 22.77
C THR D 19 24.40 13.31 23.22
N PHE D 20 23.88 13.11 24.43
CA PHE D 20 22.80 13.96 24.93
C PHE D 20 23.26 15.40 25.09
N LEU D 21 24.46 15.61 25.63
CA LEU D 21 24.98 16.96 25.80
C LEU D 21 25.19 17.64 24.45
N PHE D 22 25.71 16.91 23.47
CA PHE D 22 25.91 17.52 22.15
C PHE D 22 24.58 17.90 21.51
N VAL D 23 23.58 17.01 21.58
CA VAL D 23 22.28 17.33 20.98
C VAL D 23 21.64 18.52 21.69
N LEU D 24 21.76 18.58 23.02
CA LEU D 24 21.21 19.70 23.76
C LEU D 24 21.90 21.00 23.38
N ALA D 25 23.22 20.98 23.25
CA ALA D 25 23.95 22.17 22.86
C ALA D 25 23.54 22.64 21.48
N LEU D 26 23.40 21.71 20.54
CA LEU D 26 22.90 22.07 19.21
C LEU D 26 21.53 22.71 19.28
N LEU D 27 20.64 22.12 20.08
CA LEU D 27 19.29 22.65 20.21
C LEU D 27 19.31 24.08 20.75
N ILE D 28 20.05 24.32 21.83
CA ILE D 28 20.06 25.64 22.44
C ILE D 28 20.69 26.66 21.49
N HIS D 29 21.77 26.26 20.81
CA HIS D 29 22.40 27.16 19.86
C HIS D 29 21.45 27.53 18.72
N PHE D 30 20.71 26.54 18.20
CA PHE D 30 19.77 26.81 17.12
C PHE D 30 18.63 27.70 17.61
N ILE D 31 18.14 27.46 18.82
CA ILE D 31 17.07 28.27 19.38
C ILE D 31 17.52 29.72 19.53
N LEU D 32 18.75 29.93 20.00
CA LEU D 32 19.29 31.27 20.08
C LEU D 32 19.45 31.89 18.70
N LEU D 33 19.87 31.09 17.72
CA LEU D 33 20.04 31.61 16.37
C LEU D 33 18.71 32.09 15.79
N SER D 34 17.63 31.35 16.05
CA SER D 34 16.32 31.80 15.60
C SER D 34 15.82 33.01 16.36
N THR D 35 16.41 33.31 17.51
CA THR D 35 15.97 34.45 18.31
C THR D 35 16.53 35.74 17.73
N GLU D 36 15.67 36.77 17.68
CA GLU D 36 16.10 38.07 17.19
C GLU D 36 17.23 38.65 18.04
N ARG D 37 17.11 38.57 19.36
CA ARG D 37 18.07 39.22 20.25
C ARG D 37 19.39 38.47 20.33
N PHE D 38 19.37 37.14 20.27
CA PHE D 38 20.55 36.33 20.56
C PHE D 38 21.18 35.71 19.34
N ASN D 39 20.76 36.08 18.13
CA ASN D 39 21.42 35.61 16.92
C ASN D 39 22.67 36.45 16.72
N TRP D 40 23.82 35.84 17.01
CA TRP D 40 25.10 36.53 16.89
C TRP D 40 25.59 36.60 15.46
N LEU D 41 24.94 35.92 14.52
CA LEU D 41 25.30 36.01 13.12
C LEU D 41 24.54 37.11 12.40
N GLU D 42 23.23 37.15 12.56
CA GLU D 42 22.43 38.23 11.98
C GLU D 42 22.68 39.55 12.70
N GLY D 43 22.81 39.49 14.03
CA GLY D 43 23.28 40.63 14.79
C GLY D 43 22.44 41.88 14.75
N ALA D 44 21.13 41.75 14.88
CA ALA D 44 20.25 42.90 14.90
C ALA D 44 20.46 43.72 16.17
N SER D 45 20.18 45.01 16.06
CA SER D 45 20.30 45.91 17.21
C SER D 45 19.28 45.54 18.28
N THR D 46 19.73 45.58 19.54
CA THR D 46 18.85 45.30 20.67
C THR D 46 18.07 46.52 21.13
N LYS D 47 18.38 47.70 20.60
CA LYS D 47 17.71 48.94 21.00
C LYS D 47 16.33 49.05 20.36
N ILE E 11 30.27 -3.53 37.65
CA ILE E 11 31.67 -3.44 37.28
C ILE E 11 32.55 -3.72 38.50
N THR E 12 33.82 -4.04 38.25
CA THR E 12 34.77 -4.19 39.35
C THR E 12 34.87 -2.88 40.12
N GLU E 13 34.71 -2.98 41.44
CA GLU E 13 34.74 -1.78 42.28
C GLU E 13 36.14 -1.17 42.34
N GLY E 14 37.17 -1.94 42.02
CA GLY E 14 38.54 -1.45 42.05
C GLY E 14 38.85 -0.36 41.05
N GLU E 15 37.96 -0.12 40.08
CA GLU E 15 38.10 1.00 39.16
C GLU E 15 37.04 2.07 39.35
N ALA E 16 36.00 1.82 40.15
CA ALA E 16 34.97 2.83 40.39
C ALA E 16 35.54 4.02 41.15
N LYS E 17 36.44 3.78 42.10
CA LYS E 17 37.08 4.88 42.82
C LYS E 17 37.80 5.82 41.86
N GLU E 18 38.53 5.28 40.90
CA GLU E 18 39.24 6.12 39.94
C GLU E 18 38.28 6.79 38.98
N PHE E 19 37.31 6.03 38.47
CA PHE E 19 36.41 6.59 37.47
C PHE E 19 35.56 7.71 38.03
N HIS E 20 35.08 7.58 39.27
CA HIS E 20 34.25 8.63 39.84
C HIS E 20 35.05 9.90 40.08
N LYS E 21 36.31 9.78 40.50
CA LYS E 21 37.12 10.98 40.69
C LYS E 21 37.41 11.66 39.36
N ILE E 22 37.71 10.89 38.31
CA ILE E 22 37.90 11.49 37.00
C ILE E 22 36.61 12.15 36.52
N PHE E 23 35.48 11.47 36.73
CA PHE E 23 34.18 12.00 36.33
C PHE E 23 33.87 13.29 37.06
N THR E 24 34.14 13.34 38.36
CA THR E 24 33.89 14.56 39.14
C THR E 24 34.78 15.69 38.67
N SER E 25 36.07 15.44 38.47
CA SER E 25 36.96 16.50 37.99
C SER E 25 36.48 17.03 36.64
N SER E 26 36.16 16.12 35.72
CA SER E 26 35.77 16.54 34.38
C SER E 26 34.41 17.24 34.39
N ILE E 27 33.48 16.81 35.23
CA ILE E 27 32.18 17.46 35.28
C ILE E 27 32.29 18.84 35.91
N LEU E 28 33.14 19.01 36.93
CA LEU E 28 33.38 20.36 37.43
C LEU E 28 34.05 21.24 36.38
N VAL E 29 34.98 20.69 35.60
CA VAL E 29 35.62 21.47 34.54
C VAL E 29 34.58 21.92 33.51
N PHE E 30 33.73 20.98 33.08
CA PHE E 30 32.70 21.29 32.09
C PHE E 30 31.71 22.31 32.64
N PHE E 31 31.30 22.15 33.90
CA PHE E 31 30.37 23.09 34.51
C PHE E 31 30.98 24.48 34.64
N GLY E 32 32.26 24.54 35.03
CA GLY E 32 32.92 25.84 35.16
C GLY E 32 33.08 26.55 33.82
N VAL E 33 33.44 25.80 32.78
CA VAL E 33 33.54 26.39 31.45
C VAL E 33 32.18 26.91 30.99
N ALA E 34 31.13 26.11 31.21
CA ALA E 34 29.79 26.55 30.84
C ALA E 34 29.37 27.78 31.65
N ALA E 35 29.72 27.82 32.94
CA ALA E 35 29.37 28.96 33.77
C ALA E 35 30.07 30.22 33.31
N PHE E 36 31.35 30.11 32.93
CA PHE E 36 32.08 31.27 32.44
C PHE E 36 31.51 31.73 31.09
N ALA E 37 31.12 30.80 30.22
CA ALA E 37 30.48 31.17 28.97
C ALA E 37 29.15 31.87 29.21
N HIS E 38 28.36 31.36 30.16
CA HIS E 38 27.08 31.99 30.47
C HIS E 38 27.28 33.38 31.06
N LEU E 39 28.29 33.53 31.92
CA LEU E 39 28.62 34.85 32.45
C LEU E 39 28.99 35.81 31.34
N LEU E 40 29.80 35.36 30.38
CA LEU E 40 30.17 36.22 29.26
C LEU E 40 28.96 36.61 28.43
N VAL E 41 28.08 35.66 28.15
CA VAL E 41 26.89 35.98 27.36
C VAL E 41 26.00 36.97 28.11
N TRP E 42 25.82 36.75 29.42
CA TRP E 42 25.01 37.67 30.21
C TRP E 42 25.61 39.07 30.21
N ILE E 43 26.94 39.16 30.31
CA ILE E 43 27.60 40.45 30.23
C ILE E 43 27.32 41.11 28.88
N TRP E 44 27.43 40.32 27.79
CA TRP E 44 27.12 40.86 26.47
C TRP E 44 25.65 41.19 26.32
N ARG E 45 24.77 40.24 26.64
CA ARG E 45 23.33 40.44 26.54
C ARG E 45 22.60 39.57 27.54
N PRO E 46 22.02 40.15 28.59
CA PRO E 46 21.24 39.35 29.55
C PRO E 46 19.97 38.81 28.91
N TRP E 47 19.50 37.68 29.43
CA TRP E 47 18.35 36.99 28.86
C TRP E 47 17.15 36.97 29.81
N VAL E 48 17.04 37.92 30.71
CA VAL E 48 15.89 38.01 31.60
C VAL E 48 15.28 39.40 31.51
N PRO E 49 14.19 39.57 30.78
CA PRO E 49 13.65 40.92 30.57
C PRO E 49 13.04 41.51 31.84
N GLY E 50 13.06 42.84 31.91
CA GLY E 50 12.37 43.56 32.95
C GLY E 50 10.92 43.76 32.57
N PRO E 51 10.17 44.50 33.39
CA PRO E 51 8.74 44.66 33.10
C PRO E 51 8.49 45.77 32.10
N ASN E 52 9.33 45.84 31.08
CA ASN E 52 9.11 46.68 29.90
C ASN E 52 9.55 46.01 28.61
N GLY E 53 10.32 44.94 28.67
CA GLY E 53 10.84 44.30 27.47
C GLY E 53 12.35 44.29 27.43
N TYR E 54 12.90 44.68 26.28
CA TYR E 54 14.34 44.69 26.05
C TYR E 54 14.83 46.06 25.59
N SER E 55 14.41 47.10 26.29
CA SER E 55 14.90 48.45 26.03
C SER E 55 16.37 48.57 26.38
N TRP F 2 10.90 3.48 52.27
CA TRP F 2 12.20 2.89 51.98
C TRP F 2 12.00 1.49 51.42
N ARG F 3 10.79 0.97 51.58
CA ARG F 3 10.47 -0.38 51.13
C ARG F 3 10.10 -0.46 49.66
N ILE F 4 9.83 0.68 49.00
CA ILE F 4 9.41 0.66 47.61
C ILE F 4 10.49 0.06 46.72
N TRP F 5 11.74 0.09 47.16
CA TRP F 5 12.83 -0.49 46.37
C TRP F 5 12.81 -2.02 46.39
N GLN F 6 11.97 -2.63 47.23
CA GLN F 6 11.68 -4.05 47.07
C GLN F 6 10.82 -4.30 45.85
N LEU F 7 10.00 -3.32 45.46
CA LEU F 7 9.19 -3.42 44.25
C LEU F 7 9.92 -2.89 43.02
N PHE F 8 10.60 -1.75 43.16
CA PHE F 8 11.22 -1.08 42.03
C PHE F 8 12.73 -1.19 42.14
N ASP F 9 13.35 -1.77 41.11
CA ASP F 9 14.80 -1.81 41.03
C ASP F 9 15.34 -0.39 40.91
N PRO F 10 16.34 -0.01 41.71
CA PRO F 10 16.86 1.36 41.63
C PRO F 10 17.30 1.78 40.25
N ARG F 11 17.87 0.86 39.46
CA ARG F 11 18.23 1.20 38.08
C ARG F 11 16.98 1.59 37.29
N GLN F 12 15.92 0.80 37.40
CA GLN F 12 14.72 1.06 36.61
C GLN F 12 14.06 2.37 37.03
N ALA F 13 13.87 2.57 38.33
CA ALA F 13 13.28 3.81 38.81
C ALA F 13 14.13 5.01 38.43
N LEU F 14 15.46 4.88 38.52
CA LEU F 14 16.34 6.01 38.22
C LEU F 14 16.32 6.36 36.75
N VAL F 15 16.39 5.37 35.86
CA VAL F 15 16.32 5.63 34.43
C VAL F 15 14.97 6.25 34.07
N GLY F 16 13.89 5.67 34.60
CA GLY F 16 12.57 6.20 34.31
C GLY F 16 12.40 7.62 34.79
N LEU F 17 12.87 7.92 36.00
CA LEU F 17 12.80 9.28 36.51
C LEU F 17 13.62 10.24 35.65
N ALA F 18 14.83 9.83 35.27
CA ALA F 18 15.64 10.69 34.42
C ALA F 18 14.91 11.04 33.13
N THR F 19 14.40 10.02 32.43
CA THR F 19 13.72 10.27 31.16
C THR F 19 12.46 11.09 31.34
N PHE F 20 11.65 10.75 32.35
CA PHE F 20 10.37 11.43 32.54
C PHE F 20 10.58 12.90 32.91
N LEU F 21 11.50 13.17 33.83
CA LEU F 21 11.75 14.56 34.21
C LEU F 21 12.43 15.34 33.10
N PHE F 22 13.29 14.70 32.29
CA PHE F 22 13.83 15.43 31.14
C PHE F 22 12.72 15.81 30.17
N VAL F 23 11.82 14.88 29.88
CA VAL F 23 10.73 15.18 28.96
C VAL F 23 9.80 16.24 29.53
N LEU F 24 9.52 16.17 30.83
CA LEU F 24 8.64 17.16 31.45
C LEU F 24 9.28 18.54 31.49
N ALA F 25 10.58 18.61 31.76
CA ALA F 25 11.29 19.88 31.73
C ALA F 25 11.26 20.48 30.33
N LEU F 26 11.50 19.64 29.30
CA LEU F 26 11.37 20.12 27.93
C LEU F 26 9.97 20.64 27.65
N LEU F 27 8.95 19.89 28.07
CA LEU F 27 7.58 20.28 27.78
C LEU F 27 7.23 21.62 28.43
N ILE F 28 7.59 21.78 29.71
CA ILE F 28 7.27 23.02 30.41
C ILE F 28 8.04 24.18 29.81
N HIS F 29 9.31 23.97 29.46
CA HIS F 29 10.08 25.04 28.84
C HIS F 29 9.51 25.44 27.50
N PHE F 30 9.08 24.47 26.70
CA PHE F 30 8.51 24.80 25.39
C PHE F 30 7.15 25.48 25.53
N ILE F 31 6.37 25.11 26.54
CA ILE F 31 5.11 25.81 26.79
C ILE F 31 5.38 27.25 27.18
N LEU F 32 6.37 27.47 28.05
CA LEU F 32 6.76 28.82 28.42
C LEU F 32 7.25 29.61 27.21
N LEU F 33 7.97 28.94 26.31
CA LEU F 33 8.49 29.63 25.12
C LEU F 33 7.39 30.01 24.15
N SER F 34 6.28 29.28 24.15
CA SER F 34 5.16 29.58 23.28
C SER F 34 4.20 30.58 23.90
N THR F 35 4.50 31.08 25.10
CA THR F 35 3.66 32.05 25.76
C THR F 35 4.18 33.47 25.47
N GLU F 36 3.24 34.42 25.47
CA GLU F 36 3.62 35.81 25.25
C GLU F 36 4.41 36.37 26.42
N ARG F 37 4.16 35.86 27.63
CA ARG F 37 4.66 36.47 28.86
C ARG F 37 5.99 35.87 29.32
N PHE F 38 6.07 34.55 29.36
CA PHE F 38 7.22 33.87 29.94
C PHE F 38 8.25 33.45 28.92
N ASN F 39 8.09 33.85 27.66
CA ASN F 39 9.14 33.62 26.67
C ASN F 39 10.26 34.61 26.93
N TRP F 40 11.34 34.12 27.54
CA TRP F 40 12.46 34.96 27.94
C TRP F 40 13.40 35.28 26.78
N LEU F 41 13.10 34.84 25.57
CA LEU F 41 13.97 35.09 24.43
C LEU F 41 13.56 36.31 23.62
N GLU F 42 12.26 36.50 23.38
CA GLU F 42 11.80 37.76 22.78
C GLU F 42 11.54 38.85 23.80
N GLY F 43 11.25 38.48 25.05
CA GLY F 43 11.12 39.46 26.11
C GLY F 43 10.05 40.51 25.85
N ALA F 44 8.86 40.07 25.47
CA ALA F 44 7.79 41.00 25.20
C ALA F 44 7.33 41.70 26.47
N SER F 45 6.71 42.86 26.29
CA SER F 45 6.35 43.72 27.42
C SER F 45 5.24 43.10 28.27
N THR F 46 5.34 43.30 29.59
CA THR F 46 4.27 42.84 30.48
C THR F 46 3.00 43.66 30.30
N LYS F 47 3.13 44.98 30.29
CA LYS F 47 1.97 45.86 30.06
C LYS F 47 1.79 46.14 28.58
N THR G 12 15.80 -6.10 47.01
CA THR G 12 16.62 -6.62 48.10
C THR G 12 16.83 -5.57 49.18
N GLU G 13 16.77 -6.00 50.44
CA GLU G 13 16.94 -5.11 51.57
C GLU G 13 18.38 -4.88 51.96
N GLY G 14 19.34 -5.53 51.29
CA GLY G 14 20.73 -5.34 51.64
C GLY G 14 21.19 -3.90 51.47
N GLU G 15 20.83 -3.28 50.34
CA GLU G 15 21.16 -1.89 50.08
C GLU G 15 19.91 -1.03 49.90
N ALA G 16 18.76 -1.48 50.42
CA ALA G 16 17.54 -0.70 50.28
C ALA G 16 17.59 0.56 51.16
N LYS G 17 18.03 0.42 52.42
CA LYS G 17 18.06 1.56 53.32
C LYS G 17 19.01 2.63 52.80
N GLU G 18 20.22 2.24 52.40
CA GLU G 18 21.20 3.23 51.97
C GLU G 18 20.81 3.86 50.63
N PHE G 19 20.24 3.07 49.72
CA PHE G 19 19.75 3.67 48.49
C PHE G 19 18.61 4.63 48.76
N HIS G 20 17.72 4.30 49.69
CA HIS G 20 16.64 5.23 50.01
C HIS G 20 17.19 6.51 50.63
N LYS G 21 18.21 6.39 51.47
CA LYS G 21 18.82 7.58 52.05
C LYS G 21 19.45 8.46 50.98
N ILE G 22 20.21 7.86 50.06
CA ILE G 22 20.84 8.66 49.00
C ILE G 22 19.78 9.23 48.06
N PHE G 23 18.73 8.46 47.79
CA PHE G 23 17.63 8.93 46.96
C PHE G 23 16.94 10.12 47.60
N THR G 24 16.70 10.05 48.92
CA THR G 24 16.09 11.18 49.62
C THR G 24 16.99 12.39 49.58
N SER G 25 18.30 12.21 49.79
CA SER G 25 19.22 13.35 49.72
C SER G 25 19.17 13.98 48.33
N SER G 26 19.20 13.16 47.29
CA SER G 26 19.20 13.69 45.93
C SER G 26 17.87 14.37 45.60
N ILE G 27 16.75 13.79 46.03
CA ILE G 27 15.46 14.36 45.66
C ILE G 27 15.19 15.62 46.46
N LEU G 28 15.67 15.70 47.71
CA LEU G 28 15.61 16.95 48.44
C LEU G 28 16.47 18.02 47.79
N VAL G 29 17.67 17.66 47.31
CA VAL G 29 18.49 18.64 46.58
C VAL G 29 17.75 19.13 45.34
N PHE G 30 17.17 18.19 44.59
CA PHE G 30 16.43 18.53 43.38
C PHE G 30 15.27 19.46 43.68
N PHE G 31 14.46 19.13 44.69
CA PHE G 31 13.31 19.96 45.01
C PHE G 31 13.74 21.31 45.55
N GLY G 32 14.80 21.36 46.34
CA GLY G 32 15.27 22.63 46.85
C GLY G 32 15.72 23.56 45.74
N VAL G 33 16.51 23.03 44.79
CA VAL G 33 16.98 23.88 43.71
C VAL G 33 15.83 24.27 42.79
N ALA G 34 14.88 23.36 42.56
CA ALA G 34 13.72 23.69 41.74
C ALA G 34 12.86 24.77 42.41
N ALA G 35 12.71 24.69 43.73
CA ALA G 35 11.94 25.71 44.45
C ALA G 35 12.65 27.05 44.42
N PHE G 36 13.98 27.05 44.55
CA PHE G 36 14.73 28.29 44.40
C PHE G 36 14.55 28.88 43.01
N ALA G 37 14.58 28.03 41.98
CA ALA G 37 14.34 28.48 40.62
C ALA G 37 12.95 29.09 40.47
N HIS G 38 11.94 28.42 41.02
CA HIS G 38 10.58 28.93 40.94
C HIS G 38 10.42 30.24 41.70
N LEU G 39 11.10 30.37 42.84
CA LEU G 39 11.07 31.63 43.58
C LEU G 39 11.67 32.75 42.76
N LEU G 40 12.82 32.50 42.12
CA LEU G 40 13.42 33.52 41.28
C LEU G 40 12.52 33.89 40.11
N VAL G 41 11.88 32.89 39.49
CA VAL G 41 10.98 33.16 38.39
C VAL G 41 9.80 34.01 38.86
N TRP G 42 9.25 33.68 40.04
CA TRP G 42 8.14 34.44 40.58
C TRP G 42 8.53 35.88 40.87
N ILE G 43 9.73 36.08 41.44
CA ILE G 43 10.23 37.45 41.64
C ILE G 43 10.34 38.17 40.32
N TRP G 44 10.74 37.45 39.26
CA TRP G 44 10.79 38.06 37.95
C TRP G 44 9.39 38.31 37.40
N ARG G 45 8.61 37.26 37.19
CA ARG G 45 7.26 37.39 36.65
C ARG G 45 6.32 36.37 37.26
N PRO G 46 5.38 36.79 38.09
CA PRO G 46 4.43 35.84 38.68
C PRO G 46 3.50 35.24 37.62
N TRP G 47 3.05 34.02 37.89
CA TRP G 47 2.24 33.26 36.94
C TRP G 47 0.83 32.99 37.44
N VAL G 48 0.35 33.78 38.39
CA VAL G 48 -1.01 33.67 38.89
C VAL G 48 -1.73 34.98 38.60
N PRO G 49 -2.53 35.02 37.54
CA PRO G 49 -3.18 36.28 37.16
C PRO G 49 -4.20 36.74 38.17
N GLY G 50 -4.31 38.06 38.32
CA GLY G 50 -5.27 38.64 39.21
C GLY G 50 -6.64 38.74 38.57
N PRO G 51 -7.59 39.31 39.32
CA PRO G 51 -8.96 39.43 38.81
C PRO G 51 -9.07 40.28 37.56
N ASN G 52 -8.11 41.18 37.31
CA ASN G 52 -8.08 42.01 36.11
C ASN G 52 -7.04 41.53 35.11
N GLY G 53 -6.53 40.31 35.28
CA GLY G 53 -5.53 39.78 34.39
C GLY G 53 -4.11 40.11 34.82
N TYR G 54 -3.25 40.38 33.83
CA TYR G 54 -1.85 40.70 34.07
C TYR G 54 -1.62 42.20 33.99
N SER G 55 -0.93 42.73 35.00
CA SER G 55 -0.54 44.13 35.03
C SER G 55 0.70 44.30 35.89
N TRP H 2 -8.08 -4.83 51.55
CA TRP H 2 -6.65 -5.13 51.43
C TRP H 2 -6.41 -6.31 50.49
N ARG H 3 -7.50 -6.95 50.06
CA ARG H 3 -7.41 -8.14 49.23
C ARG H 3 -7.17 -7.84 47.76
N ILE H 4 -7.36 -6.60 47.33
CA ILE H 4 -7.21 -6.27 45.90
C ILE H 4 -5.80 -6.58 45.43
N TRP H 5 -4.81 -6.44 46.31
CA TRP H 5 -3.41 -6.69 45.98
C TRP H 5 -3.11 -8.17 45.80
N GLN H 6 -4.00 -9.06 46.26
CA GLN H 6 -3.88 -10.46 45.89
C GLN H 6 -4.32 -10.69 44.45
N LEU H 7 -5.19 -9.83 43.92
CA LEU H 7 -5.58 -9.94 42.52
C LEU H 7 -4.49 -9.39 41.58
N PHE H 8 -3.83 -8.30 41.99
CA PHE H 8 -2.95 -7.56 41.12
C PHE H 8 -1.55 -7.48 41.71
N ASP H 9 -0.55 -7.64 40.85
CA ASP H 9 0.82 -7.41 41.25
C ASP H 9 0.96 -5.96 41.73
N PRO H 10 1.42 -5.72 42.96
CA PRO H 10 1.57 -4.33 43.42
C PRO H 10 2.43 -3.47 42.51
N ARG H 11 3.45 -4.05 41.87
CA ARG H 11 4.21 -3.28 40.88
C ARG H 11 3.33 -2.90 39.70
N GLN H 12 2.55 -3.85 39.18
CA GLN H 12 1.65 -3.54 38.08
C GLN H 12 0.65 -2.46 38.47
N ALA H 13 0.01 -2.63 39.63
CA ALA H 13 -0.98 -1.66 40.08
C ALA H 13 -0.36 -0.29 40.26
N LEU H 14 0.81 -0.24 40.90
CA LEU H 14 1.42 1.06 41.21
C LEU H 14 1.87 1.78 39.94
N VAL H 15 2.54 1.06 39.03
CA VAL H 15 3.01 1.71 37.82
C VAL H 15 1.85 2.13 36.94
N GLY H 16 0.84 1.26 36.78
CA GLY H 16 -0.33 1.64 36.01
C GLY H 16 -1.06 2.82 36.60
N LEU H 17 -1.20 2.86 37.93
CA LEU H 17 -1.88 3.97 38.58
C LEU H 17 -1.10 5.26 38.41
N ALA H 18 0.23 5.20 38.53
CA ALA H 18 1.03 6.40 38.33
C ALA H 18 0.92 6.90 36.89
N THR H 19 0.94 5.99 35.93
CA THR H 19 0.77 6.37 34.53
C THR H 19 -0.60 7.02 34.30
N PHE H 20 -1.66 6.37 34.79
CA PHE H 20 -3.01 6.90 34.60
C PHE H 20 -3.17 8.26 35.25
N LEU H 21 -2.64 8.42 36.47
CA LEU H 21 -2.76 9.68 37.18
C LEU H 21 -1.98 10.79 36.49
N PHE H 22 -0.76 10.50 36.03
CA PHE H 22 0.00 11.54 35.33
C PHE H 22 -0.66 11.93 34.02
N VAL H 23 -1.16 10.95 33.26
CA VAL H 23 -1.81 11.28 32.00
C VAL H 23 -3.08 12.09 32.24
N LEU H 24 -3.86 11.71 33.25
CA LEU H 24 -5.06 12.47 33.57
C LEU H 24 -4.72 13.88 34.02
N ALA H 25 -3.68 14.03 34.84
CA ALA H 25 -3.26 15.35 35.29
C ALA H 25 -2.82 16.23 34.11
N LEU H 26 -2.06 15.65 33.19
CA LEU H 26 -1.66 16.37 31.99
C LEU H 26 -2.88 16.77 31.17
N LEU H 27 -3.84 15.86 31.04
CA LEU H 27 -5.07 16.14 30.31
C LEU H 27 -5.81 17.33 30.91
N ILE H 28 -5.99 17.30 32.23
CA ILE H 28 -6.72 18.37 32.90
C ILE H 28 -5.97 19.70 32.78
N HIS H 29 -4.65 19.67 32.94
CA HIS H 29 -3.87 20.89 32.82
C HIS H 29 -4.00 21.49 31.42
N PHE H 30 -3.93 20.65 30.39
CA PHE H 30 -4.06 21.15 29.03
C PHE H 30 -5.46 21.68 28.76
N ILE H 31 -6.48 21.03 29.31
CA ILE H 31 -7.85 21.51 29.14
C ILE H 31 -8.00 22.88 29.78
N LEU H 32 -7.43 23.08 30.97
CA LEU H 32 -7.44 24.39 31.59
C LEU H 32 -6.65 25.41 30.79
N LEU H 33 -5.53 24.98 30.20
CA LEU H 33 -4.74 25.89 29.37
C LEU H 33 -5.51 26.33 28.13
N SER H 34 -6.42 25.47 27.63
CA SER H 34 -7.20 25.83 26.46
C SER H 34 -8.27 26.87 26.76
N THR H 35 -8.74 26.96 28.01
CA THR H 35 -9.79 27.91 28.36
C THR H 35 -9.23 29.33 28.43
N GLU H 36 -10.13 30.30 28.24
CA GLU H 36 -9.73 31.69 28.39
C GLU H 36 -9.61 32.09 29.85
N ARG H 37 -10.36 31.44 30.74
CA ARG H 37 -10.44 31.87 32.13
C ARG H 37 -9.36 31.23 32.99
N PHE H 38 -9.16 29.93 32.85
CA PHE H 38 -8.25 29.19 33.71
C PHE H 38 -6.85 29.07 33.13
N ASN H 39 -6.58 29.66 31.98
CA ASN H 39 -5.23 29.68 31.44
C ASN H 39 -4.41 30.67 32.28
N TRP H 40 -3.52 30.14 33.12
CA TRP H 40 -2.74 30.95 34.02
C TRP H 40 -1.50 31.56 33.37
N LEU H 41 -1.19 31.20 32.13
CA LEU H 41 0.02 31.69 31.50
C LEU H 41 -0.20 32.95 30.67
N GLU H 42 -1.31 33.03 29.91
CA GLU H 42 -1.70 34.32 29.36
C GLU H 42 -2.55 35.13 30.32
N GLY H 43 -3.30 34.47 31.20
CA GLY H 43 -3.98 35.15 32.28
C GLY H 43 -5.00 36.18 31.85
N ALA H 44 -5.93 35.78 30.99
CA ALA H 44 -6.98 36.70 30.58
C ALA H 44 -7.81 37.12 31.79
N SER H 45 -8.27 38.37 31.76
CA SER H 45 -8.98 38.93 32.90
C SER H 45 -10.30 38.20 33.13
N THR H 46 -10.71 38.15 34.40
CA THR H 46 -12.00 37.57 34.74
C THR H 46 -13.14 38.34 34.07
N LYS H 47 -13.04 39.66 34.05
CA LYS H 47 -14.07 40.52 33.47
C LYS H 47 -14.28 40.23 31.98
N ILE I 11 0.68 -13.09 46.15
CA ILE I 11 1.48 -12.73 47.31
C ILE I 11 0.80 -13.20 48.59
N THR I 12 1.58 -13.25 49.67
CA THR I 12 1.03 -13.65 50.96
C THR I 12 0.15 -12.55 51.52
N GLU I 13 -0.64 -12.91 52.53
CA GLU I 13 -1.61 -11.98 53.08
C GLU I 13 -0.96 -10.89 53.94
N GLY I 14 0.13 -11.24 54.65
CA GLY I 14 0.78 -10.24 55.49
C GLY I 14 1.37 -9.10 54.69
N GLU I 15 2.08 -9.42 53.61
CA GLU I 15 2.64 -8.37 52.77
C GLU I 15 1.54 -7.59 52.06
N ALA I 16 0.43 -8.24 51.73
CA ALA I 16 -0.71 -7.54 51.17
C ALA I 16 -1.28 -6.53 52.15
N LYS I 17 -1.42 -6.92 53.42
CA LYS I 17 -1.93 -6.00 54.44
C LYS I 17 -0.98 -4.83 54.64
N GLU I 18 0.33 -5.10 54.67
CA GLU I 18 1.29 -4.01 54.83
C GLU I 18 1.27 -3.07 53.63
N PHE I 19 1.21 -3.61 52.42
CA PHE I 19 1.10 -2.79 51.23
C PHE I 19 -0.18 -1.96 51.28
N HIS I 20 -1.27 -2.55 51.76
CA HIS I 20 -2.51 -1.79 51.85
C HIS I 20 -2.40 -0.64 52.84
N LYS I 21 -1.73 -0.86 53.97
CA LYS I 21 -1.54 0.22 54.93
C LYS I 21 -0.74 1.36 54.32
N ILE I 22 0.38 1.03 53.67
CA ILE I 22 1.21 2.06 53.07
C ILE I 22 0.44 2.77 51.95
N PHE I 23 -0.30 2.01 51.14
CA PHE I 23 -1.10 2.58 50.07
C PHE I 23 -2.17 3.52 50.59
N THR I 24 -2.82 3.14 51.70
CA THR I 24 -3.84 4.00 52.29
C THR I 24 -3.24 5.30 52.79
N SER I 25 -2.09 5.23 53.46
CA SER I 25 -1.44 6.46 53.90
C SER I 25 -1.03 7.34 52.73
N SER I 26 -0.49 6.72 51.68
CA SER I 26 -0.03 7.49 50.53
C SER I 26 -1.19 8.15 49.79
N ILE I 27 -2.29 7.41 49.60
CA ILE I 27 -3.43 8.00 48.91
C ILE I 27 -4.08 9.07 49.79
N LEU I 28 -4.03 8.92 51.10
CA LEU I 28 -4.53 9.98 51.97
C LEU I 28 -3.71 11.25 51.79
N VAL I 29 -2.38 11.12 51.77
CA VAL I 29 -1.54 12.30 51.58
C VAL I 29 -1.77 12.91 50.20
N PHE I 30 -1.86 12.07 49.16
CA PHE I 30 -2.09 12.57 47.82
C PHE I 30 -3.42 13.30 47.72
N PHE I 31 -4.48 12.73 48.28
CA PHE I 31 -5.80 13.36 48.22
C PHE I 31 -5.82 14.66 49.02
N GLY I 32 -5.14 14.68 50.18
CA GLY I 32 -5.08 15.91 50.95
C GLY I 32 -4.35 17.02 50.22
N VAL I 33 -3.21 16.71 49.62
CA VAL I 33 -2.46 17.73 48.88
C VAL I 33 -3.24 18.19 47.65
N ALA I 34 -3.91 17.26 46.96
CA ALA I 34 -4.72 17.64 45.82
C ALA I 34 -5.90 18.52 46.22
N ALA I 35 -6.54 18.20 47.37
CA ALA I 35 -7.64 19.02 47.85
C ALA I 35 -7.15 20.40 48.26
N PHE I 36 -5.96 20.47 48.86
CA PHE I 36 -5.36 21.75 49.19
C PHE I 36 -5.14 22.58 47.93
N ALA I 37 -4.59 21.95 46.89
CA ALA I 37 -4.38 22.64 45.61
C ALA I 37 -5.70 23.11 45.02
N HIS I 38 -6.73 22.27 45.10
CA HIS I 38 -8.04 22.65 44.58
C HIS I 38 -8.62 23.83 45.34
N LEU I 39 -8.42 23.86 46.66
CA LEU I 39 -8.89 25.00 47.45
C LEU I 39 -8.19 26.28 47.05
N LEU I 40 -6.86 26.22 46.84
CA LEU I 40 -6.16 27.42 46.37
C LEU I 40 -6.65 27.86 45.00
N VAL I 41 -6.88 26.90 44.09
CA VAL I 41 -7.39 27.29 42.78
C VAL I 41 -8.77 27.91 42.90
N TRP I 42 -9.63 27.35 43.76
CA TRP I 42 -10.96 27.93 43.97
C TRP I 42 -10.87 29.34 44.50
N ILE I 43 -9.97 29.58 45.46
CA ILE I 43 -9.75 30.93 45.95
C ILE I 43 -9.29 31.83 44.81
N TRP I 44 -8.39 31.34 43.96
CA TRP I 44 -7.94 32.13 42.82
C TRP I 44 -9.08 32.39 41.84
N ARG I 45 -9.69 31.31 41.33
CA ARG I 45 -10.82 31.44 40.41
C ARG I 45 -11.75 30.24 40.54
N PRO I 46 -12.95 30.41 41.10
CA PRO I 46 -13.89 29.28 41.19
C PRO I 46 -14.36 28.84 39.81
N TRP I 47 -14.62 27.54 39.68
CA TRP I 47 -14.95 26.95 38.39
C TRP I 47 -16.42 26.58 38.25
N VAL I 48 -17.27 26.97 39.20
CA VAL I 48 -18.70 26.71 39.10
C VAL I 48 -19.39 28.06 38.85
N PRO I 49 -19.94 28.28 37.66
CA PRO I 49 -20.52 29.58 37.34
C PRO I 49 -21.91 29.76 37.93
N GLY I 50 -22.36 31.01 37.94
CA GLY I 50 -23.65 31.36 38.45
C GLY I 50 -24.67 31.55 37.34
N PRO I 51 -25.86 32.06 37.70
CA PRO I 51 -26.91 32.25 36.68
C PRO I 51 -26.49 33.14 35.52
N ASN I 52 -25.71 34.19 35.78
CA ASN I 52 -25.24 35.08 34.73
C ASN I 52 -23.92 34.64 34.12
N GLY I 53 -23.26 33.64 34.70
CA GLY I 53 -21.96 33.22 34.23
C GLY I 53 -20.88 33.51 35.25
N TYR I 54 -19.73 33.98 34.79
CA TYR I 54 -18.62 34.30 35.68
C TYR I 54 -18.49 35.80 35.95
N SER I 55 -18.72 36.63 34.94
CA SER I 55 -18.59 38.07 35.09
C SER I 55 -19.36 38.80 33.99
N TRP J 2 -24.26 -13.61 43.76
CA TRP J 2 -22.84 -13.77 44.05
C TRP J 2 -22.21 -14.84 43.17
N ARG J 3 -23.02 -15.57 42.43
CA ARG J 3 -22.54 -16.61 41.54
C ARG J 3 -22.08 -16.06 40.20
N ILE J 4 -22.28 -14.76 39.93
CA ILE J 4 -21.81 -14.16 38.69
C ILE J 4 -20.30 -14.31 38.58
N TRP J 5 -19.58 -14.22 39.70
CA TRP J 5 -18.14 -14.38 39.71
C TRP J 5 -17.70 -15.82 39.52
N GLN J 6 -18.61 -16.78 39.62
CA GLN J 6 -18.30 -18.13 39.17
C GLN J 6 -18.28 -18.22 37.65
N LEU J 7 -18.93 -17.29 36.96
CA LEU J 7 -18.88 -17.23 35.50
C LEU J 7 -17.81 -16.27 35.00
N PHE J 8 -17.67 -15.12 35.64
CA PHE J 8 -16.73 -14.09 35.20
C PHE J 8 -15.56 -14.01 36.16
N ASP J 9 -14.36 -13.97 35.60
CA ASP J 9 -13.15 -13.83 36.39
C ASP J 9 -13.16 -12.49 37.12
N PRO J 10 -13.06 -12.48 38.45
CA PRO J 10 -13.10 -11.19 39.16
C PRO J 10 -12.05 -10.20 38.71
N ARG J 11 -10.83 -10.65 38.42
CA ARG J 11 -9.79 -9.71 37.98
C ARG J 11 -10.13 -9.12 36.61
N GLN J 12 -10.43 -9.97 35.63
CA GLN J 12 -10.74 -9.49 34.29
C GLN J 12 -12.01 -8.65 34.29
N ALA J 13 -13.05 -9.11 34.99
CA ALA J 13 -14.30 -8.36 35.04
C ALA J 13 -14.11 -7.02 35.73
N LEU J 14 -13.33 -6.97 36.80
CA LEU J 14 -13.10 -5.72 37.50
C LEU J 14 -12.30 -4.75 36.66
N VAL J 15 -11.28 -5.23 35.95
CA VAL J 15 -10.50 -4.35 35.08
C VAL J 15 -11.38 -3.82 33.95
N GLY J 16 -12.16 -4.69 33.32
CA GLY J 16 -13.04 -4.23 32.25
C GLY J 16 -14.08 -3.25 32.73
N LEU J 17 -14.64 -3.50 33.91
CA LEU J 17 -15.61 -2.58 34.50
C LEU J 17 -14.98 -1.23 34.78
N ALA J 18 -13.77 -1.22 35.34
CA ALA J 18 -13.08 0.04 35.62
C ALA J 18 -12.83 0.82 34.34
N THR J 19 -12.31 0.16 33.30
CA THR J 19 -12.03 0.85 32.05
C THR J 19 -13.31 1.37 31.40
N PHE J 20 -14.36 0.55 31.38
CA PHE J 20 -15.63 0.98 30.79
C PHE J 20 -16.21 2.17 31.53
N LEU J 21 -16.19 2.14 32.86
CA LEU J 21 -16.69 3.26 33.63
C LEU J 21 -15.86 4.52 33.39
N PHE J 22 -14.54 4.38 33.29
CA PHE J 22 -13.72 5.55 33.03
C PHE J 22 -14.03 6.16 31.67
N VAL J 23 -14.16 5.34 30.63
CA VAL J 23 -14.47 5.89 29.31
C VAL J 23 -15.85 6.50 29.29
N LEU J 24 -16.83 5.87 29.95
CA LEU J 24 -18.17 6.44 30.01
C LEU J 24 -18.16 7.78 30.72
N ALA J 25 -17.47 7.87 31.86
CA ALA J 25 -17.39 9.11 32.60
C ALA J 25 -16.71 10.20 31.77
N LEU J 26 -15.63 9.85 31.10
CA LEU J 26 -14.91 10.81 30.27
C LEU J 26 -15.80 11.33 29.14
N LEU J 27 -16.54 10.43 28.50
CA LEU J 27 -17.43 10.84 27.42
C LEU J 27 -18.56 11.73 27.93
N ILE J 28 -19.14 11.38 29.08
CA ILE J 28 -20.21 12.21 29.65
C ILE J 28 -19.67 13.59 30.00
N HIS J 29 -18.45 13.65 30.56
CA HIS J 29 -17.86 14.93 30.90
C HIS J 29 -17.64 15.79 29.66
N PHE J 30 -17.12 15.18 28.58
CA PHE J 30 -16.89 15.95 27.37
C PHE J 30 -18.20 16.37 26.71
N ILE J 31 -19.23 15.54 26.81
CA ILE J 31 -20.55 15.92 26.31
C ILE J 31 -21.10 17.12 27.06
N LEU J 32 -20.95 17.11 28.39
CA LEU J 32 -21.41 18.25 29.17
C LEU J 32 -20.59 19.49 28.85
N LEU J 33 -19.29 19.32 28.64
CA LEU J 33 -18.44 20.45 28.24
C LEU J 33 -18.89 21.03 26.91
N SER J 34 -19.29 20.18 25.98
CA SER J 34 -19.73 20.67 24.67
C SER J 34 -20.98 21.54 24.78
N THR J 35 -21.90 21.17 25.66
CA THR J 35 -23.14 21.93 25.79
C THR J 35 -22.85 23.32 26.36
N GLU J 36 -23.72 24.27 26.03
CA GLU J 36 -23.56 25.63 26.55
C GLU J 36 -23.93 25.70 28.03
N ARG J 37 -25.02 25.04 28.42
CA ARG J 37 -25.55 25.21 29.76
C ARG J 37 -24.64 24.60 30.82
N PHE J 38 -24.06 23.44 30.54
CA PHE J 38 -23.33 22.68 31.55
C PHE J 38 -21.83 22.75 31.39
N ASN J 39 -21.32 23.61 30.51
CA ASN J 39 -19.89 23.83 30.40
C ASN J 39 -19.47 24.70 31.58
N TRP J 40 -18.65 24.14 32.46
CA TRP J 40 -18.24 24.83 33.67
C TRP J 40 -16.92 25.56 33.53
N LEU J 41 -16.36 25.62 32.32
CA LEU J 41 -15.10 26.30 32.06
C LEU J 41 -15.30 27.68 31.44
N GLU J 42 -16.16 27.78 30.42
CA GLU J 42 -16.57 29.10 29.96
C GLU J 42 -17.57 29.74 30.91
N GLY J 43 -18.52 28.95 31.42
CA GLY J 43 -19.55 29.50 32.28
C GLY J 43 -20.44 30.50 31.56
N ALA J 44 -21.19 30.02 30.58
CA ALA J 44 -22.15 30.88 29.89
C ALA J 44 -23.39 31.09 30.76
N SER J 45 -24.12 32.15 30.45
CA SER J 45 -25.32 32.48 31.21
C SER J 45 -26.45 31.51 30.91
N THR J 46 -27.28 31.25 31.92
CA THR J 46 -28.48 30.45 31.71
C THR J 46 -29.44 31.14 30.75
N LYS J 47 -29.64 32.45 30.91
CA LYS J 47 -30.46 33.21 29.99
C LYS J 47 -29.69 33.51 28.71
N ILE K 11 -13.59 -20.67 39.45
CA ILE K 11 -12.89 -20.53 40.73
C ILE K 11 -13.78 -21.05 41.86
N THR K 12 -13.16 -21.39 42.98
CA THR K 12 -13.87 -22.01 44.08
C THR K 12 -14.77 -21.01 44.80
N GLU K 13 -15.89 -21.52 45.32
CA GLU K 13 -16.91 -20.67 45.93
C GLU K 13 -16.43 -20.00 47.22
N GLY K 14 -15.35 -20.50 47.82
CA GLY K 14 -14.94 -20.00 49.13
C GLY K 14 -14.70 -18.50 49.16
N GLU K 15 -14.31 -17.92 48.03
CA GLU K 15 -14.15 -16.48 47.91
C GLU K 15 -15.16 -15.83 46.97
N ALA K 16 -16.04 -16.62 46.35
CA ALA K 16 -17.11 -16.05 45.53
C ALA K 16 -17.94 -15.06 46.35
N LYS K 17 -18.23 -15.40 47.60
CA LYS K 17 -18.84 -14.44 48.51
C LYS K 17 -17.84 -13.41 49.01
N GLU K 18 -16.59 -13.83 49.25
CA GLU K 18 -15.58 -12.90 49.76
C GLU K 18 -15.35 -11.75 48.79
N PHE K 19 -15.35 -12.03 47.49
CA PHE K 19 -15.38 -10.95 46.51
C PHE K 19 -16.69 -10.19 46.59
N HIS K 20 -17.81 -10.91 46.57
CA HIS K 20 -19.11 -10.27 46.42
C HIS K 20 -19.37 -9.29 47.55
N LYS K 21 -19.11 -9.70 48.79
CA LYS K 21 -19.35 -8.82 49.93
C LYS K 21 -18.59 -7.50 49.76
N ILE K 22 -17.38 -7.56 49.23
CA ILE K 22 -16.66 -6.32 48.95
C ILE K 22 -17.30 -5.62 47.76
N PHE K 23 -17.56 -6.35 46.68
CA PHE K 23 -18.09 -5.74 45.46
C PHE K 23 -19.40 -5.04 45.75
N THR K 24 -20.37 -5.76 46.30
CA THR K 24 -21.68 -5.16 46.58
C THR K 24 -21.57 -4.00 47.55
N SER K 25 -20.48 -3.92 48.32
CA SER K 25 -20.26 -2.74 49.13
C SER K 25 -19.62 -1.64 48.31
N SER K 26 -18.53 -1.96 47.60
CA SER K 26 -17.79 -0.93 46.89
C SER K 26 -18.67 -0.24 45.86
N ILE K 27 -19.41 -1.02 45.05
CA ILE K 27 -20.33 -0.42 44.10
C ILE K 27 -21.28 0.52 44.82
N LEU K 28 -21.83 0.08 45.96
CA LEU K 28 -22.71 0.95 46.74
C LEU K 28 -22.01 2.26 47.06
N VAL K 29 -20.79 2.17 47.62
CA VAL K 29 -20.05 3.38 47.94
C VAL K 29 -19.90 4.23 46.69
N PHE K 30 -19.55 3.59 45.56
CA PHE K 30 -19.42 4.32 44.31
C PHE K 30 -20.72 5.06 44.01
N PHE K 31 -21.85 4.34 44.02
CA PHE K 31 -23.12 5.00 43.78
C PHE K 31 -23.36 6.07 44.84
N GLY K 32 -23.05 5.75 46.10
CA GLY K 32 -23.26 6.71 47.17
C GLY K 32 -22.50 8.00 46.94
N VAL K 33 -21.36 7.92 46.25
CA VAL K 33 -20.66 9.14 45.88
C VAL K 33 -21.32 9.78 44.67
N ALA K 34 -21.55 8.97 43.62
CA ALA K 34 -21.99 9.53 42.35
C ALA K 34 -23.33 10.23 42.47
N ALA K 35 -24.30 9.57 43.12
CA ALA K 35 -25.58 10.21 43.37
C ALA K 35 -25.39 11.54 44.10
N PHE K 36 -24.54 11.54 45.13
CA PHE K 36 -24.24 12.78 45.82
C PHE K 36 -23.82 13.85 44.82
N ALA K 37 -22.86 13.52 43.96
CA ALA K 37 -22.41 14.47 42.93
C ALA K 37 -23.60 14.99 42.14
N HIS K 38 -24.46 14.09 41.66
CA HIS K 38 -25.60 14.51 40.87
C HIS K 38 -26.49 15.47 41.65
N LEU K 39 -26.72 15.21 42.94
CA LEU K 39 -27.55 16.10 43.72
C LEU K 39 -26.97 17.51 43.68
N LEU K 40 -25.66 17.64 43.87
CA LEU K 40 -25.04 18.96 43.81
C LEU K 40 -25.28 19.61 42.46
N VAL K 41 -25.14 18.84 41.38
CA VAL K 41 -25.36 19.40 40.05
C VAL K 41 -26.80 19.88 39.92
N TRP K 42 -27.75 19.13 40.48
CA TRP K 42 -29.14 19.56 40.41
C TRP K 42 -29.35 20.85 41.19
N ILE K 43 -28.60 21.03 42.29
CA ILE K 43 -28.68 22.28 43.03
C ILE K 43 -28.11 23.42 42.20
N TRP K 44 -27.13 23.10 41.35
CA TRP K 44 -26.49 24.12 40.52
C TRP K 44 -27.30 24.39 39.25
N ARG K 45 -27.47 23.38 38.42
CA ARG K 45 -28.20 23.52 37.16
C ARG K 45 -28.93 22.23 36.83
N PRO K 46 -30.25 22.21 36.97
CA PRO K 46 -31.01 20.99 36.63
C PRO K 46 -30.93 20.68 35.15
N TRP K 47 -31.00 19.39 34.82
CA TRP K 47 -30.89 18.96 33.44
C TRP K 47 -32.21 18.43 32.88
N VAL K 48 -33.33 18.85 33.45
CA VAL K 48 -34.65 18.51 32.92
C VAL K 48 -35.39 19.81 32.64
N PRO K 49 -35.47 20.22 31.37
CA PRO K 49 -36.10 21.50 31.05
C PRO K 49 -37.61 21.46 31.24
N GLY K 50 -38.19 22.65 31.40
CA GLY K 50 -39.62 22.80 31.52
C GLY K 50 -40.27 23.07 30.18
N PRO K 51 -41.59 23.32 30.20
CA PRO K 51 -42.30 23.50 28.93
C PRO K 51 -41.81 24.66 28.10
N ASN K 52 -41.29 25.72 28.72
CA ASN K 52 -40.80 26.88 28.00
C ASN K 52 -39.30 26.84 27.77
N GLY K 53 -38.67 25.69 27.98
CA GLY K 53 -37.24 25.57 27.86
C GLY K 53 -36.53 25.94 29.14
N TYR K 54 -35.20 25.91 29.08
CA TYR K 54 -34.40 26.26 30.24
C TYR K 54 -34.57 27.74 30.56
N SER K 55 -34.87 28.04 31.82
CA SER K 55 -35.03 29.41 32.29
C SER K 55 -36.06 30.19 31.48
N TRP L 2 -36.69 -22.59 30.81
CA TRP L 2 -35.37 -22.74 31.40
C TRP L 2 -34.43 -23.53 30.50
N ARG L 3 -35.00 -24.24 29.54
CA ARG L 3 -34.23 -25.10 28.66
C ARG L 3 -33.47 -24.33 27.59
N ILE L 4 -33.77 -23.04 27.40
CA ILE L 4 -33.02 -22.26 26.42
C ILE L 4 -31.56 -22.16 26.81
N TRP L 5 -31.28 -22.08 28.11
CA TRP L 5 -29.90 -22.10 28.60
C TRP L 5 -29.24 -23.46 28.45
N GLN L 6 -30.02 -24.49 28.11
CA GLN L 6 -29.42 -25.72 27.60
C GLN L 6 -28.68 -25.46 26.30
N LEU L 7 -29.30 -24.71 25.39
CA LEU L 7 -28.72 -24.46 24.07
C LEU L 7 -27.60 -23.41 24.11
N PHE L 8 -27.73 -22.42 24.98
CA PHE L 8 -26.82 -21.28 24.99
C PHE L 8 -26.10 -21.20 26.32
N ASP L 9 -24.80 -20.95 26.26
CA ASP L 9 -23.99 -20.87 27.47
C ASP L 9 -24.33 -19.61 28.25
N PRO L 10 -24.62 -19.71 29.55
CA PRO L 10 -24.89 -18.51 30.35
C PRO L 10 -23.87 -17.39 30.20
N ARG L 11 -22.58 -17.72 30.06
CA ARG L 11 -21.56 -16.67 30.09
C ARG L 11 -21.52 -15.88 28.78
N GLN L 12 -21.43 -16.58 27.65
CA GLN L 12 -21.49 -15.89 26.36
C GLN L 12 -22.83 -15.18 26.17
N ALA L 13 -23.92 -15.81 26.59
CA ALA L 13 -25.21 -15.14 26.48
C ALA L 13 -25.22 -13.85 27.30
N LEU L 14 -24.67 -13.90 28.51
CA LEU L 14 -24.64 -12.72 29.36
C LEU L 14 -23.81 -11.61 28.73
N VAL L 15 -22.60 -11.93 28.25
CA VAL L 15 -21.77 -10.88 27.69
C VAL L 15 -22.38 -10.31 26.42
N GLY L 16 -22.91 -11.17 25.54
CA GLY L 16 -23.51 -10.69 24.33
C GLY L 16 -24.72 -9.80 24.59
N LEU L 17 -25.59 -10.23 25.50
CA LEU L 17 -26.76 -9.43 25.83
C LEU L 17 -26.37 -8.12 26.51
N ALA L 18 -25.33 -8.14 27.34
CA ALA L 18 -24.87 -6.92 27.99
C ALA L 18 -24.38 -5.90 26.97
N THR L 19 -23.52 -6.35 26.04
CA THR L 19 -23.04 -5.43 25.00
C THR L 19 -24.19 -4.94 24.12
N PHE L 20 -25.11 -5.84 23.76
CA PHE L 20 -26.24 -5.43 22.93
C PHE L 20 -27.08 -4.38 23.63
N LEU L 21 -27.40 -4.60 24.90
CA LEU L 21 -28.23 -3.66 25.63
C LEU L 21 -27.54 -2.31 25.78
N PHE L 22 -26.24 -2.32 26.09
CA PHE L 22 -25.53 -1.06 26.24
C PHE L 22 -25.45 -0.30 24.92
N VAL L 23 -25.18 -0.99 23.82
CA VAL L 23 -25.10 -0.33 22.53
C VAL L 23 -26.46 0.22 22.13
N LEU L 24 -27.53 -0.54 22.35
CA LEU L 24 -28.87 -0.05 22.05
C LEU L 24 -29.23 1.16 22.89
N ALA L 25 -28.87 1.14 24.19
CA ALA L 25 -29.15 2.27 25.05
C ALA L 25 -28.39 3.51 24.58
N LEU L 26 -27.12 3.34 24.22
CA LEU L 26 -26.35 4.47 23.68
C LEU L 26 -26.99 5.01 22.41
N LEU L 27 -27.40 4.12 21.51
CA LEU L 27 -28.00 4.55 20.26
C LEU L 27 -29.29 5.33 20.50
N ILE L 28 -30.15 4.84 21.40
CA ILE L 28 -31.40 5.53 21.68
C ILE L 28 -31.12 6.88 22.32
N HIS L 29 -30.15 6.94 23.24
CA HIS L 29 -29.81 8.20 23.88
C HIS L 29 -29.27 9.21 22.89
N PHE L 30 -28.42 8.77 21.96
CA PHE L 30 -27.90 9.67 20.93
C PHE L 30 -29.00 10.15 20.00
N ILE L 31 -29.95 9.26 19.65
CA ILE L 31 -31.09 9.68 18.86
C ILE L 31 -31.89 10.76 19.59
N LEU L 32 -32.13 10.55 20.89
CA LEU L 32 -32.89 11.54 21.66
C LEU L 32 -32.15 12.87 21.72
N LEU L 33 -30.84 12.84 21.94
CA LEU L 33 -30.05 14.05 21.89
C LEU L 33 -30.07 14.71 20.51
N SER L 34 -30.30 13.93 19.46
CA SER L 34 -30.39 14.50 18.12
C SER L 34 -31.72 15.20 17.88
N THR L 35 -32.79 14.80 18.57
CA THR L 35 -34.08 15.43 18.40
C THR L 35 -34.17 16.72 19.21
N GLU L 36 -34.83 17.72 18.65
CA GLU L 36 -34.95 19.00 19.34
C GLU L 36 -35.82 18.89 20.60
N ARG L 37 -36.93 18.15 20.51
CA ARG L 37 -37.85 18.09 21.63
C ARG L 37 -37.24 17.37 22.83
N PHE L 38 -36.47 16.31 22.59
CA PHE L 38 -36.03 15.43 23.65
C PHE L 38 -34.55 15.60 24.00
N ASN L 39 -33.89 16.61 23.46
CA ASN L 39 -32.53 16.94 23.89
C ASN L 39 -32.62 17.62 25.24
N TRP L 40 -32.31 16.87 26.30
CA TRP L 40 -32.37 17.40 27.65
C TRP L 40 -31.18 18.28 28.01
N LEU L 41 -30.18 18.38 27.14
CA LEU L 41 -29.02 19.21 27.41
C LEU L 41 -29.16 20.60 26.81
N GLU L 42 -29.68 20.70 25.59
CA GLU L 42 -30.00 22.01 25.03
C GLU L 42 -31.29 22.57 25.62
N GLY L 43 -32.25 21.70 25.97
CA GLY L 43 -33.46 22.12 26.62
C GLY L 43 -34.33 23.06 25.81
N ALA L 44 -34.56 22.73 24.54
CA ALA L 44 -35.35 23.59 23.68
C ALA L 44 -36.79 23.67 24.18
N SER L 45 -37.44 24.79 23.92
CA SER L 45 -38.80 25.00 24.38
C SER L 45 -39.77 24.06 23.67
N THR L 46 -40.72 23.54 24.44
CA THR L 46 -41.79 22.72 23.85
C THR L 46 -42.63 23.51 22.85
N LYS L 47 -42.70 24.82 23.01
CA LYS L 47 -43.53 25.66 22.14
C LYS L 47 -43.03 25.64 20.71
N ILE M 11 -25.53 -27.42 29.17
CA ILE M 11 -25.30 -27.11 30.58
C ILE M 11 -26.09 -28.07 31.46
N THR M 12 -25.69 -28.18 32.72
CA THR M 12 -26.39 -29.05 33.66
C THR M 12 -27.75 -28.48 34.00
N GLU M 13 -28.76 -29.36 33.99
CA GLU M 13 -30.14 -28.92 34.22
C GLU M 13 -30.32 -28.35 35.62
N GLY M 14 -29.58 -28.88 36.61
CA GLY M 14 -29.70 -28.38 37.96
C GLY M 14 -29.26 -26.93 38.09
N GLU M 15 -28.11 -26.58 37.52
CA GLU M 15 -27.69 -25.18 37.51
C GLU M 15 -28.45 -24.37 36.47
N ALA M 16 -28.98 -25.01 35.43
CA ALA M 16 -29.81 -24.31 34.46
C ALA M 16 -31.07 -23.76 35.12
N LYS M 17 -31.69 -24.56 36.01
CA LYS M 17 -32.87 -24.08 36.71
C LYS M 17 -32.55 -22.85 37.56
N GLU M 18 -31.45 -22.89 38.30
CA GLU M 18 -31.09 -21.77 39.16
C GLU M 18 -30.76 -20.53 38.35
N PHE M 19 -29.98 -20.68 37.27
CA PHE M 19 -29.67 -19.54 36.43
C PHE M 19 -30.93 -18.97 35.81
N HIS M 20 -31.84 -19.83 35.34
CA HIS M 20 -33.08 -19.32 34.78
C HIS M 20 -33.89 -18.56 35.81
N LYS M 21 -33.96 -19.06 37.04
CA LYS M 21 -34.71 -18.38 38.09
C LYS M 21 -34.15 -16.99 38.37
N ILE M 22 -32.85 -16.90 38.63
CA ILE M 22 -32.31 -15.59 39.01
C ILE M 22 -32.09 -14.68 37.80
N PHE M 23 -31.92 -15.23 36.61
CA PHE M 23 -31.97 -14.44 35.38
C PHE M 23 -33.35 -13.85 35.16
N THR M 24 -34.40 -14.64 35.44
CA THR M 24 -35.76 -14.12 35.32
C THR M 24 -36.00 -13.00 36.32
N SER M 25 -35.51 -13.17 37.54
CA SER M 25 -35.61 -12.10 38.53
C SER M 25 -34.87 -10.85 38.06
N SER M 26 -33.66 -11.02 37.51
CA SER M 26 -32.87 -9.87 37.07
C SER M 26 -33.51 -9.17 35.87
N ILE M 27 -34.08 -9.95 34.94
CA ILE M 27 -34.77 -9.34 33.81
C ILE M 27 -36.01 -8.60 34.28
N LEU M 28 -36.70 -9.12 35.30
CA LEU M 28 -37.82 -8.39 35.87
C LEU M 28 -37.36 -7.07 36.48
N VAL M 29 -36.23 -7.09 37.19
CA VAL M 29 -35.71 -5.86 37.79
C VAL M 29 -35.36 -4.85 36.71
N PHE M 30 -34.66 -5.28 35.66
CA PHE M 30 -34.26 -4.35 34.61
C PHE M 30 -35.47 -3.77 33.89
N PHE M 31 -36.45 -4.61 33.56
CA PHE M 31 -37.64 -4.12 32.90
C PHE M 31 -38.42 -3.16 33.80
N GLY M 32 -38.48 -3.45 35.10
CA GLY M 32 -39.19 -2.56 36.01
C GLY M 32 -38.53 -1.20 36.13
N VAL M 33 -37.20 -1.19 36.26
CA VAL M 33 -36.49 0.09 36.33
C VAL M 33 -36.65 0.87 35.03
N ALA M 34 -36.54 0.19 33.89
CA ALA M 34 -36.71 0.85 32.61
C ALA M 34 -38.12 1.39 32.45
N ALA M 35 -39.13 0.64 32.92
CA ALA M 35 -40.51 1.10 32.83
C ALA M 35 -40.73 2.33 33.69
N PHE M 36 -40.14 2.35 34.89
CA PHE M 36 -40.21 3.55 35.71
C PHE M 36 -39.57 4.74 35.01
N ALA M 37 -38.42 4.52 34.39
CA ALA M 37 -37.76 5.59 33.64
C ALA M 37 -38.64 6.10 32.51
N HIS M 38 -39.27 5.18 31.77
CA HIS M 38 -40.12 5.58 30.65
C HIS M 38 -41.34 6.35 31.14
N LEU M 39 -41.93 5.93 32.27
CA LEU M 39 -43.07 6.63 32.81
C LEU M 39 -42.68 8.03 33.27
N LEU M 40 -41.50 8.18 33.87
CA LEU M 40 -41.02 9.50 34.25
C LEU M 40 -40.82 10.39 33.03
N VAL M 41 -40.21 9.85 31.97
CA VAL M 41 -40.00 10.65 30.77
C VAL M 41 -41.33 11.03 30.13
N TRP M 42 -42.29 10.11 30.10
CA TRP M 42 -43.60 10.41 29.55
C TRP M 42 -44.30 11.49 30.34
N ILE M 43 -44.20 11.44 31.67
CA ILE M 43 -44.76 12.51 32.49
C ILE M 43 -44.10 13.84 32.16
N TRP M 44 -42.77 13.83 31.99
CA TRP M 44 -42.06 15.03 31.58
C TRP M 44 -42.52 15.52 30.21
N ARG M 45 -42.27 14.70 29.18
CA ARG M 45 -42.62 15.06 27.81
C ARG M 45 -43.05 13.83 27.04
N PRO M 46 -44.34 13.70 26.71
CA PRO M 46 -44.80 12.53 25.95
C PRO M 46 -44.17 12.50 24.56
N TRP M 47 -44.00 11.29 24.04
CA TRP M 47 -43.35 11.09 22.75
C TRP M 47 -44.31 10.56 21.68
N VAL M 48 -45.61 10.67 21.90
CA VAL M 48 -46.62 10.31 20.91
C VAL M 48 -47.39 11.56 20.54
N PRO M 49 -47.10 12.16 19.39
CA PRO M 49 -47.70 13.46 19.06
C PRO M 49 -49.20 13.33 18.79
N GLY M 50 -49.89 14.46 18.97
CA GLY M 50 -51.29 14.53 18.61
C GLY M 50 -51.48 14.85 17.14
N PRO M 51 -52.74 14.96 16.73
CA PRO M 51 -53.03 15.23 15.31
C PRO M 51 -52.45 16.54 14.81
N ASN M 52 -52.36 17.56 15.67
CA ASN M 52 -51.84 18.86 15.28
C ASN M 52 -50.40 19.05 15.73
N GLY M 53 -49.61 17.99 15.70
CA GLY M 53 -48.20 18.07 16.08
C GLY M 53 -48.03 17.83 17.56
N TYR M 54 -47.28 18.71 18.23
CA TYR M 54 -47.09 18.63 19.67
C TYR M 54 -47.71 19.83 20.39
N SER M 55 -47.35 21.05 19.99
CA SER M 55 -47.87 22.24 20.62
C SER M 55 -47.92 23.39 19.63
N TRP N 2 -44.26 -29.52 12.46
CA TRP N 2 -43.39 -29.68 13.63
C TRP N 2 -42.03 -30.22 13.20
N ARG N 3 -41.98 -30.79 12.00
CA ARG N 3 -40.76 -31.38 11.47
C ARG N 3 -39.80 -30.34 10.92
N ILE N 4 -40.14 -29.06 10.98
CA ILE N 4 -39.25 -28.01 10.48
C ILE N 4 -37.93 -28.03 11.25
N TRP N 5 -37.94 -28.53 12.49
CA TRP N 5 -36.74 -28.64 13.30
C TRP N 5 -36.00 -29.94 13.09
N GLN N 6 -36.60 -30.89 12.36
CA GLN N 6 -35.90 -32.11 11.96
C GLN N 6 -34.97 -31.88 10.78
N LEU N 7 -35.07 -30.72 10.11
CA LEU N 7 -34.18 -30.33 9.03
C LEU N 7 -33.03 -29.47 9.51
N PHE N 8 -33.33 -28.37 10.19
CA PHE N 8 -32.34 -27.40 10.63
C PHE N 8 -32.09 -27.53 12.13
N ASP N 9 -31.05 -26.84 12.60
CA ASP N 9 -30.60 -26.96 13.98
C ASP N 9 -31.24 -25.88 14.84
N PRO N 10 -31.99 -26.24 15.89
CA PRO N 10 -32.59 -25.25 16.77
C PRO N 10 -31.70 -24.06 17.15
N ARG N 11 -30.45 -24.28 17.55
CA ARG N 11 -29.63 -23.17 18.06
C ARG N 11 -29.31 -22.16 16.96
N GLN N 12 -28.80 -22.63 15.83
CA GLN N 12 -28.52 -21.72 14.72
C GLN N 12 -29.79 -21.08 14.16
N ALA N 13 -30.88 -21.85 14.07
CA ALA N 13 -32.13 -21.26 13.62
C ALA N 13 -32.59 -20.16 14.56
N LEU N 14 -32.46 -20.35 15.87
CA LEU N 14 -32.89 -19.35 16.83
C LEU N 14 -32.02 -18.09 16.75
N VAL N 15 -30.70 -18.24 16.68
CA VAL N 15 -29.87 -17.05 16.61
C VAL N 15 -30.12 -16.30 15.30
N GLY N 16 -30.26 -17.03 14.19
CA GLY N 16 -30.57 -16.39 12.93
C GLY N 16 -31.90 -15.66 12.96
N LEU N 17 -32.92 -16.29 13.54
CA LEU N 17 -34.24 -15.66 13.63
C LEU N 17 -34.20 -14.41 14.49
N ALA N 18 -33.51 -14.48 15.63
CA ALA N 18 -33.41 -13.30 16.49
C ALA N 18 -32.68 -12.16 15.79
N THR N 19 -31.57 -12.46 15.13
CA THR N 19 -30.83 -11.43 14.42
C THR N 19 -31.67 -10.83 13.30
N PHE N 20 -32.34 -11.67 12.52
CA PHE N 20 -33.16 -11.17 11.42
C PHE N 20 -34.32 -10.32 11.92
N LEU N 21 -34.99 -10.76 12.99
CA LEU N 21 -36.11 -9.99 13.53
C LEU N 21 -35.64 -8.66 14.07
N PHE N 22 -34.50 -8.63 14.76
CA PHE N 22 -33.99 -7.37 15.27
C PHE N 22 -33.60 -6.43 14.14
N VAL N 23 -32.95 -6.95 13.09
CA VAL N 23 -32.55 -6.09 11.99
C VAL N 23 -33.77 -5.56 11.25
N LEU N 24 -34.79 -6.40 11.06
CA LEU N 24 -36.01 -5.93 10.42
C LEU N 24 -36.72 -4.88 11.26
N ALA N 25 -36.74 -5.07 12.58
CA ALA N 25 -37.34 -4.07 13.46
C ALA N 25 -36.60 -2.75 13.37
N LEU N 26 -35.27 -2.80 13.38
CA LEU N 26 -34.47 -1.58 13.23
C LEU N 26 -34.76 -0.89 11.90
N LEU N 27 -34.85 -1.68 10.82
CA LEU N 27 -35.10 -1.10 9.51
C LEU N 27 -36.46 -0.43 9.45
N ILE N 28 -37.49 -1.08 9.98
CA ILE N 28 -38.82 -0.49 9.94
C ILE N 28 -38.88 0.76 10.80
N HIS N 29 -38.24 0.73 11.99
CA HIS N 29 -38.23 1.91 12.84
C HIS N 29 -37.50 3.06 12.17
N PHE N 30 -36.36 2.79 11.53
CA PHE N 30 -35.61 3.83 10.87
C PHE N 30 -36.39 4.42 9.69
N ILE N 31 -37.08 3.56 8.93
CA ILE N 31 -37.92 4.03 7.83
C ILE N 31 -39.02 4.93 8.36
N LEU N 32 -39.66 4.52 9.46
CA LEU N 32 -40.72 5.34 10.05
C LEU N 32 -40.18 6.68 10.52
N LEU N 33 -38.99 6.68 11.13
CA LEU N 33 -38.39 7.94 11.57
C LEU N 33 -38.05 8.84 10.39
N SER N 34 -37.66 8.26 9.25
CA SER N 34 -37.34 9.06 8.08
C SER N 34 -38.57 9.69 7.43
N THR N 35 -39.77 9.31 7.84
CA THR N 35 -41.00 9.87 7.29
C THR N 35 -41.52 10.96 8.21
N GLU N 36 -42.17 11.96 7.63
CA GLU N 36 -42.64 13.10 8.42
C GLU N 36 -43.88 12.73 9.23
N ARG N 37 -44.78 11.93 8.65
CA ARG N 37 -46.03 11.61 9.33
C ARG N 37 -45.80 10.73 10.55
N PHE N 38 -44.88 9.77 10.46
CA PHE N 38 -44.72 8.76 11.50
C PHE N 38 -43.47 8.94 12.35
N ASN N 39 -42.73 10.02 12.16
CA ASN N 39 -41.61 10.34 13.04
C ASN N 39 -42.18 10.80 14.38
N TRP N 40 -42.15 9.92 15.38
CA TRP N 40 -42.73 10.24 16.67
C TRP N 40 -41.82 11.08 17.55
N LEU N 41 -40.58 11.31 17.13
CA LEU N 41 -39.67 12.14 17.91
C LEU N 41 -39.72 13.59 17.47
N GLU N 42 -39.70 13.85 16.17
CA GLU N 42 -39.94 15.19 15.67
C GLU N 42 -41.42 15.54 15.78
N GLY N 43 -41.69 16.84 15.85
CA GLY N 43 -43.06 17.32 15.86
C GLY N 43 -43.76 17.01 14.57
N ALA N 44 -44.74 16.10 14.62
CA ALA N 44 -45.41 15.60 13.42
C ALA N 44 -46.85 16.08 13.42
N SER N 45 -47.17 17.01 12.52
CA SER N 45 -48.52 17.49 12.33
C SER N 45 -49.16 16.75 11.17
N THR N 46 -50.38 16.25 11.39
CA THR N 46 -51.08 15.51 10.35
C THR N 46 -51.38 16.40 9.15
N LYS N 47 -51.79 17.64 9.40
CA LYS N 47 -52.11 18.57 8.33
C LYS N 47 -50.87 19.35 7.89
N THR O 12 -31.09 -34.44 17.69
CA THR O 12 -32.11 -35.48 17.64
C THR O 12 -33.42 -34.97 17.04
N GLU O 13 -34.41 -35.86 16.96
CA GLU O 13 -35.74 -35.49 16.55
C GLU O 13 -36.78 -35.67 17.65
N GLY O 14 -36.46 -36.39 18.72
CA GLY O 14 -37.38 -36.52 19.83
C GLY O 14 -37.60 -35.20 20.56
N GLU O 15 -36.51 -34.46 20.79
CA GLU O 15 -36.60 -33.16 21.43
C GLU O 15 -37.29 -32.11 20.57
N ALA O 16 -37.46 -32.38 19.28
CA ALA O 16 -38.12 -31.42 18.39
C ALA O 16 -39.56 -31.18 18.82
N LYS O 17 -40.21 -32.19 19.39
CA LYS O 17 -41.59 -31.99 19.83
C LYS O 17 -41.69 -30.93 20.92
N GLU O 18 -40.87 -31.04 21.96
CA GLU O 18 -40.90 -30.04 23.02
C GLU O 18 -40.38 -28.69 22.54
N PHE O 19 -39.36 -28.72 21.67
CA PHE O 19 -38.86 -27.47 21.11
C PHE O 19 -39.94 -26.74 20.33
N HIS O 20 -40.71 -27.46 19.53
CA HIS O 20 -41.82 -26.87 18.79
C HIS O 20 -42.91 -26.41 19.74
N LYS O 21 -43.17 -27.19 20.81
CA LYS O 21 -44.20 -26.81 21.77
C LYS O 21 -43.91 -25.46 22.40
N ILE O 22 -42.66 -25.21 22.77
CA ILE O 22 -42.30 -23.91 23.34
C ILE O 22 -42.08 -22.83 22.27
N PHE O 23 -41.59 -23.22 21.09
CA PHE O 23 -41.34 -22.27 20.02
C PHE O 23 -42.63 -21.66 19.51
N THR O 24 -43.68 -22.47 19.38
CA THR O 24 -44.96 -21.92 18.94
C THR O 24 -45.53 -20.97 19.99
N SER O 25 -45.39 -21.29 21.27
CA SER O 25 -45.88 -20.38 22.29
C SER O 25 -45.14 -19.06 22.26
N SER O 26 -43.82 -19.10 22.07
CA SER O 26 -43.06 -17.87 21.89
C SER O 26 -43.48 -17.11 20.64
N ILE O 27 -43.71 -17.81 19.53
CA ILE O 27 -44.19 -17.16 18.31
C ILE O 27 -45.49 -16.43 18.58
N LEU O 28 -46.44 -17.12 19.20
CA LEU O 28 -47.76 -16.52 19.44
C LEU O 28 -47.67 -15.33 20.39
N VAL O 29 -46.85 -15.42 21.44
CA VAL O 29 -46.79 -14.29 22.37
C VAL O 29 -46.10 -13.10 21.71
N PHE O 30 -45.03 -13.33 20.95
CA PHE O 30 -44.38 -12.24 20.24
C PHE O 30 -45.32 -11.61 19.22
N PHE O 31 -46.07 -12.43 18.49
CA PHE O 31 -47.02 -11.92 17.51
C PHE O 31 -48.15 -11.17 18.19
N GLY O 32 -48.59 -11.63 19.36
CA GLY O 32 -49.64 -10.91 20.07
C GLY O 32 -49.19 -9.54 20.52
N VAL O 33 -47.97 -9.45 21.05
CA VAL O 33 -47.43 -8.14 21.43
C VAL O 33 -47.29 -7.25 20.21
N ALA O 34 -46.78 -7.80 19.10
CA ALA O 34 -46.64 -7.02 17.88
C ALA O 34 -48.00 -6.55 17.36
N ALA O 35 -49.00 -7.42 17.40
CA ALA O 35 -50.33 -7.05 16.90
C ALA O 35 -50.98 -6.00 17.77
N PHE O 36 -50.81 -6.10 19.08
CA PHE O 36 -51.29 -5.06 19.97
C PHE O 36 -50.62 -3.73 19.67
N ALA O 37 -49.31 -3.76 19.42
CA ALA O 37 -48.58 -2.54 19.06
C ALA O 37 -49.13 -1.95 17.76
N HIS O 38 -49.38 -2.80 16.77
CA HIS O 38 -49.91 -2.33 15.49
C HIS O 38 -51.30 -1.73 15.65
N LEU O 39 -52.15 -2.36 16.46
CA LEU O 39 -53.49 -1.83 16.69
C LEU O 39 -53.42 -0.46 17.37
N LEU O 40 -52.55 -0.32 18.37
CA LEU O 40 -52.40 0.98 19.03
C LEU O 40 -51.87 2.03 18.06
N VAL O 41 -50.91 1.67 17.22
CA VAL O 41 -50.38 2.62 16.25
C VAL O 41 -51.45 3.02 15.25
N TRP O 42 -52.25 2.06 14.81
CA TRP O 42 -53.33 2.37 13.87
C TRP O 42 -54.33 3.32 14.48
N ILE O 43 -54.66 3.14 15.76
CA ILE O 43 -55.49 4.14 16.43
C ILE O 43 -54.79 5.50 16.40
N TRP O 44 -53.50 5.53 16.73
CA TRP O 44 -52.79 6.80 16.76
C TRP O 44 -52.72 7.43 15.38
N ARG O 45 -52.24 6.67 14.38
CA ARG O 45 -52.12 7.18 13.01
C ARG O 45 -52.19 6.00 12.06
N PRO O 46 -53.32 5.81 11.37
CA PRO O 46 -53.40 4.75 10.36
C PRO O 46 -52.44 5.04 9.21
N TRP O 47 -51.97 3.97 8.58
CA TRP O 47 -50.93 4.10 7.57
C TRP O 47 -51.40 3.75 6.15
N VAL O 48 -52.70 3.63 5.93
CA VAL O 48 -53.23 3.44 4.59
C VAL O 48 -53.94 4.75 4.19
N PRO O 49 -53.36 5.56 3.32
CA PRO O 49 -53.99 6.83 2.96
C PRO O 49 -55.20 6.62 2.05
N GLY O 50 -56.01 7.66 1.95
CA GLY O 50 -57.17 7.65 1.10
C GLY O 50 -56.90 8.28 -0.24
N PRO O 51 -57.95 8.44 -1.06
CA PRO O 51 -57.76 8.99 -2.41
C PRO O 51 -57.15 10.38 -2.43
N ASN O 52 -57.41 11.20 -1.42
CA ASN O 52 -56.86 12.55 -1.34
C ASN O 52 -55.60 12.60 -0.49
N GLY O 53 -54.83 11.52 -0.46
CA GLY O 53 -53.65 11.48 0.37
C GLY O 53 -54.01 11.38 1.83
N TYR O 54 -53.25 12.06 2.68
CA TYR O 54 -53.47 12.07 4.11
C TYR O 54 -54.18 13.35 4.53
N SER O 55 -54.98 13.25 5.58
CA SER O 55 -55.73 14.39 6.08
C SER O 55 -55.90 14.29 7.60
N TRP P 2 -43.58 -35.18 -7.57
CA TRP P 2 -43.38 -35.71 -6.22
C TRP P 2 -41.92 -36.06 -5.95
N ARG P 3 -41.13 -36.20 -7.02
CA ARG P 3 -39.72 -36.53 -6.91
C ARG P 3 -38.81 -35.33 -7.13
N ILE P 4 -39.37 -34.11 -7.12
CA ILE P 4 -38.56 -32.90 -7.19
C ILE P 4 -37.53 -32.87 -6.07
N TRP P 5 -37.85 -33.50 -4.94
CA TRP P 5 -36.94 -33.59 -3.80
C TRP P 5 -35.95 -34.74 -3.91
N GLN P 6 -36.04 -35.55 -4.96
CA GLN P 6 -35.04 -36.58 -5.20
C GLN P 6 -33.85 -36.04 -5.99
N LEU P 7 -33.95 -34.82 -6.52
CA LEU P 7 -32.83 -34.16 -7.17
C LEU P 7 -32.30 -32.98 -6.37
N PHE P 8 -33.16 -32.32 -5.58
CA PHE P 8 -32.77 -31.18 -4.78
C PHE P 8 -32.90 -31.54 -3.30
N ASP P 9 -31.89 -31.19 -2.52
CA ASP P 9 -31.97 -31.39 -1.08
C ASP P 9 -33.02 -30.45 -0.50
N PRO P 10 -34.00 -30.95 0.24
CA PRO P 10 -35.06 -30.07 0.76
C PRO P 10 -34.54 -28.95 1.63
N ARG P 11 -33.49 -29.17 2.41
CA ARG P 11 -32.91 -28.07 3.18
C ARG P 11 -32.36 -26.97 2.27
N GLN P 12 -31.56 -27.36 1.27
CA GLN P 12 -31.03 -26.36 0.33
C GLN P 12 -32.14 -25.69 -0.45
N ALA P 13 -33.14 -26.45 -0.90
CA ALA P 13 -34.26 -25.85 -1.62
C ALA P 13 -35.00 -24.83 -0.76
N LEU P 14 -35.28 -25.18 0.50
CA LEU P 14 -35.97 -24.25 1.39
C LEU P 14 -35.14 -23.02 1.67
N VAL P 15 -33.84 -23.18 1.92
CA VAL P 15 -32.99 -22.03 2.23
C VAL P 15 -32.90 -21.09 1.03
N GLY P 16 -32.66 -21.64 -0.17
CA GLY P 16 -32.60 -20.81 -1.35
C GLY P 16 -33.91 -20.12 -1.64
N LEU P 17 -35.03 -20.84 -1.50
CA LEU P 17 -36.33 -20.26 -1.74
C LEU P 17 -36.62 -19.13 -0.77
N ALA P 18 -36.35 -19.36 0.53
CA ALA P 18 -36.60 -18.32 1.53
C ALA P 18 -35.73 -17.10 1.27
N THR P 19 -34.46 -17.31 0.96
CA THR P 19 -33.57 -16.18 0.66
C THR P 19 -34.10 -15.38 -0.52
N PHE P 20 -34.41 -16.05 -1.62
CA PHE P 20 -34.86 -15.33 -2.81
C PHE P 20 -36.16 -14.61 -2.56
N LEU P 21 -37.13 -15.27 -1.90
CA LEU P 21 -38.40 -14.62 -1.63
C LEU P 21 -38.24 -13.42 -0.72
N PHE P 22 -37.40 -13.53 0.32
CA PHE P 22 -37.20 -12.41 1.22
C PHE P 22 -36.58 -11.23 0.49
N VAL P 23 -35.54 -11.48 -0.30
CA VAL P 23 -34.88 -10.38 -1.01
C VAL P 23 -35.82 -9.75 -2.03
N LEU P 24 -36.59 -10.58 -2.75
CA LEU P 24 -37.53 -10.05 -3.73
C LEU P 24 -38.63 -9.22 -3.08
N ALA P 25 -39.17 -9.69 -1.95
CA ALA P 25 -40.21 -8.93 -1.26
C ALA P 25 -39.67 -7.62 -0.72
N LEU P 26 -38.45 -7.65 -0.15
CA LEU P 26 -37.83 -6.41 0.30
C LEU P 26 -37.66 -5.43 -0.86
N LEU P 27 -37.21 -5.93 -2.00
CA LEU P 27 -37.02 -5.08 -3.16
C LEU P 27 -38.34 -4.48 -3.62
N ILE P 28 -39.40 -5.28 -3.66
CA ILE P 28 -40.70 -4.78 -4.11
C ILE P 28 -41.22 -3.70 -3.16
N HIS P 29 -41.11 -3.94 -1.86
CA HIS P 29 -41.54 -2.93 -0.89
C HIS P 29 -40.73 -1.65 -1.04
N PHE P 30 -39.41 -1.78 -1.25
CA PHE P 30 -38.58 -0.60 -1.44
C PHE P 30 -38.98 0.18 -2.68
N ILE P 31 -39.31 -0.54 -3.76
CA ILE P 31 -39.71 0.12 -5.00
C ILE P 31 -41.03 0.86 -4.83
N LEU P 32 -42.02 0.22 -4.19
CA LEU P 32 -43.27 0.93 -3.91
C LEU P 32 -43.06 2.13 -3.00
N LEU P 33 -42.15 2.01 -2.02
CA LEU P 33 -41.85 3.17 -1.19
C LEU P 33 -41.26 4.31 -2.02
N SER P 34 -40.60 3.99 -3.14
CA SER P 34 -40.01 5.01 -4.01
C SER P 34 -40.98 5.45 -5.10
N THR P 35 -42.20 5.79 -4.73
CA THR P 35 -43.23 6.18 -5.69
C THR P 35 -44.10 7.27 -5.08
N GLU P 36 -44.68 8.10 -5.94
CA GLU P 36 -45.64 9.10 -5.49
C GLU P 36 -47.02 8.50 -5.28
N ARG P 37 -47.24 7.25 -5.66
CA ARG P 37 -48.55 6.63 -5.61
C ARG P 37 -48.66 5.52 -4.58
N PHE P 38 -47.62 4.72 -4.42
CA PHE P 38 -47.67 3.52 -3.58
C PHE P 38 -46.84 3.65 -2.31
N ASN P 39 -46.26 4.82 -2.05
CA ASN P 39 -45.59 5.05 -0.77
C ASN P 39 -46.67 5.26 0.27
N TRP P 40 -47.00 4.20 1.00
CA TRP P 40 -48.09 4.25 1.97
C TRP P 40 -47.75 5.07 3.20
N LEU P 41 -46.49 5.45 3.38
CA LEU P 41 -46.11 6.29 4.52
C LEU P 41 -46.14 7.77 4.18
N GLU P 42 -45.60 8.16 3.02
CA GLU P 42 -45.69 9.55 2.60
C GLU P 42 -47.14 9.95 2.34
N GLY P 43 -47.93 9.04 1.80
CA GLY P 43 -49.34 9.26 1.60
C GLY P 43 -49.66 10.44 0.73
N ALA P 44 -48.98 10.55 -0.41
CA ALA P 44 -49.30 11.59 -1.37
C ALA P 44 -50.67 11.33 -1.99
N SER P 45 -51.31 12.40 -2.43
CA SER P 45 -52.64 12.29 -3.00
C SER P 45 -52.60 11.59 -4.35
N THR P 46 -53.67 10.86 -4.65
CA THR P 46 -53.82 10.25 -5.97
C THR P 46 -53.91 11.33 -7.04
N LYS P 47 -54.64 12.41 -6.75
CA LYS P 47 -54.81 13.50 -7.70
C LYS P 47 -53.88 14.68 -7.40
N ILE Q 11 -34.62 -37.61 1.10
CA ILE Q 11 -33.60 -38.29 0.29
C ILE Q 11 -34.16 -39.54 -0.37
N THR Q 12 -35.09 -40.22 0.30
CA THR Q 12 -35.69 -41.42 -0.26
C THR Q 12 -37.03 -41.11 -0.91
N GLU Q 13 -37.66 -42.14 -1.45
CA GLU Q 13 -39.02 -41.99 -1.98
C GLU Q 13 -40.04 -41.76 -0.87
N GLY Q 14 -39.69 -42.10 0.38
CA GLY Q 14 -40.56 -41.85 1.50
C GLY Q 14 -40.31 -40.51 2.15
N GLU Q 15 -39.03 -40.15 2.29
CA GLU Q 15 -38.69 -38.85 2.85
C GLU Q 15 -39.26 -37.71 2.02
N ALA Q 16 -39.31 -37.89 0.70
CA ALA Q 16 -39.82 -36.87 -0.20
C ALA Q 16 -41.31 -36.68 -0.10
N LYS Q 17 -42.08 -37.71 0.27
CA LYS Q 17 -43.54 -37.61 0.24
C LYS Q 17 -44.08 -36.63 1.27
N GLU Q 18 -43.64 -36.76 2.53
CA GLU Q 18 -44.13 -35.84 3.56
C GLU Q 18 -43.68 -34.42 3.27
N PHE Q 19 -42.45 -34.26 2.79
CA PHE Q 19 -41.96 -32.93 2.46
C PHE Q 19 -42.77 -32.33 1.33
N HIS Q 20 -43.12 -33.11 0.30
CA HIS Q 20 -43.92 -32.59 -0.79
C HIS Q 20 -45.32 -32.21 -0.31
N LYS Q 21 -45.92 -33.05 0.55
CA LYS Q 21 -47.24 -32.71 1.09
C LYS Q 21 -47.20 -31.37 1.83
N ILE Q 22 -46.27 -31.23 2.77
CA ILE Q 22 -46.22 -29.99 3.54
C ILE Q 22 -45.82 -28.82 2.66
N PHE Q 23 -44.95 -29.06 1.68
CA PHE Q 23 -44.48 -28.01 0.79
C PHE Q 23 -45.62 -27.47 -0.07
N THR Q 24 -46.44 -28.35 -0.64
CA THR Q 24 -47.57 -27.87 -1.43
C THR Q 24 -48.65 -27.25 -0.55
N SER Q 25 -48.82 -27.74 0.67
CA SER Q 25 -49.69 -27.03 1.61
C SER Q 25 -49.23 -25.59 1.78
N SER Q 26 -47.92 -25.40 1.97
CA SER Q 26 -47.37 -24.06 2.12
C SER Q 26 -47.46 -23.26 0.82
N ILE Q 27 -47.31 -23.91 -0.33
CA ILE Q 27 -47.50 -23.22 -1.61
C ILE Q 27 -48.89 -22.61 -1.67
N LEU Q 28 -49.92 -23.42 -1.38
CA LEU Q 28 -51.28 -22.91 -1.43
C LEU Q 28 -51.51 -21.82 -0.38
N VAL Q 29 -50.99 -22.01 0.83
CA VAL Q 29 -51.23 -21.01 1.88
C VAL Q 29 -50.57 -19.69 1.50
N PHE Q 30 -49.31 -19.73 1.05
CA PHE Q 30 -48.60 -18.52 0.65
C PHE Q 30 -49.28 -17.84 -0.53
N PHE Q 31 -49.69 -18.62 -1.53
CA PHE Q 31 -50.34 -18.03 -2.70
C PHE Q 31 -51.66 -17.39 -2.32
N GLY Q 32 -52.44 -18.04 -1.46
CA GLY Q 32 -53.70 -17.46 -1.03
C GLY Q 32 -53.51 -16.18 -0.25
N VAL Q 33 -52.55 -16.16 0.68
CA VAL Q 33 -52.30 -14.95 1.46
C VAL Q 33 -51.84 -13.82 0.55
N ALA Q 34 -50.93 -14.12 -0.38
CA ALA Q 34 -50.44 -13.10 -1.29
C ALA Q 34 -51.55 -12.58 -2.21
N ALA Q 35 -52.41 -13.48 -2.69
CA ALA Q 35 -53.51 -13.06 -3.55
C ALA Q 35 -54.50 -12.17 -2.81
N PHE Q 36 -54.79 -12.51 -1.56
CA PHE Q 36 -55.68 -11.67 -0.76
C PHE Q 36 -55.05 -10.30 -0.50
N ALA Q 37 -53.75 -10.28 -0.20
CA ALA Q 37 -53.06 -9.01 0.00
C ALA Q 37 -53.08 -8.16 -1.27
N HIS Q 38 -52.86 -8.80 -2.42
CA HIS Q 38 -52.88 -8.07 -3.69
C HIS Q 38 -54.27 -7.54 -4.01
N LEU Q 39 -55.31 -8.32 -3.72
CA LEU Q 39 -56.67 -7.84 -3.90
C LEU Q 39 -56.95 -6.64 -3.01
N LEU Q 40 -56.48 -6.69 -1.76
CA LEU Q 40 -56.62 -5.54 -0.86
C LEU Q 40 -55.92 -4.30 -1.42
N VAL Q 41 -54.69 -4.48 -1.91
CA VAL Q 41 -53.94 -3.34 -2.43
C VAL Q 41 -54.61 -2.79 -3.68
N TRP Q 42 -55.16 -3.67 -4.53
CA TRP Q 42 -55.86 -3.22 -5.72
C TRP Q 42 -57.12 -2.44 -5.36
N ILE Q 43 -57.83 -2.89 -4.33
CA ILE Q 43 -58.98 -2.13 -3.84
C ILE Q 43 -58.53 -0.75 -3.35
N TRP Q 44 -57.40 -0.70 -2.65
CA TRP Q 44 -56.90 0.57 -2.16
C TRP Q 44 -56.46 1.47 -3.31
N ARG Q 45 -55.50 1.01 -4.12
CA ARG Q 45 -55.01 1.78 -5.26
C ARG Q 45 -54.60 0.86 -6.39
N PRO Q 46 -55.37 0.81 -7.48
CA PRO Q 46 -54.99 -0.05 -8.61
C PRO Q 46 -53.67 0.40 -9.22
N TRP Q 47 -52.93 -0.58 -9.75
CA TRP Q 47 -51.59 -0.33 -10.26
C TRP Q 47 -51.47 -0.55 -11.77
N VAL Q 48 -52.58 -0.66 -12.48
CA VAL Q 48 -52.57 -0.71 -13.93
C VAL Q 48 -53.25 0.56 -14.43
N PRO Q 49 -52.52 1.51 -15.01
CA PRO Q 49 -53.11 2.80 -15.36
C PRO Q 49 -54.04 2.70 -16.57
N GLY Q 50 -54.96 3.65 -16.64
CA GLY Q 50 -55.83 3.77 -17.79
C GLY Q 50 -55.16 4.51 -18.93
N PRO Q 51 -55.92 4.73 -20.00
CA PRO Q 51 -55.36 5.45 -21.15
C PRO Q 51 -54.88 6.85 -20.81
N ASN Q 52 -55.58 7.55 -19.91
CA ASN Q 52 -55.21 8.90 -19.52
C ASN Q 52 -54.34 8.92 -18.26
N GLY Q 53 -53.74 7.78 -17.90
CA GLY Q 53 -53.00 7.68 -16.67
C GLY Q 53 -53.89 7.34 -15.50
N TYR Q 54 -53.31 7.41 -14.32
CA TYR Q 54 -54.07 7.14 -13.11
C TYR Q 54 -55.06 8.25 -12.85
N SER Q 55 -56.23 7.88 -12.34
CA SER Q 55 -57.32 8.82 -12.08
C SER Q 55 -56.91 9.85 -11.03
N TRP R 2 -36.20 -39.21 -25.23
CA TRP R 2 -35.98 -39.87 -23.95
C TRP R 2 -34.50 -40.17 -23.71
N ARG R 3 -33.63 -39.53 -24.50
CA ARG R 3 -32.20 -39.74 -24.38
C ARG R 3 -31.38 -38.46 -24.49
N ILE R 4 -32.00 -37.28 -24.40
CA ILE R 4 -31.27 -36.02 -24.59
C ILE R 4 -30.85 -35.38 -23.27
N TRP R 5 -31.34 -35.87 -22.14
CA TRP R 5 -30.96 -35.34 -20.84
C TRP R 5 -29.71 -36.00 -20.29
N GLN R 6 -29.12 -36.94 -21.01
CA GLN R 6 -27.82 -37.50 -20.67
C GLN R 6 -26.67 -36.58 -21.08
N LEU R 7 -26.98 -35.34 -21.45
CA LEU R 7 -25.96 -34.35 -21.77
C LEU R 7 -25.69 -33.38 -20.63
N PHE R 8 -26.64 -33.19 -19.72
CA PHE R 8 -26.47 -32.27 -18.60
C PHE R 8 -27.09 -32.88 -17.35
N ASP R 9 -26.47 -32.61 -16.21
CA ASP R 9 -27.06 -33.01 -14.94
C ASP R 9 -28.29 -32.16 -14.67
N PRO R 10 -29.46 -32.77 -14.43
CA PRO R 10 -30.68 -31.97 -14.31
C PRO R 10 -30.66 -30.98 -13.15
N ARG R 11 -29.94 -31.27 -12.06
CA ARG R 11 -29.92 -30.32 -10.94
C ARG R 11 -29.28 -29.00 -11.35
N GLN R 12 -28.04 -29.04 -11.81
CA GLN R 12 -27.35 -27.82 -12.24
C GLN R 12 -28.06 -27.17 -13.42
N ALA R 13 -28.61 -27.97 -14.34
CA ALA R 13 -29.34 -27.41 -15.46
C ALA R 13 -30.55 -26.62 -15.00
N LEU R 14 -31.34 -27.17 -14.08
CA LEU R 14 -32.51 -26.45 -13.58
C LEU R 14 -32.11 -25.21 -12.80
N VAL R 15 -31.07 -25.32 -11.98
CA VAL R 15 -30.65 -24.15 -11.21
C VAL R 15 -30.18 -23.02 -12.13
N GLY R 16 -29.37 -23.37 -13.13
CA GLY R 16 -28.91 -22.36 -14.09
C GLY R 16 -30.05 -21.76 -14.89
N LEU R 17 -30.99 -22.61 -15.33
CA LEU R 17 -32.14 -22.11 -16.07
C LEU R 17 -32.98 -21.18 -15.22
N ALA R 18 -33.23 -21.54 -13.96
CA ALA R 18 -34.02 -20.70 -13.08
C ALA R 18 -33.34 -19.36 -12.83
N THR R 19 -32.03 -19.38 -12.55
CA THR R 19 -31.30 -18.14 -12.34
C THR R 19 -31.33 -17.26 -13.59
N PHE R 20 -31.12 -17.86 -14.76
CA PHE R 20 -31.09 -17.11 -16.00
C PHE R 20 -32.46 -16.50 -16.31
N LEU R 21 -33.52 -17.29 -16.18
CA LEU R 21 -34.87 -16.74 -16.42
C LEU R 21 -35.20 -15.63 -15.44
N PHE R 22 -34.82 -15.79 -14.17
CA PHE R 22 -35.11 -14.74 -13.21
C PHE R 22 -34.35 -13.46 -13.56
N VAL R 23 -33.07 -13.58 -13.95
CA VAL R 23 -32.30 -12.39 -14.31
C VAL R 23 -32.93 -11.71 -15.53
N LEU R 24 -33.33 -12.50 -16.52
CA LEU R 24 -33.94 -11.91 -17.71
C LEU R 24 -35.27 -11.24 -17.40
N ALA R 25 -36.10 -11.87 -16.55
CA ALA R 25 -37.37 -11.29 -16.18
C ALA R 25 -37.19 -10.01 -15.39
N LEU R 26 -36.24 -10.00 -14.45
CA LEU R 26 -35.92 -8.79 -13.69
C LEU R 26 -35.46 -7.69 -14.63
N LEU R 27 -34.61 -8.02 -15.60
CA LEU R 27 -34.13 -7.03 -16.56
C LEU R 27 -35.27 -6.47 -17.39
N ILE R 28 -36.18 -7.33 -17.86
CA ILE R 28 -37.28 -6.85 -18.68
C ILE R 28 -38.20 -5.93 -17.87
N HIS R 29 -38.48 -6.32 -16.62
CA HIS R 29 -39.27 -5.45 -15.75
C HIS R 29 -38.58 -4.11 -15.53
N PHE R 30 -37.26 -4.13 -15.35
CA PHE R 30 -36.52 -2.88 -15.18
C PHE R 30 -36.61 -2.01 -16.43
N ILE R 31 -36.47 -2.61 -17.61
CA ILE R 31 -36.53 -1.83 -18.84
C ILE R 31 -37.92 -1.21 -19.00
N LEU R 32 -38.97 -1.97 -18.64
CA LEU R 32 -40.31 -1.40 -18.68
C LEU R 32 -40.46 -0.24 -17.70
N LEU R 33 -39.88 -0.39 -16.49
CA LEU R 33 -39.96 0.69 -15.51
C LEU R 33 -39.21 1.92 -15.99
N SER R 34 -38.17 1.76 -16.79
CA SER R 34 -37.47 2.92 -17.32
C SER R 34 -38.30 3.65 -18.37
N THR R 35 -38.96 2.91 -19.25
CA THR R 35 -39.74 3.51 -20.31
C THR R 35 -41.00 4.17 -19.76
N GLU R 36 -41.32 5.35 -20.29
CA GLU R 36 -42.48 6.11 -19.82
C GLU R 36 -43.78 5.39 -20.11
N ARG R 37 -43.92 4.79 -21.29
CA ARG R 37 -45.19 4.21 -21.68
C ARG R 37 -45.58 3.04 -20.79
N PHE R 38 -44.63 2.17 -20.46
CA PHE R 38 -44.92 0.93 -19.78
C PHE R 38 -44.54 0.94 -18.30
N ASN R 39 -44.14 2.08 -17.78
CA ASN R 39 -43.91 2.23 -16.35
C ASN R 39 -45.27 2.26 -15.66
N TRP R 40 -45.67 1.14 -15.08
CA TRP R 40 -47.00 1.01 -14.50
C TRP R 40 -47.11 1.63 -13.11
N LEU R 41 -45.97 1.92 -12.46
CA LEU R 41 -46.04 2.53 -11.14
C LEU R 41 -46.38 4.01 -11.20
N GLU R 42 -46.05 4.67 -12.30
CA GLU R 42 -46.34 6.09 -12.50
C GLU R 42 -47.50 6.27 -13.46
N GLY R 43 -48.19 7.39 -13.31
CA GLY R 43 -49.37 7.65 -14.11
C GLY R 43 -49.10 8.36 -15.42
N ALA R 44 -48.18 7.84 -16.21
CA ALA R 44 -47.93 8.40 -17.52
C ALA R 44 -49.15 8.17 -18.41
N SER R 45 -49.33 9.08 -19.37
CA SER R 45 -50.49 9.06 -20.25
C SER R 45 -50.07 8.71 -21.67
N THR R 46 -50.93 7.95 -22.36
CA THR R 46 -50.66 7.61 -23.75
C THR R 46 -50.73 8.85 -24.64
N LYS R 47 -51.67 9.74 -24.37
CA LYS R 47 -51.85 10.95 -25.19
C LYS R 47 -51.95 12.19 -24.33
N ILE S 11 -28.36 -39.87 -16.37
CA ILE S 11 -27.65 -41.11 -16.08
C ILE S 11 -28.35 -42.27 -16.78
N THR S 12 -29.39 -42.80 -16.13
CA THR S 12 -30.16 -43.91 -16.69
C THR S 12 -31.33 -43.37 -17.49
N GLU S 13 -31.46 -43.86 -18.73
CA GLU S 13 -32.52 -43.37 -19.61
C GLU S 13 -33.90 -43.67 -19.03
N GLY S 14 -34.09 -44.87 -18.48
CA GLY S 14 -35.38 -45.23 -17.91
C GLY S 14 -35.77 -44.36 -16.73
N GLU S 15 -34.78 -43.87 -15.99
CA GLU S 15 -35.03 -43.05 -14.81
C GLU S 15 -35.08 -41.56 -15.12
N ALA S 16 -35.03 -41.17 -16.39
CA ALA S 16 -35.06 -39.76 -16.77
C ALA S 16 -36.16 -39.41 -17.76
N LYS S 17 -36.84 -40.39 -18.35
CA LYS S 17 -37.93 -40.07 -19.28
C LYS S 17 -39.08 -39.37 -18.56
N GLU S 18 -39.41 -39.84 -17.36
CA GLU S 18 -40.41 -39.15 -16.55
C GLU S 18 -39.96 -37.74 -16.17
N PHE S 19 -38.65 -37.53 -16.00
CA PHE S 19 -38.14 -36.18 -15.82
C PHE S 19 -38.46 -35.31 -17.03
N HIS S 20 -38.29 -35.85 -18.23
CA HIS S 20 -38.64 -35.09 -19.43
C HIS S 20 -40.13 -34.83 -19.51
N LYS S 21 -40.97 -35.78 -19.09
CA LYS S 21 -42.41 -35.55 -19.06
C LYS S 21 -42.75 -34.39 -18.12
N ILE S 22 -42.15 -34.38 -16.93
CA ILE S 22 -42.38 -33.28 -16.00
C ILE S 22 -41.85 -31.97 -16.56
N PHE S 23 -40.69 -32.02 -17.22
CA PHE S 23 -40.10 -30.81 -17.78
C PHE S 23 -40.98 -30.22 -18.86
N THR S 24 -41.54 -31.06 -19.74
CA THR S 24 -42.39 -30.54 -20.79
C THR S 24 -43.72 -30.05 -20.23
N SER S 25 -44.24 -30.69 -19.18
CA SER S 25 -45.42 -30.14 -18.52
C SER S 25 -45.14 -28.75 -17.93
N SER S 26 -43.97 -28.58 -17.32
CA SER S 26 -43.58 -27.26 -16.82
C SER S 26 -43.42 -26.25 -17.95
N ILE S 27 -42.85 -26.66 -19.08
CA ILE S 27 -42.78 -25.80 -20.25
C ILE S 27 -44.17 -25.34 -20.64
N LEU S 28 -45.10 -26.29 -20.75
CA LEU S 28 -46.46 -25.96 -21.14
C LEU S 28 -47.07 -24.93 -20.20
N VAL S 29 -47.01 -25.19 -18.89
CA VAL S 29 -47.68 -24.30 -17.95
C VAL S 29 -47.00 -22.92 -17.93
N PHE S 30 -45.67 -22.88 -17.92
CA PHE S 30 -44.97 -21.61 -17.85
C PHE S 30 -45.22 -20.76 -19.09
N PHE S 31 -45.18 -21.39 -20.27
CA PHE S 31 -45.43 -20.64 -21.49
C PHE S 31 -46.89 -20.21 -21.58
N GLY S 32 -47.81 -21.02 -21.06
CA GLY S 32 -49.20 -20.60 -21.02
C GLY S 32 -49.41 -19.38 -20.14
N VAL S 33 -48.81 -19.38 -18.95
CA VAL S 33 -48.94 -18.21 -18.08
C VAL S 33 -48.27 -16.99 -18.73
N ALA S 34 -47.11 -17.18 -19.34
CA ALA S 34 -46.42 -16.06 -19.97
C ALA S 34 -47.24 -15.48 -21.11
N ALA S 35 -47.84 -16.33 -21.94
CA ALA S 35 -48.65 -15.85 -23.06
C ALA S 35 -49.92 -15.18 -22.56
N PHE S 36 -50.52 -15.70 -21.50
CA PHE S 36 -51.67 -15.05 -20.89
C PHE S 36 -51.30 -13.64 -20.41
N ALA S 37 -50.16 -13.53 -19.73
CA ALA S 37 -49.70 -12.23 -19.26
C ALA S 37 -49.45 -11.28 -20.42
N HIS S 38 -48.82 -11.78 -21.49
CA HIS S 38 -48.54 -10.93 -22.64
C HIS S 38 -49.81 -10.48 -23.32
N LEU S 39 -50.82 -11.36 -23.38
CA LEU S 39 -52.10 -10.97 -23.97
C LEU S 39 -52.75 -9.86 -23.16
N LEU S 40 -52.75 -9.98 -21.83
CA LEU S 40 -53.30 -8.90 -21.01
C LEU S 40 -52.52 -7.61 -21.17
N VAL S 41 -51.19 -7.68 -21.26
CA VAL S 41 -50.40 -6.46 -21.44
C VAL S 41 -50.69 -5.83 -22.78
N TRP S 42 -50.84 -6.65 -23.83
CA TRP S 42 -51.19 -6.12 -25.14
C TRP S 42 -52.56 -5.46 -25.14
N ILE S 43 -53.53 -6.08 -24.47
CA ILE S 43 -54.86 -5.50 -24.38
C ILE S 43 -54.82 -4.19 -23.59
N TRP S 44 -53.96 -4.12 -22.58
CA TRP S 44 -53.77 -2.87 -21.85
C TRP S 44 -53.08 -1.83 -22.72
N ARG S 45 -51.87 -2.14 -23.18
CA ARG S 45 -51.10 -1.23 -24.02
C ARG S 45 -50.22 -2.01 -25.00
N PRO S 46 -50.48 -1.92 -26.30
CA PRO S 46 -49.64 -2.62 -27.27
C PRO S 46 -48.24 -2.01 -27.31
N TRP S 47 -47.27 -2.83 -27.72
CA TRP S 47 -45.87 -2.44 -27.70
C TRP S 47 -45.24 -2.44 -29.09
N VAL S 48 -46.03 -2.19 -30.12
CA VAL S 48 -45.52 -2.02 -31.47
C VAL S 48 -46.04 -0.70 -32.03
N PRO S 49 -45.21 0.34 -32.02
CA PRO S 49 -45.68 1.64 -32.51
C PRO S 49 -45.91 1.63 -34.01
N GLY S 50 -46.85 2.46 -34.45
CA GLY S 50 -47.16 2.59 -35.86
C GLY S 50 -46.36 3.70 -36.50
N PRO S 51 -46.75 4.08 -37.72
CA PRO S 51 -46.03 5.17 -38.40
C PRO S 51 -46.03 6.48 -37.63
N ASN S 52 -47.11 6.79 -36.92
CA ASN S 52 -47.22 8.02 -36.16
C ASN S 52 -46.72 7.89 -34.71
N GLY S 53 -46.16 6.73 -34.35
CA GLY S 53 -45.70 6.52 -32.99
C GLY S 53 -46.73 5.79 -32.14
N TYR S 54 -47.21 6.46 -31.10
CA TYR S 54 -48.26 5.89 -30.25
C TYR S 54 -49.47 6.79 -30.08
N SER S 55 -49.34 8.10 -30.31
CA SER S 55 -50.45 9.04 -30.12
C SER S 55 -51.61 8.71 -31.06
N TRP T 2 -21.10 -33.85 -40.82
CA TRP T 2 -21.64 -34.40 -39.58
C TRP T 2 -20.52 -34.82 -38.64
N ARG T 3 -19.33 -34.98 -39.20
CA ARG T 3 -18.19 -35.52 -38.45
C ARG T 3 -17.61 -34.54 -37.45
N ILE T 4 -18.26 -33.41 -37.20
CA ILE T 4 -17.75 -32.45 -36.24
C ILE T 4 -17.73 -33.03 -34.83
N TRP T 5 -18.79 -33.73 -34.45
CA TRP T 5 -18.98 -34.13 -33.05
C TRP T 5 -17.94 -35.14 -32.57
N GLN T 6 -17.15 -35.71 -33.48
CA GLN T 6 -16.05 -36.56 -33.05
C GLN T 6 -15.05 -35.79 -32.19
N LEU T 7 -14.89 -34.49 -32.44
CA LEU T 7 -13.99 -33.64 -31.67
C LEU T 7 -14.72 -32.83 -30.61
N PHE T 8 -15.69 -32.02 -31.02
CA PHE T 8 -16.40 -31.14 -30.10
C PHE T 8 -17.44 -31.95 -29.33
N ASP T 9 -17.23 -32.09 -28.02
CA ASP T 9 -18.18 -32.80 -27.19
C ASP T 9 -19.48 -32.01 -27.08
N PRO T 10 -20.62 -32.63 -27.37
CA PRO T 10 -21.89 -31.89 -27.37
C PRO T 10 -22.19 -31.14 -26.08
N ARG T 11 -21.75 -31.66 -24.94
CA ARG T 11 -22.11 -31.05 -23.66
C ARG T 11 -21.65 -29.60 -23.58
N GLN T 12 -20.34 -29.37 -23.60
CA GLN T 12 -19.83 -28.02 -23.49
C GLN T 12 -20.10 -27.19 -24.74
N ALA T 13 -20.19 -27.83 -25.90
CA ALA T 13 -20.48 -27.11 -27.13
C ALA T 13 -21.85 -26.47 -27.08
N LEU T 14 -22.85 -27.21 -26.60
CA LEU T 14 -24.20 -26.64 -26.50
C LEU T 14 -24.26 -25.52 -25.49
N VAL T 15 -23.58 -25.66 -24.35
CA VAL T 15 -23.59 -24.61 -23.34
C VAL T 15 -22.97 -23.34 -23.90
N GLY T 16 -21.79 -23.46 -24.51
CA GLY T 16 -21.15 -22.30 -25.09
C GLY T 16 -21.96 -21.66 -26.20
N LEU T 17 -22.54 -22.49 -27.07
CA LEU T 17 -23.35 -21.97 -28.16
C LEU T 17 -24.58 -21.24 -27.65
N ALA T 18 -25.25 -21.80 -26.63
CA ALA T 18 -26.42 -21.15 -26.06
C ALA T 18 -26.06 -19.84 -25.40
N THR T 19 -24.96 -19.81 -24.64
CA THR T 19 -24.55 -18.56 -24.01
C THR T 19 -24.22 -17.51 -25.06
N PHE T 20 -23.49 -17.89 -26.11
CA PHE T 20 -23.14 -16.96 -27.16
C PHE T 20 -24.38 -16.43 -27.87
N LEU T 21 -25.33 -17.31 -28.17
CA LEU T 21 -26.55 -16.89 -28.87
C LEU T 21 -27.36 -15.94 -28.00
N PHE T 22 -27.47 -16.23 -26.70
CA PHE T 22 -28.19 -15.34 -25.81
C PHE T 22 -27.52 -13.98 -25.73
N VAL T 23 -26.19 -13.97 -25.62
CA VAL T 23 -25.46 -12.70 -25.54
C VAL T 23 -25.64 -11.90 -26.82
N LEU T 24 -25.58 -12.56 -27.97
CA LEU T 24 -25.76 -11.86 -29.24
C LEU T 24 -27.17 -11.29 -29.36
N ALA T 25 -28.17 -12.08 -28.99
CA ALA T 25 -29.55 -11.60 -29.06
C ALA T 25 -29.77 -10.41 -28.14
N LEU T 26 -29.22 -10.49 -26.93
CA LEU T 26 -29.34 -9.38 -25.99
C LEU T 26 -28.65 -8.13 -26.51
N LEU T 27 -27.47 -8.30 -27.12
CA LEU T 27 -26.74 -7.18 -27.69
C LEU T 27 -27.55 -6.51 -28.80
N ILE T 28 -28.14 -7.31 -29.69
CA ILE T 28 -28.92 -6.74 -30.78
C ILE T 28 -30.15 -6.03 -30.25
N HIS T 29 -30.81 -6.61 -29.25
CA HIS T 29 -31.99 -5.97 -28.68
C HIS T 29 -31.64 -4.64 -28.02
N PHE T 30 -30.52 -4.58 -27.31
CA PHE T 30 -30.09 -3.32 -26.72
C PHE T 30 -29.77 -2.29 -27.78
N ILE T 31 -29.08 -2.69 -28.85
CA ILE T 31 -28.75 -1.76 -29.94
C ILE T 31 -30.02 -1.24 -30.57
N LEU T 32 -30.99 -2.11 -30.80
CA LEU T 32 -32.28 -1.69 -31.37
C LEU T 32 -32.99 -0.72 -30.42
N LEU T 33 -32.92 -0.99 -29.12
CA LEU T 33 -33.56 -0.12 -28.13
C LEU T 33 -32.95 1.27 -28.16
N SER T 34 -31.63 1.36 -28.30
CA SER T 34 -30.97 2.66 -28.31
C SER T 34 -31.44 3.52 -29.48
N THR T 35 -31.58 2.91 -30.66
CA THR T 35 -31.91 3.68 -31.86
C THR T 35 -33.32 4.26 -31.77
N GLU T 36 -33.45 5.52 -32.21
CA GLU T 36 -34.73 6.20 -32.14
C GLU T 36 -35.77 5.61 -33.08
N ARG T 37 -35.34 4.91 -34.13
CA ARG T 37 -36.29 4.36 -35.09
C ARG T 37 -36.85 3.01 -34.64
N PHE T 38 -36.01 2.16 -34.06
CA PHE T 38 -36.38 0.78 -33.76
C PHE T 38 -36.70 0.54 -32.29
N ASN T 39 -36.74 1.59 -31.47
CA ASN T 39 -37.16 1.44 -30.08
C ASN T 39 -38.66 1.21 -30.07
N TRP T 40 -39.06 -0.04 -29.84
CA TRP T 40 -40.47 -0.40 -29.81
C TRP T 40 -41.13 -0.08 -28.48
N LEU T 41 -40.36 0.33 -27.48
CA LEU T 41 -40.93 0.65 -26.16
C LEU T 41 -41.28 2.13 -26.05
N GLU T 42 -40.34 3.01 -26.36
CA GLU T 42 -40.62 4.44 -26.27
C GLU T 42 -41.66 4.85 -27.30
N GLY T 43 -41.43 4.49 -28.57
CA GLY T 43 -42.39 4.81 -29.61
C GLY T 43 -42.12 6.18 -30.19
N ALA T 44 -41.92 6.25 -31.50
CA ALA T 44 -41.65 7.52 -32.15
C ALA T 44 -42.16 7.45 -33.59
N SER T 45 -42.67 8.58 -34.06
CA SER T 45 -43.20 8.64 -35.42
C SER T 45 -42.09 8.43 -36.43
N THR T 46 -42.36 7.60 -37.43
CA THR T 46 -41.40 7.40 -38.51
C THR T 46 -41.36 8.62 -39.43
N LYS T 47 -42.52 9.15 -39.79
CA LYS T 47 -42.60 10.28 -40.71
C LYS T 47 -42.03 11.55 -40.09
N ILE U 11 -15.93 -40.79 -29.42
CA ILE U 11 -17.36 -41.01 -29.38
C ILE U 11 -17.80 -41.82 -30.60
N THR U 12 -18.71 -42.77 -30.39
CA THR U 12 -19.17 -43.62 -31.47
C THR U 12 -19.84 -42.81 -32.57
N GLU U 13 -19.47 -43.09 -33.82
CA GLU U 13 -19.91 -42.28 -34.94
C GLU U 13 -21.42 -42.32 -35.14
N GLY U 14 -22.09 -43.41 -34.75
CA GLY U 14 -23.54 -43.46 -34.87
C GLY U 14 -24.24 -42.47 -33.96
N GLU U 15 -23.80 -42.39 -32.70
CA GLU U 15 -24.36 -41.41 -31.79
C GLU U 15 -24.10 -39.99 -32.28
N ALA U 16 -22.91 -39.74 -32.81
CA ALA U 16 -22.60 -38.43 -33.38
C ALA U 16 -23.51 -38.13 -34.56
N LYS U 17 -23.80 -39.13 -35.40
CA LYS U 17 -24.71 -38.91 -36.52
C LYS U 17 -26.11 -38.58 -36.05
N GLU U 18 -26.62 -39.31 -35.04
CA GLU U 18 -27.95 -39.01 -34.52
C GLU U 18 -27.99 -37.61 -33.90
N PHE U 19 -26.96 -37.24 -33.15
CA PHE U 19 -26.89 -35.91 -32.57
C PHE U 19 -26.85 -34.84 -33.66
N HIS U 20 -26.10 -35.10 -34.73
CA HIS U 20 -26.06 -34.16 -35.84
C HIS U 20 -27.43 -34.00 -36.48
N LYS U 21 -28.17 -35.10 -36.63
CA LYS U 21 -29.50 -35.02 -37.23
C LYS U 21 -30.44 -34.18 -36.37
N ILE U 22 -30.48 -34.45 -35.07
CA ILE U 22 -31.35 -33.68 -34.20
C ILE U 22 -30.90 -32.22 -34.12
N PHE U 23 -29.59 -31.99 -34.15
CA PHE U 23 -29.06 -30.62 -34.14
C PHE U 23 -29.44 -29.88 -35.40
N THR U 24 -29.43 -30.56 -36.55
CA THR U 24 -29.87 -29.93 -37.80
C THR U 24 -31.36 -29.63 -37.76
N SER U 25 -32.16 -30.50 -37.13
CA SER U 25 -33.57 -30.19 -36.94
C SER U 25 -33.74 -28.92 -36.10
N SER U 26 -32.95 -28.79 -35.03
CA SER U 26 -32.98 -27.58 -34.23
C SER U 26 -32.54 -26.36 -35.02
N ILE U 27 -31.51 -26.50 -35.87
CA ILE U 27 -31.12 -25.41 -36.77
C ILE U 27 -32.30 -24.99 -37.63
N LEU U 28 -32.98 -25.98 -38.22
CA LEU U 28 -34.11 -25.66 -39.09
C LEU U 28 -35.16 -24.85 -38.35
N VAL U 29 -35.60 -25.33 -37.19
CA VAL U 29 -36.67 -24.64 -36.48
C VAL U 29 -36.22 -23.25 -36.01
N PHE U 30 -34.99 -23.14 -35.48
CA PHE U 30 -34.52 -21.86 -34.98
C PHE U 30 -34.38 -20.84 -36.12
N PHE U 31 -33.79 -21.26 -37.23
CA PHE U 31 -33.58 -20.34 -38.34
C PHE U 31 -34.91 -19.94 -38.96
N GLY U 32 -35.87 -20.87 -39.05
CA GLY U 32 -37.18 -20.50 -39.53
C GLY U 32 -37.87 -19.49 -38.64
N VAL U 33 -37.77 -19.67 -37.33
CA VAL U 33 -38.37 -18.72 -36.39
C VAL U 33 -37.72 -17.35 -36.56
N ALA U 34 -36.38 -17.31 -36.65
CA ALA U 34 -35.68 -16.04 -36.81
C ALA U 34 -36.04 -15.36 -38.12
N ALA U 35 -36.16 -16.14 -39.21
CA ALA U 35 -36.51 -15.57 -40.50
C ALA U 35 -37.91 -14.99 -40.47
N PHE U 36 -38.86 -15.70 -39.86
CA PHE U 36 -40.20 -15.14 -39.72
C PHE U 36 -40.19 -13.87 -38.87
N ALA U 37 -39.39 -13.85 -37.82
CA ALA U 37 -39.26 -12.66 -36.98
C ALA U 37 -38.76 -11.48 -37.79
N HIS U 38 -37.70 -11.69 -38.58
CA HIS U 38 -37.14 -10.61 -39.39
C HIS U 38 -38.12 -10.16 -40.45
N LEU U 39 -38.88 -11.09 -41.04
CA LEU U 39 -39.90 -10.72 -42.00
C LEU U 39 -40.95 -9.81 -41.36
N LEU U 40 -41.42 -10.19 -40.17
CA LEU U 40 -42.39 -9.35 -39.46
C LEU U 40 -41.82 -7.97 -39.16
N VAL U 41 -40.57 -7.91 -38.71
CA VAL U 41 -39.96 -6.62 -38.38
C VAL U 41 -39.84 -5.75 -39.63
N TRP U 42 -39.40 -6.34 -40.75
CA TRP U 42 -39.29 -5.58 -41.98
C TRP U 42 -40.64 -5.07 -42.45
N ILE U 43 -41.69 -5.90 -42.30
CA ILE U 43 -43.04 -5.44 -42.61
C ILE U 43 -43.41 -4.27 -41.70
N TRP U 44 -42.98 -4.30 -40.45
CA TRP U 44 -43.21 -3.18 -39.56
C TRP U 44 -42.33 -2.00 -39.92
N ARG U 45 -41.02 -2.16 -39.84
CA ARG U 45 -40.10 -1.08 -40.17
C ARG U 45 -38.83 -1.62 -40.83
N PRO U 46 -38.56 -1.26 -42.09
CA PRO U 46 -37.34 -1.73 -42.74
C PRO U 46 -36.10 -1.09 -42.14
N TRP U 47 -34.97 -1.79 -42.27
CA TRP U 47 -33.71 -1.32 -41.69
C TRP U 47 -32.64 -1.06 -42.75
N VAL U 48 -33.04 -0.79 -43.99
CA VAL U 48 -32.13 -0.37 -45.04
C VAL U 48 -32.60 0.99 -45.54
N PRO U 49 -31.97 2.08 -45.09
CA PRO U 49 -32.45 3.41 -45.48
C PRO U 49 -32.24 3.69 -46.95
N GLY U 50 -33.11 4.54 -47.49
CA GLY U 50 -33.00 4.95 -48.87
C GLY U 50 -31.88 5.93 -49.09
N PRO U 51 -31.69 6.33 -50.35
CA PRO U 51 -30.64 7.31 -50.65
C PRO U 51 -30.81 8.62 -49.91
N ASN U 52 -32.05 9.04 -49.66
CA ASN U 52 -32.32 10.27 -48.92
C ASN U 52 -32.60 10.01 -47.44
N GLY U 53 -32.35 8.80 -46.96
CA GLY U 53 -32.51 8.50 -45.54
C GLY U 53 -33.75 7.72 -45.22
N TYR U 54 -34.31 7.94 -44.03
CA TYR U 54 -35.54 7.30 -43.61
C TYR U 54 -36.68 8.29 -43.80
N SER U 55 -37.66 7.90 -44.61
CA SER U 55 -38.79 8.77 -44.91
C SER U 55 -39.95 7.97 -45.50
N TRP V 2 -2.32 -28.62 -46.79
CA TRP V 2 -3.10 -29.38 -45.82
C TRP V 2 -2.26 -29.67 -44.59
N ARG V 3 -0.95 -29.49 -44.72
CA ARG V 3 0.02 -29.85 -43.69
C ARG V 3 -0.18 -29.05 -42.41
N ILE V 4 -1.13 -28.12 -42.40
CA ILE V 4 -1.39 -27.31 -41.22
C ILE V 4 -1.90 -28.16 -40.07
N TRP V 5 -2.58 -29.26 -40.38
CA TRP V 5 -3.40 -29.98 -39.42
C TRP V 5 -2.62 -31.00 -38.58
N GLN V 6 -1.32 -31.15 -38.80
CA GLN V 6 -0.50 -31.93 -37.87
C GLN V 6 0.29 -31.06 -36.89
N LEU V 7 0.22 -29.74 -37.02
CA LEU V 7 0.70 -28.84 -35.97
C LEU V 7 -0.42 -28.19 -35.18
N PHE V 8 -1.54 -27.87 -35.84
CA PHE V 8 -2.68 -27.24 -35.20
C PHE V 8 -3.85 -28.22 -35.22
N ASP V 9 -4.17 -28.76 -34.05
CA ASP V 9 -5.32 -29.64 -33.95
C ASP V 9 -6.60 -28.87 -34.30
N PRO V 10 -7.52 -29.46 -35.06
CA PRO V 10 -8.71 -28.71 -35.49
C PRO V 10 -9.57 -28.19 -34.35
N ARG V 11 -9.53 -28.81 -33.17
CA ARG V 11 -10.33 -28.30 -32.06
C ARG V 11 -9.90 -26.88 -31.70
N GLN V 12 -8.66 -26.70 -31.27
CA GLN V 12 -8.16 -25.37 -30.92
C GLN V 12 -8.12 -24.45 -32.13
N ALA V 13 -7.71 -24.95 -33.30
CA ALA V 13 -7.65 -24.09 -34.48
C ALA V 13 -9.01 -23.52 -34.84
N LEU V 14 -10.05 -24.35 -34.82
CA LEU V 14 -11.37 -23.89 -35.19
C LEU V 14 -12.00 -23.03 -34.11
N VAL V 15 -11.77 -23.34 -32.83
CA VAL V 15 -12.32 -22.46 -31.79
C VAL V 15 -11.64 -21.10 -31.84
N GLY V 16 -10.33 -21.06 -32.09
CA GLY V 16 -9.65 -19.78 -32.23
C GLY V 16 -10.11 -19.01 -33.45
N LEU V 17 -10.30 -19.72 -34.57
CA LEU V 17 -10.81 -19.07 -35.77
C LEU V 17 -12.20 -18.50 -35.55
N ALA V 18 -13.06 -19.25 -34.86
CA ALA V 18 -14.41 -18.78 -34.57
C ALA V 18 -14.38 -17.53 -33.70
N THR V 19 -13.60 -17.56 -32.61
CA THR V 19 -13.52 -16.38 -31.75
C THR V 19 -12.95 -15.18 -32.49
N PHE V 20 -11.89 -15.38 -33.27
CA PHE V 20 -11.29 -14.28 -34.01
C PHE V 20 -12.27 -13.69 -35.02
N LEU V 21 -12.94 -14.54 -35.79
CA LEU V 21 -13.85 -14.05 -36.81
C LEU V 21 -15.06 -13.36 -36.20
N PHE V 22 -15.59 -13.91 -35.10
CA PHE V 22 -16.72 -13.26 -34.45
C PHE V 22 -16.34 -11.91 -33.89
N VAL V 23 -15.16 -11.82 -33.25
CA VAL V 23 -14.70 -10.53 -32.72
C VAL V 23 -14.50 -9.53 -33.85
N LEU V 24 -13.92 -9.98 -34.96
CA LEU V 24 -13.71 -9.08 -36.10
C LEU V 24 -15.03 -8.61 -36.69
N ALA V 25 -16.01 -9.50 -36.77
CA ALA V 25 -17.32 -9.10 -37.28
C ALA V 25 -17.98 -8.07 -36.37
N LEU V 26 -17.92 -8.31 -35.05
CA LEU V 26 -18.42 -7.31 -34.11
C LEU V 26 -17.71 -5.99 -34.28
N LEU V 27 -16.38 -6.02 -34.43
CA LEU V 27 -15.59 -4.81 -34.62
C LEU V 27 -16.05 -4.04 -35.85
N ILE V 28 -16.14 -4.72 -36.99
CA ILE V 28 -16.49 -4.03 -38.22
C ILE V 28 -17.90 -3.47 -38.16
N HIS V 29 -18.84 -4.24 -37.61
CA HIS V 29 -20.21 -3.76 -37.49
C HIS V 29 -20.28 -2.54 -36.59
N PHE V 30 -19.56 -2.55 -35.47
CA PHE V 30 -19.59 -1.41 -34.55
C PHE V 30 -18.95 -0.19 -35.20
N ILE V 31 -17.84 -0.38 -35.90
CA ILE V 31 -17.19 0.73 -36.59
C ILE V 31 -18.12 1.36 -37.61
N LEU V 32 -18.85 0.51 -38.35
CA LEU V 32 -19.85 1.02 -39.27
C LEU V 32 -20.96 1.77 -38.55
N LEU V 33 -21.41 1.25 -37.41
CA LEU V 33 -22.45 1.93 -36.64
C LEU V 33 -21.98 3.28 -36.14
N SER V 34 -20.68 3.45 -35.91
CA SER V 34 -20.18 4.75 -35.46
C SER V 34 -20.13 5.78 -36.58
N THR V 35 -20.09 5.35 -37.84
CA THR V 35 -20.10 6.27 -38.97
C THR V 35 -21.53 6.60 -39.37
N GLU V 36 -21.74 7.85 -39.76
CA GLU V 36 -23.09 8.26 -40.17
C GLU V 36 -23.51 7.61 -41.48
N ARG V 37 -22.57 7.48 -42.42
CA ARG V 37 -22.93 7.01 -43.75
C ARG V 37 -23.45 5.58 -43.73
N PHE V 38 -22.86 4.73 -42.90
CA PHE V 38 -23.13 3.30 -42.94
C PHE V 38 -23.94 2.82 -41.74
N ASN V 39 -24.37 3.71 -40.86
CA ASN V 39 -25.24 3.31 -39.76
C ASN V 39 -26.62 3.00 -40.33
N TRP V 40 -26.88 1.72 -40.58
CA TRP V 40 -28.14 1.32 -41.19
C TRP V 40 -29.33 1.45 -40.26
N LEU V 41 -29.10 1.66 -38.97
CA LEU V 41 -30.20 1.81 -38.02
C LEU V 41 -30.65 3.26 -37.89
N GLU V 42 -29.71 4.18 -37.61
CA GLU V 42 -30.05 5.59 -37.59
C GLU V 42 -30.48 6.07 -38.97
N GLY V 43 -29.81 5.59 -40.02
CA GLY V 43 -30.21 5.87 -41.38
C GLY V 43 -30.14 7.33 -41.77
N ALA V 44 -29.04 7.99 -41.45
CA ALA V 44 -28.82 9.35 -41.93
C ALA V 44 -28.74 9.35 -43.45
N SER V 45 -29.22 10.44 -44.04
CA SER V 45 -29.27 10.55 -45.50
C SER V 45 -27.86 10.60 -46.09
N THR V 46 -27.76 10.18 -47.36
CA THR V 46 -26.48 10.19 -48.06
C THR V 46 -25.97 11.61 -48.26
N LYS V 47 -26.87 12.57 -48.43
CA LYS V 47 -26.49 13.94 -48.71
C LYS V 47 -26.31 14.74 -47.41
N ILE W 11 -3.32 -38.99 -34.88
CA ILE W 11 -3.37 -37.91 -35.85
C ILE W 11 -3.09 -38.46 -37.25
N THR W 12 -3.80 -39.53 -37.62
CA THR W 12 -3.62 -40.12 -38.94
C THR W 12 -4.03 -39.13 -40.03
N GLU W 13 -3.35 -39.19 -41.16
CA GLU W 13 -3.51 -38.16 -42.18
C GLU W 13 -4.75 -38.36 -43.05
N GLY W 14 -5.38 -39.54 -43.03
CA GLY W 14 -6.60 -39.72 -43.79
C GLY W 14 -7.72 -38.82 -43.30
N GLU W 15 -7.93 -38.80 -41.98
CA GLU W 15 -8.90 -37.87 -41.42
C GLU W 15 -8.44 -36.43 -41.55
N ALA W 16 -7.13 -36.18 -41.60
CA ALA W 16 -6.64 -34.84 -41.90
C ALA W 16 -7.10 -34.38 -43.28
N LYS W 17 -6.95 -35.24 -44.29
CA LYS W 17 -7.39 -34.89 -45.64
C LYS W 17 -8.91 -34.73 -45.70
N GLU W 18 -9.65 -35.63 -45.04
CA GLU W 18 -11.11 -35.52 -45.02
C GLU W 18 -11.55 -34.23 -44.34
N PHE W 19 -10.86 -33.83 -43.28
CA PHE W 19 -11.13 -32.54 -42.64
C PHE W 19 -10.81 -31.40 -43.60
N HIS W 20 -9.68 -31.48 -44.29
CA HIS W 20 -9.22 -30.36 -45.11
C HIS W 20 -10.14 -30.12 -46.30
N LYS W 21 -10.70 -31.17 -46.89
CA LYS W 21 -11.58 -30.97 -48.05
C LYS W 21 -12.84 -30.19 -47.65
N ILE W 22 -13.50 -30.59 -46.57
CA ILE W 22 -14.70 -29.88 -46.17
C ILE W 22 -14.35 -28.54 -45.56
N PHE W 23 -13.13 -28.40 -45.01
CA PHE W 23 -12.68 -27.10 -44.54
C PHE W 23 -12.55 -26.12 -45.71
N THR W 24 -11.98 -26.58 -46.81
CA THR W 24 -11.89 -25.76 -48.02
C THR W 24 -13.28 -25.42 -48.54
N SER W 25 -14.19 -26.40 -48.55
CA SER W 25 -15.55 -26.13 -49.00
C SER W 25 -16.22 -25.08 -48.11
N SER W 26 -16.01 -25.18 -46.80
CA SER W 26 -16.56 -24.20 -45.87
C SER W 26 -15.98 -22.81 -46.10
N ILE W 27 -14.67 -22.72 -46.32
CA ILE W 27 -14.07 -21.42 -46.64
C ILE W 27 -14.69 -20.86 -47.92
N LEU W 28 -14.89 -21.73 -48.92
CA LEU W 28 -15.46 -21.27 -50.18
C LEU W 28 -16.86 -20.71 -50.00
N VAL W 29 -17.72 -21.43 -49.26
CA VAL W 29 -19.08 -20.94 -49.08
C VAL W 29 -19.10 -19.70 -48.20
N PHE W 30 -18.25 -19.64 -47.18
CA PHE W 30 -18.16 -18.45 -46.34
C PHE W 30 -17.74 -17.23 -47.15
N PHE W 31 -16.71 -17.38 -47.99
CA PHE W 31 -16.27 -16.26 -48.80
C PHE W 31 -17.30 -15.90 -49.85
N GLY W 32 -18.02 -16.88 -50.39
CA GLY W 32 -19.06 -16.58 -51.36
C GLY W 32 -20.20 -15.77 -50.76
N VAL W 33 -20.69 -16.19 -49.59
CA VAL W 33 -21.77 -15.45 -48.96
C VAL W 33 -21.28 -14.06 -48.51
N ALA W 34 -20.03 -13.98 -48.05
CA ALA W 34 -19.48 -12.68 -47.67
C ALA W 34 -19.36 -11.75 -48.87
N ALA W 35 -18.94 -12.28 -50.02
CA ALA W 35 -18.85 -11.46 -51.22
C ALA W 35 -20.22 -11.04 -51.72
N PHE W 36 -21.22 -11.92 -51.60
CA PHE W 36 -22.58 -11.54 -51.95
C PHE W 36 -23.07 -10.43 -51.03
N ALA W 37 -22.80 -10.53 -49.73
CA ALA W 37 -23.17 -9.48 -48.79
C ALA W 37 -22.48 -8.17 -49.12
N HIS W 38 -21.19 -8.23 -49.47
CA HIS W 38 -20.45 -7.03 -49.82
C HIS W 38 -20.98 -6.40 -51.11
N LEU W 39 -21.37 -7.22 -52.09
CA LEU W 39 -21.97 -6.69 -53.30
C LEU W 39 -23.30 -6.00 -52.98
N LEU W 40 -24.10 -6.61 -52.10
CA LEU W 40 -25.36 -5.98 -51.71
C LEU W 40 -25.12 -4.65 -51.02
N VAL W 41 -24.13 -4.59 -50.12
CA VAL W 41 -23.85 -3.36 -49.40
C VAL W 41 -23.30 -2.29 -50.35
N TRP W 42 -22.41 -2.68 -51.27
CA TRP W 42 -21.87 -1.73 -52.23
C TRP W 42 -22.96 -1.18 -53.13
N ILE W 43 -23.90 -2.02 -53.56
CA ILE W 43 -25.06 -1.54 -54.29
C ILE W 43 -25.85 -0.56 -53.43
N TRP W 44 -26.03 -0.88 -52.15
CA TRP W 44 -26.71 0.04 -51.24
C TRP W 44 -25.94 1.35 -51.11
N ARG W 45 -24.71 1.28 -50.59
CA ARG W 45 -23.89 2.47 -50.41
C ARG W 45 -22.42 2.15 -50.62
N PRO W 46 -21.78 2.73 -51.63
CA PRO W 46 -20.36 2.47 -51.85
C PRO W 46 -19.50 3.13 -50.78
N TRP W 47 -18.36 2.49 -50.50
CA TRP W 47 -17.49 2.93 -49.41
C TRP W 47 -16.13 3.43 -49.90
N VAL W 48 -16.02 3.82 -51.16
CA VAL W 48 -14.82 4.42 -51.70
C VAL W 48 -15.18 5.80 -52.23
N PRO W 49 -14.87 6.86 -51.49
CA PRO W 49 -15.22 8.21 -51.94
C PRO W 49 -14.39 8.64 -53.14
N GLY W 50 -14.99 9.49 -53.96
CA GLY W 50 -14.31 10.04 -55.10
C GLY W 50 -13.48 11.26 -54.74
N PRO W 51 -12.97 11.96 -55.76
CA PRO W 51 -12.15 13.14 -55.47
C PRO W 51 -12.88 14.20 -54.67
N ASN W 52 -14.17 14.38 -54.92
CA ASN W 52 -14.97 15.37 -54.21
C ASN W 52 -15.56 14.83 -52.92
N GLY W 53 -15.31 13.56 -52.59
CA GLY W 53 -15.85 12.97 -51.40
C GLY W 53 -17.14 12.20 -51.68
N TYR W 54 -17.98 12.14 -50.65
CA TYR W 54 -19.30 11.55 -50.81
C TYR W 54 -20.29 12.62 -51.23
N SER W 55 -21.17 12.26 -52.15
CA SER W 55 -22.17 13.19 -52.68
C SER W 55 -23.52 12.98 -52.00
N TRP X 2 16.34 -21.30 -46.15
CA TRP X 2 15.50 -22.44 -45.78
C TRP X 2 15.90 -22.98 -44.41
N ARG X 3 17.16 -22.79 -44.06
CA ARG X 3 17.69 -23.34 -42.81
C ARG X 3 17.16 -22.63 -41.59
N ILE X 4 16.45 -21.52 -41.77
CA ILE X 4 15.87 -20.76 -40.66
C ILE X 4 14.87 -21.56 -39.85
N TRP X 5 14.38 -22.68 -40.38
CA TRP X 5 13.32 -23.45 -39.72
C TRP X 5 13.85 -24.52 -38.79
N GLN X 6 15.16 -24.60 -38.57
CA GLN X 6 15.70 -25.43 -37.51
C GLN X 6 15.87 -24.66 -36.21
N LEU X 7 15.97 -23.33 -36.28
CA LEU X 7 16.03 -22.52 -35.07
C LEU X 7 14.67 -22.39 -34.41
N PHE X 8 13.62 -22.26 -35.22
CA PHE X 8 12.28 -21.99 -34.73
C PHE X 8 11.33 -23.05 -35.26
N ASP X 9 10.56 -23.66 -34.36
CA ASP X 9 9.53 -24.58 -34.80
C ASP X 9 8.42 -23.82 -35.50
N PRO X 10 7.88 -24.36 -36.60
CA PRO X 10 6.77 -23.68 -37.28
C PRO X 10 5.53 -23.51 -36.40
N ARG X 11 5.38 -24.32 -35.36
CA ARG X 11 4.22 -24.18 -34.47
C ARG X 11 4.16 -22.79 -33.86
N GLN X 12 5.16 -22.43 -33.05
CA GLN X 12 5.20 -21.10 -32.48
C GLN X 12 5.48 -20.03 -33.52
N ALA X 13 6.27 -20.34 -34.55
CA ALA X 13 6.63 -19.34 -35.54
C ALA X 13 5.40 -18.82 -36.27
N LEU X 14 4.51 -19.72 -36.70
CA LEU X 14 3.35 -19.29 -37.47
C LEU X 14 2.34 -18.54 -36.59
N VAL X 15 2.12 -18.99 -35.36
CA VAL X 15 1.18 -18.26 -34.51
C VAL X 15 1.72 -16.87 -34.20
N GLY X 16 3.02 -16.75 -33.89
CA GLY X 16 3.59 -15.45 -33.65
C GLY X 16 3.55 -14.55 -34.86
N LEU X 17 3.90 -15.09 -36.03
CA LEU X 17 3.87 -14.31 -37.25
C LEU X 17 2.46 -13.86 -37.60
N ALA X 18 1.46 -14.73 -37.41
CA ALA X 18 0.09 -14.37 -37.73
C ALA X 18 -0.44 -13.30 -36.78
N THR X 19 -0.20 -13.47 -35.47
CA THR X 19 -0.69 -12.46 -34.53
C THR X 19 0.00 -11.12 -34.75
N PHE X 20 1.31 -11.13 -35.02
CA PHE X 20 2.00 -9.87 -35.29
C PHE X 20 1.49 -9.21 -36.57
N LEU X 21 1.28 -10.01 -37.63
CA LEU X 21 0.79 -9.45 -38.88
C LEU X 21 -0.60 -8.85 -38.71
N PHE X 22 -1.48 -9.55 -37.98
CA PHE X 22 -2.82 -9.03 -37.76
C PHE X 22 -2.79 -7.77 -36.92
N VAL X 23 -1.94 -7.72 -35.88
CA VAL X 23 -1.86 -6.52 -35.06
C VAL X 23 -1.34 -5.35 -35.89
N LEU X 24 -0.30 -5.57 -36.69
CA LEU X 24 0.23 -4.52 -37.54
C LEU X 24 -0.82 -4.01 -38.52
N ALA X 25 -1.54 -4.92 -39.18
CA ALA X 25 -2.54 -4.52 -40.14
C ALA X 25 -3.68 -3.75 -39.46
N LEU X 26 -4.11 -4.22 -38.29
CA LEU X 26 -5.17 -3.55 -37.57
C LEU X 26 -4.75 -2.15 -37.14
N LEU X 27 -3.51 -2.01 -36.68
CA LEU X 27 -3.01 -0.70 -36.29
C LEU X 27 -2.89 0.23 -37.48
N ILE X 28 -2.47 -0.28 -38.64
CA ILE X 28 -2.43 0.55 -39.83
C ILE X 28 -3.83 0.99 -40.24
N HIS X 29 -4.81 0.09 -40.15
CA HIS X 29 -6.17 0.45 -40.51
C HIS X 29 -6.72 1.51 -39.55
N PHE X 30 -6.44 1.37 -38.25
CA PHE X 30 -6.81 2.42 -37.29
C PHE X 30 -6.17 3.76 -37.65
N ILE X 31 -4.88 3.75 -37.98
CA ILE X 31 -4.18 4.98 -38.33
C ILE X 31 -4.83 5.63 -39.55
N LEU X 32 -5.11 4.84 -40.59
CA LEU X 32 -5.76 5.38 -41.77
C LEU X 32 -7.15 5.92 -41.45
N LEU X 33 -7.92 5.19 -40.64
CA LEU X 33 -9.25 5.66 -40.26
C LEU X 33 -9.19 6.98 -39.51
N SER X 34 -8.13 7.23 -38.77
CA SER X 34 -8.09 8.37 -37.87
C SER X 34 -7.52 9.65 -38.47
N THR X 35 -6.88 9.62 -39.64
CA THR X 35 -6.08 10.80 -39.94
C THR X 35 -6.86 11.96 -40.54
N GLU X 36 -7.09 11.98 -41.85
CA GLU X 36 -8.12 12.84 -42.42
C GLU X 36 -8.65 12.34 -43.76
N ARG X 37 -7.79 11.63 -44.50
CA ARG X 37 -7.88 11.56 -45.94
C ARG X 37 -8.11 10.16 -46.47
N PHE X 38 -7.45 9.17 -45.89
CA PHE X 38 -7.63 7.78 -46.28
C PHE X 38 -8.73 7.10 -45.47
N ASN X 39 -9.42 7.84 -44.61
CA ASN X 39 -10.60 7.31 -43.94
C ASN X 39 -11.69 7.09 -44.97
N TRP X 40 -11.91 5.83 -45.34
CA TRP X 40 -12.83 5.48 -46.41
C TRP X 40 -14.27 5.43 -45.95
N LEU X 41 -14.55 5.67 -44.68
CA LEU X 41 -15.91 5.68 -44.17
C LEU X 41 -16.49 7.09 -44.07
N GLU X 42 -15.73 8.03 -43.52
CA GLU X 42 -16.18 9.42 -43.49
C GLU X 42 -16.15 10.02 -44.89
N GLY X 43 -15.08 9.76 -45.64
CA GLY X 43 -15.01 10.15 -47.04
C GLY X 43 -15.12 11.63 -47.31
N ALA X 44 -14.27 12.42 -46.67
CA ALA X 44 -14.29 13.86 -46.85
C ALA X 44 -13.77 14.25 -48.23
N SER X 45 -14.04 15.50 -48.61
CA SER X 45 -13.53 16.03 -49.87
C SER X 45 -12.01 16.18 -49.81
N THR X 46 -11.36 15.87 -50.93
CA THR X 46 -9.89 15.92 -50.95
C THR X 46 -9.38 17.36 -50.90
N LYS X 47 -9.96 18.24 -51.70
CA LYS X 47 -9.56 19.64 -51.71
C LYS X 47 -10.13 20.39 -50.51
N THR Y 12 13.60 -31.51 -37.15
CA THR Y 12 13.61 -32.37 -38.32
C THR Y 12 14.39 -31.74 -39.47
N GLU Y 13 14.59 -32.50 -40.53
CA GLU Y 13 15.29 -32.00 -41.70
C GLU Y 13 14.53 -32.22 -42.99
N GLY Y 14 13.85 -33.35 -43.13
CA GLY Y 14 13.11 -33.62 -44.37
C GLY Y 14 11.92 -32.71 -44.55
N GLU Y 15 11.19 -32.43 -43.46
CA GLU Y 15 10.01 -31.59 -43.54
C GLU Y 15 10.34 -30.14 -43.88
N ALA Y 16 11.53 -29.67 -43.51
CA ALA Y 16 11.92 -28.30 -43.78
C ALA Y 16 11.99 -27.97 -45.27
N LYS Y 17 12.39 -28.92 -46.11
CA LYS Y 17 12.46 -28.67 -47.54
C LYS Y 17 11.13 -28.20 -48.10
N GLU Y 18 10.11 -29.05 -48.04
CA GLU Y 18 8.80 -28.69 -48.56
C GLU Y 18 8.13 -27.62 -47.71
N PHE Y 19 8.43 -27.54 -46.42
CA PHE Y 19 7.88 -26.48 -45.60
C PHE Y 19 8.31 -25.11 -46.11
N HIS Y 20 9.61 -24.93 -46.37
CA HIS Y 20 10.08 -23.71 -47.01
C HIS Y 20 9.59 -23.56 -48.44
N LYS Y 21 9.47 -24.67 -49.17
CA LYS Y 21 9.01 -24.61 -50.55
C LYS Y 21 7.63 -23.98 -50.65
N ILE Y 22 6.74 -24.32 -49.71
CA ILE Y 22 5.41 -23.71 -49.73
C ILE Y 22 5.32 -22.46 -48.87
N PHE Y 23 6.23 -22.26 -47.92
CA PHE Y 23 6.28 -21.00 -47.19
C PHE Y 23 6.62 -19.85 -48.12
N THR Y 24 7.60 -20.05 -49.01
CA THR Y 24 7.94 -18.99 -49.96
C THR Y 24 6.77 -18.69 -50.89
N SER Y 25 6.05 -19.73 -51.33
CA SER Y 25 4.90 -19.51 -52.19
C SER Y 25 3.77 -18.78 -51.46
N SER Y 26 3.51 -19.17 -50.21
CA SER Y 26 2.46 -18.52 -49.43
C SER Y 26 2.80 -17.06 -49.15
N ILE Y 27 4.05 -16.77 -48.78
CA ILE Y 27 4.45 -15.40 -48.55
C ILE Y 27 4.41 -14.61 -49.86
N LEU Y 28 4.75 -15.26 -50.98
CA LEU Y 28 4.67 -14.59 -52.28
C LEU Y 28 3.23 -14.25 -52.64
N VAL Y 29 2.29 -15.16 -52.36
CA VAL Y 29 0.88 -14.89 -52.63
C VAL Y 29 0.37 -13.76 -51.74
N PHE Y 30 0.72 -13.79 -50.46
CA PHE Y 30 0.31 -12.72 -49.55
C PHE Y 30 0.88 -11.38 -50.00
N PHE Y 31 2.15 -11.36 -50.39
CA PHE Y 31 2.78 -10.12 -50.85
C PHE Y 31 2.19 -9.62 -52.16
N GLY Y 32 1.82 -10.54 -53.07
CA GLY Y 32 1.18 -10.12 -54.30
C GLY Y 32 -0.20 -9.54 -54.08
N VAL Y 33 -0.98 -10.15 -53.17
CA VAL Y 33 -2.28 -9.60 -52.82
C VAL Y 33 -2.11 -8.22 -52.19
N ALA Y 34 -1.13 -8.07 -51.30
CA ALA Y 34 -0.86 -6.78 -50.69
C ALA Y 34 -0.44 -5.75 -51.74
N ALA Y 35 0.36 -6.16 -52.73
CA ALA Y 35 0.77 -5.25 -53.79
C ALA Y 35 -0.42 -4.80 -54.63
N PHE Y 36 -1.33 -5.74 -54.95
CA PHE Y 36 -2.54 -5.38 -55.65
C PHE Y 36 -3.39 -4.41 -54.84
N ALA Y 37 -3.53 -4.66 -53.54
CA ALA Y 37 -4.30 -3.77 -52.69
C ALA Y 37 -3.70 -2.38 -52.64
N HIS Y 38 -2.37 -2.30 -52.52
CA HIS Y 38 -1.69 -1.01 -52.49
C HIS Y 38 -1.82 -0.30 -53.82
N LEU Y 39 -1.75 -1.02 -54.93
CA LEU Y 39 -1.91 -0.40 -56.24
C LEU Y 39 -3.32 0.16 -56.41
N LEU Y 40 -4.32 -0.58 -55.94
CA LEU Y 40 -5.70 -0.05 -55.97
C LEU Y 40 -5.83 1.19 -55.11
N VAL Y 41 -5.26 1.18 -53.92
CA VAL Y 41 -5.36 2.34 -53.03
C VAL Y 41 -4.65 3.54 -53.64
N TRP Y 42 -3.49 3.31 -54.27
CA TRP Y 42 -2.77 4.39 -54.92
C TRP Y 42 -3.57 4.97 -56.08
N ILE Y 43 -4.23 4.10 -56.86
CA ILE Y 43 -5.13 4.60 -57.90
C ILE Y 43 -6.23 5.47 -57.29
N TRP Y 44 -6.79 5.02 -56.17
CA TRP Y 44 -7.80 5.82 -55.48
C TRP Y 44 -7.21 7.12 -54.95
N ARG Y 45 -6.23 7.02 -54.06
CA ARG Y 45 -5.61 8.19 -53.45
C ARG Y 45 -4.14 7.91 -53.14
N PRO Y 46 -3.21 8.51 -53.88
CA PRO Y 46 -1.79 8.33 -53.56
C PRO Y 46 -1.46 8.92 -52.19
N TRP Y 47 -0.54 8.26 -51.49
CA TRP Y 47 -0.15 8.67 -50.15
C TRP Y 47 1.20 9.39 -50.13
N VAL Y 48 1.71 9.78 -51.29
CA VAL Y 48 2.93 10.59 -51.35
C VAL Y 48 2.55 11.98 -51.82
N PRO Y 49 2.65 13.00 -50.98
CA PRO Y 49 2.18 14.33 -51.36
C PRO Y 49 3.08 14.96 -52.42
N GLY Y 50 2.73 16.19 -52.79
CA GLY Y 50 3.49 16.94 -53.75
C GLY Y 50 4.22 18.11 -53.12
N PRO Y 51 4.96 18.87 -53.93
CA PRO Y 51 5.63 20.06 -53.39
C PRO Y 51 4.67 21.05 -52.77
N ASN Y 52 3.39 21.01 -53.14
CA ASN Y 52 2.37 21.85 -52.52
C ASN Y 52 1.46 21.06 -51.59
N GLY Y 53 1.79 19.80 -51.31
CA GLY Y 53 0.97 18.99 -50.45
C GLY Y 53 0.05 18.05 -51.21
N TYR Y 54 -1.14 17.82 -50.68
CA TYR Y 54 -2.09 16.89 -51.28
C TYR Y 54 -3.08 17.67 -52.15
N SER Y 55 -3.12 17.33 -53.43
CA SER Y 55 -4.10 17.90 -54.34
C SER Y 55 -5.38 17.10 -54.28
N TRP Z 2 33.90 -14.57 -38.51
CA TRP Z 2 33.82 -15.99 -38.82
C TRP Z 2 33.34 -16.78 -37.60
N ARG Z 3 33.63 -16.26 -36.42
CA ARG Z 3 33.45 -17.00 -35.17
C ARG Z 3 32.70 -16.19 -34.11
N ILE Z 4 31.82 -15.29 -34.54
CA ILE Z 4 31.05 -14.50 -33.58
C ILE Z 4 30.01 -15.37 -32.87
N TRP Z 5 29.36 -16.27 -33.62
CA TRP Z 5 28.19 -16.97 -33.12
C TRP Z 5 28.50 -18.01 -32.06
N GLN Z 6 29.77 -18.32 -31.83
CA GLN Z 6 30.09 -19.28 -30.77
C GLN Z 6 29.77 -18.73 -29.39
N LEU Z 7 29.66 -17.41 -29.24
CA LEU Z 7 29.36 -16.81 -27.95
C LEU Z 7 27.88 -16.48 -27.76
N PHE Z 8 27.16 -16.23 -28.84
CA PHE Z 8 25.74 -15.86 -28.76
C PHE Z 8 24.89 -16.94 -29.41
N ASP Z 9 23.80 -17.31 -28.75
CA ASP Z 9 22.85 -18.25 -29.33
C ASP Z 9 22.20 -17.62 -30.54
N PRO Z 10 22.30 -18.22 -31.73
CA PRO Z 10 21.71 -17.61 -32.92
C PRO Z 10 20.21 -17.40 -32.84
N ARG Z 11 19.48 -18.29 -32.15
CA ARG Z 11 18.04 -18.14 -32.05
C ARG Z 11 17.67 -16.87 -31.29
N GLN Z 12 18.23 -16.70 -30.09
CA GLN Z 12 17.93 -15.50 -29.32
C GLN Z 12 18.54 -14.26 -29.95
N ALA Z 13 19.67 -14.41 -30.65
CA ALA Z 13 20.23 -13.29 -31.39
C ALA Z 13 19.26 -12.80 -32.46
N LEU Z 14 18.67 -13.73 -33.22
CA LEU Z 14 17.69 -13.34 -34.22
C LEU Z 14 16.45 -12.73 -33.59
N VAL Z 15 15.97 -13.33 -32.50
CA VAL Z 15 14.76 -12.81 -31.86
C VAL Z 15 14.98 -11.37 -31.38
N GLY Z 16 16.08 -11.15 -30.66
CA GLY Z 16 16.37 -9.83 -30.15
C GLY Z 16 16.63 -8.82 -31.26
N LEU Z 17 17.37 -9.23 -32.29
CA LEU Z 17 17.64 -8.34 -33.41
C LEU Z 17 16.35 -7.95 -34.13
N ALA Z 18 15.45 -8.91 -34.36
CA ALA Z 18 14.20 -8.60 -35.03
C ALA Z 18 13.33 -7.68 -34.17
N THR Z 19 13.30 -7.92 -32.86
CA THR Z 19 12.55 -7.04 -31.97
C THR Z 19 13.10 -5.63 -32.01
N PHE Z 20 14.43 -5.50 -31.95
CA PHE Z 20 15.07 -4.19 -31.99
C PHE Z 20 14.81 -3.48 -33.31
N LEU Z 21 14.92 -4.19 -34.43
CA LEU Z 21 14.71 -3.56 -35.72
C LEU Z 21 13.27 -3.10 -35.87
N PHE Z 22 12.31 -3.91 -35.44
CA PHE Z 22 10.90 -3.51 -35.52
C PHE Z 22 10.63 -2.31 -34.63
N VAL Z 23 11.16 -2.31 -33.40
CA VAL Z 23 10.91 -1.19 -32.50
C VAL Z 23 11.54 0.09 -33.03
N LEU Z 24 12.77 0.01 -33.55
CA LEU Z 24 13.42 1.20 -34.07
C LEU Z 24 12.72 1.70 -35.33
N ALA Z 25 12.25 0.79 -36.17
CA ALA Z 25 11.50 1.20 -37.36
C ALA Z 25 10.22 1.92 -36.96
N LEU Z 26 9.50 1.39 -35.96
CA LEU Z 26 8.30 2.09 -35.47
C LEU Z 26 8.66 3.45 -34.91
N LEU Z 27 9.74 3.53 -34.13
CA LEU Z 27 10.14 4.80 -33.54
C LEU Z 27 10.42 5.84 -34.63
N ILE Z 28 11.17 5.47 -35.66
CA ILE Z 28 11.49 6.42 -36.72
C ILE Z 28 10.24 6.81 -37.49
N HIS Z 29 9.36 5.83 -37.79
CA HIS Z 29 8.15 6.13 -38.53
C HIS Z 29 7.26 7.10 -37.75
N PHE Z 30 7.05 6.83 -36.46
CA PHE Z 30 6.20 7.71 -35.66
C PHE Z 30 6.83 9.07 -35.45
N ILE Z 31 8.16 9.14 -35.33
CA ILE Z 31 8.83 10.43 -35.25
C ILE Z 31 8.58 11.24 -36.50
N LEU Z 32 8.71 10.60 -37.67
CA LEU Z 32 8.43 11.30 -38.92
C LEU Z 32 6.97 11.71 -39.02
N LEU Z 33 6.05 10.88 -38.53
CA LEU Z 33 4.64 11.26 -38.51
C LEU Z 33 4.42 12.50 -37.65
N SER Z 34 5.11 12.59 -36.51
CA SER Z 34 5.01 13.78 -35.67
C SER Z 34 5.56 15.02 -36.35
N THR Z 35 6.42 14.86 -37.34
CA THR Z 35 6.96 16.00 -38.08
C THR Z 35 5.92 16.54 -39.06
N GLU Z 36 6.03 17.82 -39.37
CA GLU Z 36 5.15 18.41 -40.38
C GLU Z 36 5.55 17.98 -41.78
N ARG Z 37 6.84 17.99 -42.08
CA ARG Z 37 7.30 17.82 -43.46
C ARG Z 37 7.23 16.37 -43.92
N PHE Z 38 7.57 15.43 -43.04
CA PHE Z 38 7.67 14.03 -43.41
C PHE Z 38 6.44 13.21 -43.01
N ASN Z 39 5.35 13.88 -42.62
CA ASN Z 39 4.08 13.19 -42.40
C ASN Z 39 3.44 12.97 -43.77
N TRP Z 40 3.48 11.73 -44.24
CA TRP Z 40 2.91 11.36 -45.53
C TRP Z 40 1.42 11.05 -45.45
N LEU Z 41 0.80 11.13 -44.28
CA LEU Z 41 -0.61 10.80 -44.12
C LEU Z 41 -1.45 12.04 -43.85
N GLU Z 42 -1.12 12.79 -42.79
CA GLU Z 42 -1.66 14.14 -42.62
C GLU Z 42 -0.72 15.12 -43.32
N GLY Z 43 -0.67 14.99 -44.64
CA GLY Z 43 0.36 15.64 -45.41
C GLY Z 43 0.26 17.15 -45.38
N ALA Z 44 1.42 17.80 -45.51
CA ALA Z 44 1.51 19.26 -45.55
C ALA Z 44 2.26 19.71 -46.80
N SER Z 45 2.56 21.00 -46.88
CA SER Z 45 3.17 21.58 -48.07
C SER Z 45 4.67 21.77 -47.85
N THR Z 46 5.44 21.50 -48.90
CA THR Z 46 6.88 21.74 -48.84
C THR Z 46 7.20 23.21 -48.67
N LYS Z 47 6.50 24.07 -49.41
CA LYS Z 47 6.75 25.51 -49.36
C LYS Z 47 6.06 26.16 -48.16
N THR AA 12 28.87 -26.69 -32.56
CA THR AA 12 28.54 -25.29 -32.74
C THR AA 12 29.81 -24.51 -33.06
N GLU AA 13 30.64 -25.09 -33.94
CA GLU AA 13 31.88 -24.47 -34.36
C GLU AA 13 32.03 -24.36 -35.87
N GLY AA 14 31.54 -25.35 -36.61
CA GLY AA 14 31.64 -25.32 -38.05
C GLY AA 14 30.28 -25.15 -38.71
N GLU AA 15 29.23 -25.63 -38.03
CA GLU AA 15 27.88 -25.50 -38.56
C GLU AA 15 27.42 -24.05 -38.57
N ALA AA 16 28.07 -23.19 -37.77
CA ALA AA 16 27.72 -21.78 -37.74
C ALA AA 16 28.33 -20.99 -38.90
N LYS AA 17 29.22 -21.59 -39.68
CA LYS AA 17 29.79 -20.88 -40.83
C LYS AA 17 28.71 -20.57 -41.87
N GLU AA 18 27.84 -21.54 -42.17
CA GLU AA 18 26.74 -21.27 -43.08
C GLU AA 18 25.77 -20.26 -42.50
N PHE AA 19 25.52 -20.31 -41.19
CA PHE AA 19 24.67 -19.32 -40.55
C PHE AA 19 25.25 -17.93 -40.74
N HIS AA 20 26.56 -17.77 -40.54
CA HIS AA 20 27.19 -16.47 -40.75
C HIS AA 20 27.12 -16.04 -42.20
N LYS AA 21 27.34 -16.96 -43.14
CA LYS AA 21 27.35 -16.59 -44.55
C LYS AA 21 25.98 -16.10 -45.00
N ILE AA 22 24.92 -16.85 -44.69
CA ILE AA 22 23.60 -16.37 -45.08
C ILE AA 22 23.14 -15.22 -44.20
N PHE AA 23 23.68 -15.09 -42.98
CA PHE AA 23 23.45 -13.89 -42.18
C PHE AA 23 23.94 -12.67 -42.92
N THR AA 24 25.18 -12.71 -43.42
CA THR AA 24 25.71 -11.59 -44.18
C THR AA 24 24.95 -11.39 -45.48
N SER AA 25 24.48 -12.48 -46.11
CA SER AA 25 23.64 -12.33 -47.29
C SER AA 25 22.38 -11.52 -46.97
N SER AA 26 21.71 -11.86 -45.87
CA SER AA 26 20.55 -11.09 -45.41
C SER AA 26 20.93 -9.65 -45.05
N ILE AA 27 22.08 -9.47 -44.41
CA ILE AA 27 22.62 -8.13 -44.16
C ILE AA 27 22.60 -7.30 -45.43
N LEU AA 28 23.31 -7.78 -46.46
CA LEU AA 28 23.41 -7.01 -47.70
C LEU AA 28 22.06 -6.78 -48.35
N VAL AA 29 21.19 -7.80 -48.39
CA VAL AA 29 19.95 -7.60 -49.11
C VAL AA 29 19.02 -6.63 -48.36
N PHE AA 30 18.94 -6.75 -47.03
CA PHE AA 30 18.13 -5.83 -46.25
C PHE AA 30 18.68 -4.41 -46.32
N PHE AA 31 20.01 -4.25 -46.24
CA PHE AA 31 20.57 -2.91 -46.36
C PHE AA 31 20.37 -2.34 -47.75
N GLY AA 32 20.36 -3.20 -48.78
CA GLY AA 32 20.09 -2.72 -50.12
C GLY AA 32 18.68 -2.19 -50.27
N VAL AA 33 17.69 -2.94 -49.76
CA VAL AA 33 16.32 -2.44 -49.87
C VAL AA 33 16.12 -1.21 -48.99
N ALA AA 34 16.78 -1.16 -47.83
CA ALA AA 34 16.70 0.04 -46.98
C ALA AA 34 17.33 1.26 -47.65
N ALA AA 35 18.47 1.07 -48.31
CA ALA AA 35 19.11 2.17 -49.03
C ALA AA 35 18.30 2.60 -50.24
N PHE AA 36 17.67 1.66 -50.93
CA PHE AA 36 16.75 2.02 -52.02
C PHE AA 36 15.58 2.84 -51.49
N ALA AA 37 15.03 2.44 -50.35
CA ALA AA 37 13.95 3.20 -49.72
C ALA AA 37 14.41 4.61 -49.40
N HIS AA 38 15.60 4.73 -48.81
CA HIS AA 38 16.11 6.05 -48.46
C HIS AA 38 16.37 6.90 -49.69
N LEU AA 39 16.86 6.30 -50.77
CA LEU AA 39 17.06 7.04 -52.00
C LEU AA 39 15.74 7.58 -52.53
N LEU AA 40 14.69 6.74 -52.51
CA LEU AA 40 13.37 7.21 -52.96
C LEU AA 40 12.86 8.33 -52.08
N VAL AA 41 13.00 8.19 -50.76
CA VAL AA 41 12.52 9.23 -49.84
C VAL AA 41 13.27 10.52 -50.06
N TRP AA 42 14.59 10.43 -50.29
CA TRP AA 42 15.38 11.62 -50.60
C TRP AA 42 14.90 12.29 -51.87
N ILE AA 43 14.62 11.50 -52.91
CA ILE AA 43 14.09 12.05 -54.15
C ILE AA 43 12.78 12.77 -53.88
N TRP AA 44 11.92 12.18 -53.06
CA TRP AA 44 10.66 12.82 -52.70
C TRP AA 44 10.90 14.08 -51.87
N ARG AA 45 11.52 13.93 -50.70
CA ARG AA 45 11.79 15.05 -49.82
C ARG AA 45 13.08 14.81 -49.04
N PRO AA 46 14.13 15.58 -49.32
CA PRO AA 46 15.38 15.42 -48.56
C PRO AA 46 15.22 15.82 -47.11
N TRP AA 47 16.04 15.21 -46.25
CA TRP AA 47 16.00 15.44 -44.82
C TRP AA 47 17.22 16.20 -44.30
N VAL AA 48 17.87 16.96 -45.17
CA VAL AA 48 18.99 17.81 -44.75
C VAL AA 48 18.68 19.25 -45.12
N PRO AA 49 18.39 20.11 -44.14
CA PRO AA 49 18.05 21.50 -44.47
C PRO AA 49 19.22 22.22 -45.12
N GLY AA 50 18.88 23.19 -45.96
CA GLY AA 50 19.87 24.06 -46.55
C GLY AA 50 20.17 25.24 -45.66
N PRO AA 51 21.00 26.17 -46.15
CA PRO AA 51 21.27 27.38 -45.36
C PRO AA 51 20.03 28.19 -45.05
N ASN AA 52 19.07 28.22 -45.96
CA ASN AA 52 17.81 28.91 -45.74
C ASN AA 52 16.74 28.03 -45.11
N GLY AA 53 17.03 26.74 -44.92
CA GLY AA 53 16.06 25.82 -44.38
C GLY AA 53 15.41 24.96 -45.45
N TYR AA 54 14.11 25.16 -45.65
CA TYR AA 54 13.31 24.35 -46.57
C TYR AA 54 12.66 25.19 -47.66
N SER AA 55 13.11 26.42 -47.85
CA SER AA 55 12.63 27.29 -48.94
C SER AA 55 11.12 27.54 -48.88
N TRP BA 2 46.51 -8.01 -25.30
CA TRP BA 2 45.67 -9.15 -25.66
C TRP BA 2 45.13 -9.84 -24.41
N ARG BA 3 45.85 -9.70 -23.29
CA ARG BA 3 45.40 -10.29 -22.03
C ARG BA 3 44.18 -9.60 -21.45
N ILE BA 4 43.80 -8.45 -21.99
CA ILE BA 4 42.57 -7.77 -21.56
C ILE BA 4 41.37 -8.68 -21.78
N TRP BA 5 41.36 -9.40 -22.90
CA TRP BA 5 40.21 -10.21 -23.27
C TRP BA 5 40.14 -11.50 -22.47
N GLN BA 6 41.29 -12.04 -22.06
CA GLN BA 6 41.27 -13.14 -21.10
C GLN BA 6 41.07 -12.64 -19.68
N LEU BA 7 41.12 -11.32 -19.48
CA LEU BA 7 40.70 -10.75 -18.20
C LEU BA 7 39.19 -10.55 -18.14
N PHE BA 8 38.59 -10.07 -19.22
CA PHE BA 8 37.18 -9.71 -19.26
C PHE BA 8 36.35 -10.78 -19.97
N ASP BA 9 35.04 -10.70 -19.78
CA ASP BA 9 34.13 -11.66 -20.42
C ASP BA 9 33.82 -11.18 -21.83
N PRO BA 10 34.21 -11.93 -22.86
CA PRO BA 10 34.00 -11.45 -24.24
C PRO BA 10 32.54 -11.22 -24.58
N ARG BA 11 31.63 -12.07 -24.09
CA ARG BA 11 30.21 -11.88 -24.37
C ARG BA 11 29.66 -10.68 -23.61
N GLN BA 12 30.00 -10.57 -22.32
CA GLN BA 12 29.53 -9.44 -21.53
C GLN BA 12 30.06 -8.13 -22.09
N ALA BA 13 31.32 -8.11 -22.51
CA ALA BA 13 31.91 -6.89 -23.06
C ALA BA 13 31.14 -6.44 -24.31
N LEU BA 14 30.89 -7.36 -25.23
CA LEU BA 14 30.15 -7.00 -26.45
C LEU BA 14 28.74 -6.53 -26.13
N VAL BA 15 28.02 -7.26 -25.27
CA VAL BA 15 26.65 -6.86 -24.97
C VAL BA 15 26.60 -5.48 -24.30
N GLY BA 16 27.42 -5.29 -23.27
CA GLY BA 16 27.42 -4.01 -22.57
C GLY BA 16 27.87 -2.86 -23.44
N LEU BA 17 28.93 -3.06 -24.23
CA LEU BA 17 29.40 -2.01 -25.10
C LEU BA 17 28.36 -1.66 -26.16
N ALA BA 18 27.71 -2.68 -26.75
CA ALA BA 18 26.69 -2.41 -27.75
C ALA BA 18 25.53 -1.61 -27.18
N THR BA 19 24.99 -2.05 -26.04
CA THR BA 19 23.85 -1.34 -25.46
C THR BA 19 24.24 0.06 -25.00
N PHE BA 20 25.44 0.22 -24.41
CA PHE BA 20 25.88 1.52 -23.95
C PHE BA 20 26.07 2.49 -25.11
N LEU BA 21 26.72 2.02 -26.18
CA LEU BA 21 26.94 2.86 -27.34
C LEU BA 21 25.62 3.22 -28.01
N PHE BA 22 24.68 2.28 -28.04
CA PHE BA 22 23.36 2.58 -28.60
C PHE BA 22 22.63 3.64 -27.78
N VAL BA 23 22.67 3.51 -26.46
CA VAL BA 23 22.01 4.50 -25.62
C VAL BA 23 22.66 5.87 -25.78
N LEU BA 24 23.98 5.91 -25.85
CA LEU BA 24 24.68 7.17 -26.08
C LEU BA 24 24.29 7.79 -27.42
N ALA BA 25 24.25 6.99 -28.49
CA ALA BA 25 23.89 7.51 -29.80
C ALA BA 25 22.46 8.03 -29.80
N LEU BA 26 21.56 7.30 -29.14
CA LEU BA 26 20.17 7.71 -29.08
C LEU BA 26 20.03 9.04 -28.33
N LEU BA 27 20.77 9.18 -27.22
CA LEU BA 27 20.75 10.45 -26.49
C LEU BA 27 21.29 11.59 -27.32
N ILE BA 28 22.40 11.37 -28.04
CA ILE BA 28 22.96 12.44 -28.85
C ILE BA 28 21.98 12.86 -29.94
N HIS BA 29 21.35 11.88 -30.59
CA HIS BA 29 20.39 12.19 -31.64
C HIS BA 29 19.20 12.97 -31.09
N PHE BA 30 18.68 12.56 -29.93
CA PHE BA 30 17.55 13.27 -29.36
C PHE BA 30 17.94 14.67 -28.89
N ILE BA 31 19.16 14.85 -28.41
CA ILE BA 31 19.63 16.19 -28.07
C ILE BA 31 19.69 17.06 -29.30
N LEU BA 32 20.23 16.53 -30.40
CA LEU BA 32 20.28 17.29 -31.65
C LEU BA 32 18.87 17.64 -32.13
N LEU BA 33 17.93 16.72 -31.97
CA LEU BA 33 16.54 17.01 -32.32
C LEU BA 33 15.98 18.13 -31.45
N SER BA 34 16.30 18.13 -30.16
CA SER BA 34 15.86 19.18 -29.27
C SER BA 34 16.55 20.51 -29.55
N THR BA 35 17.59 20.51 -30.38
CA THR BA 35 18.30 21.73 -30.72
C THR BA 35 17.66 22.39 -31.92
N GLU BA 36 17.46 23.70 -31.84
CA GLU BA 36 16.85 24.45 -32.93
C GLU BA 36 17.72 24.40 -34.18
N ARG BA 37 19.05 24.50 -34.02
CA ARG BA 37 19.94 24.58 -35.16
C ARG BA 37 20.10 23.23 -35.86
N PHE BA 38 20.25 22.15 -35.09
CA PHE BA 38 20.65 20.86 -35.64
C PHE BA 38 19.49 19.89 -35.81
N ASN BA 39 18.26 20.35 -35.69
CA ASN BA 39 17.11 19.49 -35.92
C ASN BA 39 16.90 19.35 -37.43
N TRP BA 40 17.22 18.18 -37.96
CA TRP BA 40 17.14 17.91 -39.40
C TRP BA 40 15.74 17.55 -39.86
N LEU BA 41 14.74 17.65 -38.99
CA LEU BA 41 13.35 17.39 -39.35
C LEU BA 41 12.53 18.67 -39.46
N GLU BA 42 12.70 19.61 -38.52
CA GLU BA 42 11.99 20.88 -38.63
C GLU BA 42 12.63 21.78 -39.68
N GLY BA 43 13.97 21.77 -39.75
CA GLY BA 43 14.68 22.49 -40.79
C GLY BA 43 14.54 23.99 -40.76
N ALA BA 44 14.68 24.59 -39.59
CA ALA BA 44 14.61 26.05 -39.48
C ALA BA 44 15.87 26.68 -40.06
N SER BA 45 15.73 27.91 -40.55
CA SER BA 45 16.81 28.57 -41.26
C SER BA 45 17.99 28.83 -40.33
N THR BA 46 19.20 28.73 -40.91
CA THR BA 46 20.41 29.00 -40.13
C THR BA 46 20.49 30.46 -39.71
N LYS BA 47 20.07 31.37 -40.57
CA LYS BA 47 20.08 32.80 -40.26
C LYS BA 47 19.12 33.13 -39.13
N ILE CA 11 39.39 -16.55 -21.56
CA ILE CA 11 39.33 -18.01 -21.61
C ILE CA 11 40.70 -18.58 -22.01
N THR CA 12 40.84 -18.91 -23.28
CA THR CA 12 42.09 -19.47 -23.78
C THR CA 12 43.19 -18.40 -23.81
N GLU CA 13 44.44 -18.88 -23.87
CA GLU CA 13 45.57 -17.96 -23.88
C GLU CA 13 45.70 -17.25 -25.22
N GLY CA 14 45.54 -17.99 -26.32
CA GLY CA 14 45.76 -17.42 -27.64
C GLY CA 14 44.49 -17.11 -28.41
N GLU CA 15 43.34 -17.52 -27.88
CA GLU CA 15 42.06 -17.23 -28.50
C GLU CA 15 41.55 -15.83 -28.17
N ALA CA 16 42.43 -14.96 -27.67
CA ALA CA 16 42.11 -13.55 -27.46
C ALA CA 16 42.90 -12.63 -28.39
N LYS CA 17 44.04 -13.07 -28.91
CA LYS CA 17 44.77 -12.29 -29.89
C LYS CA 17 43.97 -12.13 -31.18
N GLU CA 18 43.32 -13.20 -31.62
CA GLU CA 18 42.41 -13.10 -32.76
C GLU CA 18 41.15 -12.31 -32.40
N PHE CA 19 40.67 -12.44 -31.17
CA PHE CA 19 39.61 -11.56 -30.72
C PHE CA 19 40.06 -10.11 -30.71
N HIS CA 20 41.32 -9.86 -30.35
CA HIS CA 20 41.86 -8.51 -30.45
C HIS CA 20 41.92 -8.05 -31.90
N LYS CA 21 42.27 -8.95 -32.83
CA LYS CA 21 42.26 -8.63 -34.24
C LYS CA 21 40.87 -8.17 -34.71
N ILE CA 22 39.85 -8.98 -34.40
CA ILE CA 22 38.51 -8.62 -34.84
C ILE CA 22 38.01 -7.38 -34.11
N PHE CA 23 38.38 -7.19 -32.84
CA PHE CA 23 37.96 -6.01 -32.10
C PHE CA 23 38.57 -4.74 -32.68
N THR CA 24 39.87 -4.76 -32.99
CA THR CA 24 40.49 -3.58 -33.57
C THR CA 24 39.98 -3.33 -34.99
N SER CA 25 39.68 -4.39 -35.74
CA SER CA 25 39.05 -4.18 -37.04
C SER CA 25 37.68 -3.50 -36.89
N SER CA 26 36.88 -3.96 -35.92
CA SER CA 26 35.60 -3.31 -35.67
C SER CA 26 35.78 -1.88 -35.21
N ILE CA 27 36.80 -1.61 -34.39
CA ILE CA 27 37.06 -0.26 -33.93
C ILE CA 27 37.37 0.66 -35.11
N LEU CA 28 38.24 0.22 -36.02
CA LEU CA 28 38.53 1.01 -37.20
C LEU CA 28 37.29 1.22 -38.06
N VAL CA 29 36.51 0.16 -38.28
CA VAL CA 29 35.32 0.28 -39.12
C VAL CA 29 34.33 1.27 -38.52
N PHE CA 30 34.12 1.20 -37.20
CA PHE CA 30 33.18 2.11 -36.55
C PHE CA 30 33.70 3.53 -36.53
N PHE CA 31 34.97 3.72 -36.18
CA PHE CA 31 35.50 5.07 -36.03
C PHE CA 31 35.61 5.78 -37.37
N GLY CA 32 35.94 5.04 -38.44
CA GLY CA 32 36.04 5.66 -39.75
C GLY CA 32 34.71 6.21 -40.22
N VAL CA 33 33.65 5.41 -40.09
CA VAL CA 33 32.34 5.89 -40.51
C VAL CA 33 31.83 6.97 -39.57
N ALA CA 34 32.19 6.90 -38.29
CA ALA CA 34 31.81 7.96 -37.37
C ALA CA 34 32.43 9.29 -37.76
N ALA CA 35 33.74 9.29 -38.05
CA ALA CA 35 34.41 10.51 -38.47
C ALA CA 35 33.91 10.96 -39.84
N PHE CA 36 33.55 10.01 -40.70
CA PHE CA 36 32.98 10.33 -42.00
C PHE CA 36 31.67 11.10 -41.83
N ALA CA 37 30.79 10.58 -40.96
CA ALA CA 37 29.53 11.24 -40.66
C ALA CA 37 29.74 12.61 -40.03
N HIS CA 38 30.69 12.71 -39.10
CA HIS CA 38 30.99 13.99 -38.47
C HIS CA 38 31.48 14.99 -39.49
N LEU CA 39 32.30 14.55 -40.44
CA LEU CA 39 32.82 15.46 -41.46
C LEU CA 39 31.69 15.98 -42.34
N LEU CA 40 30.76 15.11 -42.74
CA LEU CA 40 29.60 15.60 -43.48
C LEU CA 40 28.75 16.56 -42.65
N VAL CA 41 28.58 16.27 -41.36
CA VAL CA 41 27.79 17.18 -40.53
C VAL CA 41 28.47 18.55 -40.45
N TRP CA 42 29.80 18.57 -40.28
CA TRP CA 42 30.50 19.85 -40.24
C TRP CA 42 30.42 20.58 -41.57
N ILE CA 43 30.52 19.86 -42.68
CA ILE CA 43 30.37 20.49 -43.99
C ILE CA 43 28.97 21.09 -44.12
N TRP CA 44 27.97 20.40 -43.59
CA TRP CA 44 26.60 20.93 -43.63
C TRP CA 44 26.42 22.07 -42.64
N ARG CA 45 26.60 21.80 -41.34
CA ARG CA 45 26.46 22.83 -40.32
C ARG CA 45 27.47 22.62 -39.19
N PRO CA 46 28.46 23.50 -39.06
CA PRO CA 46 29.43 23.36 -37.97
C PRO CA 46 28.79 23.64 -36.63
N TRP CA 47 29.35 23.02 -35.59
CA TRP CA 47 28.80 23.09 -34.24
C TRP CA 47 29.66 23.90 -33.28
N VAL CA 48 30.59 24.70 -33.78
CA VAL CA 48 31.41 25.58 -32.96
C VAL CA 48 31.13 27.01 -33.39
N PRO CA 49 30.35 27.77 -32.61
CA PRO CA 49 30.01 29.13 -33.01
C PRO CA 49 31.22 30.05 -32.98
N GLY CA 50 31.19 31.07 -33.83
CA GLY CA 50 32.22 32.06 -33.86
C GLY CA 50 32.07 33.09 -32.77
N PRO CA 51 33.03 34.00 -32.70
CA PRO CA 51 33.03 35.00 -31.60
C PRO CA 51 31.76 35.84 -31.53
N ASN CA 52 31.10 36.10 -32.64
CA ASN CA 52 29.82 36.78 -32.63
C ASN CA 52 28.65 35.83 -32.86
N GLY CA 53 28.85 34.53 -32.68
CA GLY CA 53 27.77 33.57 -32.76
C GLY CA 53 27.69 32.85 -34.09
N TYR CA 54 26.49 32.42 -34.46
CA TYR CA 54 26.24 31.82 -35.75
C TYR CA 54 25.75 32.88 -36.74
N SER CA 55 25.93 32.61 -38.03
CA SER CA 55 25.44 33.49 -39.06
C SER CA 55 23.92 33.40 -39.15
N TRP DA 2 54.77 2.48 -9.14
CA TRP DA 2 54.50 1.27 -9.92
C TRP DA 2 54.09 0.11 -9.03
N ARG DA 3 53.90 0.40 -7.74
CA ARG DA 3 53.49 -0.59 -6.75
C ARG DA 3 52.08 -0.33 -6.23
N ILE DA 4 51.30 0.48 -6.93
CA ILE DA 4 49.91 0.68 -6.54
C ILE DA 4 49.10 -0.57 -6.85
N TRP DA 5 49.31 -1.17 -8.02
CA TRP DA 5 48.53 -2.33 -8.45
C TRP DA 5 49.04 -3.65 -7.91
N GLN DA 6 50.13 -3.64 -7.14
CA GLN DA 6 50.61 -4.88 -6.53
C GLN DA 6 49.54 -5.54 -5.67
N LEU DA 7 48.73 -4.74 -4.99
CA LEU DA 7 47.62 -5.25 -4.20
C LEU DA 7 46.25 -4.80 -4.69
N PHE DA 8 46.17 -3.65 -5.37
CA PHE DA 8 44.90 -3.22 -5.95
C PHE DA 8 44.47 -4.18 -7.05
N ASP DA 9 43.23 -4.65 -6.97
CA ASP DA 9 42.71 -5.52 -8.01
C ASP DA 9 42.57 -4.76 -9.32
N PRO DA 10 43.07 -5.31 -10.44
CA PRO DA 10 43.08 -4.50 -11.67
C PRO DA 10 41.70 -4.35 -12.32
N ARG DA 11 40.92 -5.43 -12.40
CA ARG DA 11 39.67 -5.35 -13.16
C ARG DA 11 38.68 -4.40 -12.51
N GLN DA 12 38.49 -4.49 -11.20
CA GLN DA 12 37.56 -3.60 -10.51
C GLN DA 12 38.04 -2.16 -10.58
N ALA DA 13 39.35 -1.95 -10.41
CA ALA DA 13 39.90 -0.60 -10.50
C ALA DA 13 39.63 0.01 -11.87
N LEU DA 14 39.85 -0.76 -12.94
CA LEU DA 14 39.64 -0.21 -14.27
C LEU DA 14 38.17 -0.03 -14.61
N VAL DA 15 37.31 -0.95 -14.16
CA VAL DA 15 35.88 -0.78 -14.40
C VAL DA 15 35.37 0.48 -13.73
N GLY DA 16 35.72 0.66 -12.44
CA GLY DA 16 35.36 1.88 -11.75
C GLY DA 16 36.00 3.12 -12.34
N LEU DA 17 37.22 3.02 -12.83
CA LEU DA 17 37.87 4.14 -13.50
C LEU DA 17 37.07 4.58 -14.72
N ALA DA 18 36.71 3.63 -15.58
CA ALA DA 18 35.95 3.95 -16.78
C ALA DA 18 34.58 4.52 -16.43
N THR DA 19 33.90 3.92 -15.45
CA THR DA 19 32.58 4.40 -15.07
C THR DA 19 32.65 5.81 -14.50
N PHE DA 20 33.61 6.06 -13.61
CA PHE DA 20 33.76 7.38 -13.01
C PHE DA 20 34.10 8.43 -14.07
N LEU DA 21 35.02 8.10 -14.98
CA LEU DA 21 35.36 9.04 -16.03
C LEU DA 21 34.16 9.36 -16.90
N PHE DA 22 33.39 8.34 -17.27
CA PHE DA 22 32.23 8.56 -18.13
C PHE DA 22 31.18 9.42 -17.44
N VAL DA 23 30.90 9.13 -16.16
CA VAL DA 23 29.89 9.90 -15.44
C VAL DA 23 30.33 11.35 -15.27
N LEU DA 24 31.60 11.56 -14.91
CA LEU DA 24 32.10 12.92 -14.78
C LEU DA 24 32.06 13.65 -16.12
N ALA DA 25 32.37 12.96 -17.21
CA ALA DA 25 32.31 13.58 -18.53
C ALA DA 25 30.89 13.99 -18.88
N LEU DA 26 29.91 13.13 -18.61
CA LEU DA 26 28.52 13.51 -18.81
C LEU DA 26 28.17 14.75 -18.01
N LEU DA 27 28.55 14.75 -16.72
CA LEU DA 27 28.20 15.87 -15.86
C LEU DA 27 28.79 17.17 -16.38
N ILE DA 28 30.07 17.15 -16.76
CA ILE DA 28 30.72 18.37 -17.20
C ILE DA 28 30.13 18.84 -18.53
N HIS DA 29 29.83 17.91 -19.43
CA HIS DA 29 29.23 18.29 -20.71
C HIS DA 29 27.86 18.92 -20.50
N PHE DA 30 27.04 18.33 -19.63
CA PHE DA 30 25.71 18.89 -19.39
C PHE DA 30 25.80 20.24 -18.70
N ILE DA 31 26.76 20.41 -17.79
CA ILE DA 31 26.95 21.70 -17.15
C ILE DA 31 27.34 22.75 -18.19
N LEU DA 32 28.24 22.39 -19.11
CA LEU DA 32 28.60 23.31 -20.17
C LEU DA 32 27.39 23.64 -21.06
N LEU DA 33 26.58 22.64 -21.38
CA LEU DA 33 25.39 22.87 -22.18
C LEU DA 33 24.43 23.84 -21.49
N SER DA 34 24.29 23.71 -20.17
CA SER DA 34 23.41 24.61 -19.44
C SER DA 34 23.90 26.05 -19.45
N THR DA 35 25.18 26.28 -19.73
CA THR DA 35 25.71 27.63 -19.71
C THR DA 35 25.29 28.40 -20.96
N GLU DA 36 25.19 29.72 -20.80
CA GLU DA 36 24.84 30.62 -21.90
C GLU DA 36 26.03 30.93 -22.79
N ARG DA 37 27.23 30.51 -22.41
CA ARG DA 37 28.46 30.81 -23.13
C ARG DA 37 29.06 29.62 -23.84
N PHE DA 38 29.15 28.46 -23.18
CA PHE DA 38 29.84 27.30 -23.72
C PHE DA 38 28.89 26.29 -24.35
N ASN DA 39 27.60 26.61 -24.45
CA ASN DA 39 26.65 25.73 -25.12
C ASN DA 39 26.92 25.78 -26.62
N TRP DA 40 27.60 24.76 -27.13
CA TRP DA 40 28.03 24.77 -28.52
C TRP DA 40 26.90 24.45 -29.50
N LEU DA 41 25.72 24.08 -29.00
CA LEU DA 41 24.60 23.75 -29.88
C LEU DA 41 23.69 24.93 -30.20
N GLU DA 42 23.83 26.06 -29.50
CA GLU DA 42 23.10 27.27 -29.86
C GLU DA 42 24.01 28.45 -30.20
N GLY DA 43 25.08 28.65 -29.46
CA GLY DA 43 26.00 29.71 -29.81
C GLY DA 43 25.41 31.09 -29.65
N ALA DA 44 25.16 31.51 -28.42
CA ALA DA 44 24.50 32.77 -28.14
C ALA DA 44 25.42 33.97 -28.28
N SER DA 45 26.67 33.76 -28.71
CA SER DA 45 27.63 34.83 -28.97
C SER DA 45 28.11 35.52 -27.71
N THR DA 46 29.38 35.94 -27.69
CA THR DA 46 29.96 36.54 -26.50
C THR DA 46 29.60 38.02 -26.40
N LYS DA 47 30.02 38.81 -27.40
CA LYS DA 47 29.80 40.25 -27.36
C LYS DA 47 28.49 40.63 -28.05
N ILE EA 11 47.54 -12.55 -9.91
CA ILE EA 11 48.26 -11.88 -8.83
C ILE EA 11 49.75 -11.86 -9.12
N THR EA 12 50.11 -12.31 -10.32
CA THR EA 12 51.51 -12.40 -10.71
C THR EA 12 52.17 -11.02 -10.71
N GLU EA 13 53.34 -10.92 -10.09
CA GLU EA 13 54.03 -9.63 -9.99
C GLU EA 13 54.50 -9.15 -11.36
N GLY EA 14 55.05 -10.05 -12.17
CA GLY EA 14 55.46 -9.68 -13.52
C GLY EA 14 54.30 -9.19 -14.36
N GLU EA 15 53.13 -9.79 -14.17
CA GLU EA 15 51.93 -9.33 -14.88
C GLU EA 15 51.59 -7.89 -14.50
N ALA EA 16 51.66 -7.57 -13.20
CA ALA EA 16 51.41 -6.20 -12.76
C ALA EA 16 52.46 -5.24 -13.33
N LYS EA 17 53.72 -5.65 -13.33
CA LYS EA 17 54.77 -4.79 -13.88
C LYS EA 17 54.54 -4.53 -15.36
N GLU EA 18 54.12 -5.55 -16.11
CA GLU EA 18 53.80 -5.35 -17.52
C GLU EA 18 52.58 -4.45 -17.69
N PHE EA 19 51.53 -4.66 -16.89
CA PHE EA 19 50.34 -3.83 -16.97
C PHE EA 19 50.64 -2.38 -16.64
N HIS EA 20 51.68 -2.12 -15.83
CA HIS EA 20 52.02 -0.74 -15.51
C HIS EA 20 52.38 0.04 -16.78
N LYS EA 21 53.12 -0.58 -17.69
CA LYS EA 21 53.51 0.10 -18.93
C LYS EA 21 52.29 0.48 -19.76
N ILE EA 22 51.37 -0.46 -19.95
CA ILE EA 22 50.20 -0.18 -20.77
C ILE EA 22 49.28 0.83 -20.09
N PHE EA 23 49.16 0.77 -18.76
CA PHE EA 23 48.39 1.77 -18.03
C PHE EA 23 49.01 3.15 -18.18
N THR EA 24 50.34 3.24 -18.12
CA THR EA 24 51.00 4.53 -18.30
C THR EA 24 50.84 5.05 -19.72
N SER EA 25 50.94 4.19 -20.72
CA SER EA 25 50.71 4.64 -22.08
C SER EA 25 49.28 5.12 -22.27
N SER EA 26 48.32 4.40 -21.71
CA SER EA 26 46.92 4.81 -21.78
C SER EA 26 46.69 6.15 -21.08
N ILE EA 27 47.27 6.32 -19.89
CA ILE EA 27 47.08 7.57 -19.17
C ILE EA 27 47.72 8.72 -19.93
N LEU EA 28 48.89 8.50 -20.53
CA LEU EA 28 49.52 9.58 -21.30
C LEU EA 28 48.69 9.95 -22.52
N VAL EA 29 48.20 8.96 -23.25
CA VAL EA 29 47.43 9.29 -24.46
C VAL EA 29 46.10 9.96 -24.08
N PHE EA 30 45.46 9.49 -23.01
CA PHE EA 30 44.20 10.10 -22.58
C PHE EA 30 44.41 11.54 -22.10
N PHE EA 31 45.45 11.76 -21.29
CA PHE EA 31 45.73 13.11 -20.82
C PHE EA 31 46.15 14.02 -21.95
N GLY EA 32 46.88 13.49 -22.93
CA GLY EA 32 47.23 14.30 -24.10
C GLY EA 32 46.01 14.69 -24.90
N VAL EA 33 45.08 13.75 -25.11
CA VAL EA 33 43.85 14.07 -25.81
C VAL EA 33 43.06 15.12 -25.05
N ALA EA 34 42.96 14.96 -23.72
CA ALA EA 34 42.22 15.91 -22.90
C ALA EA 34 42.87 17.29 -22.93
N ALA EA 35 44.20 17.34 -22.87
CA ALA EA 35 44.90 18.62 -22.87
C ALA EA 35 44.77 19.31 -24.22
N PHE EA 36 44.84 18.55 -25.31
CA PHE EA 36 44.61 19.12 -26.64
C PHE EA 36 43.18 19.64 -26.77
N ALA EA 37 42.21 18.90 -26.23
CA ALA EA 37 40.82 19.35 -26.25
C ALA EA 37 40.64 20.63 -25.45
N HIS EA 38 41.26 20.70 -24.27
CA HIS EA 38 41.16 21.90 -23.45
C HIS EA 38 41.85 23.09 -24.10
N LEU EA 39 42.98 22.85 -24.78
CA LEU EA 39 43.65 23.93 -25.49
C LEU EA 39 42.79 24.44 -26.63
N LEU EA 40 42.16 23.53 -27.38
CA LEU EA 40 41.26 23.94 -28.46
C LEU EA 40 40.09 24.74 -27.92
N VAL EA 41 39.50 24.29 -26.80
CA VAL EA 41 38.40 25.02 -26.20
C VAL EA 41 38.85 26.40 -25.72
N TRP EA 42 40.02 26.47 -25.09
CA TRP EA 42 40.53 27.75 -24.61
C TRP EA 42 40.77 28.73 -25.74
N ILE EA 43 41.33 28.25 -26.85
CA ILE EA 43 41.50 29.11 -28.02
C ILE EA 43 40.14 29.54 -28.55
N TRP EA 44 39.17 28.62 -28.56
CA TRP EA 44 37.83 28.97 -29.02
C TRP EA 44 37.16 29.97 -28.07
N ARG EA 45 37.15 29.66 -26.77
CA ARG EA 45 36.53 30.50 -25.76
C ARG EA 45 37.16 30.25 -24.39
N PRO EA 46 37.82 31.24 -23.80
CA PRO EA 46 38.43 31.03 -22.48
C PRO EA 46 37.38 30.95 -21.39
N TRP EA 47 37.60 30.06 -20.42
CA TRP EA 47 36.66 29.84 -19.34
C TRP EA 47 37.07 30.49 -18.04
N VAL EA 48 38.07 31.38 -18.07
CA VAL EA 48 38.48 32.16 -16.92
C VAL EA 48 38.07 33.61 -17.18
N PRO EA 49 37.08 34.15 -16.47
CA PRO EA 49 36.56 35.48 -16.81
C PRO EA 49 37.57 36.58 -16.54
N GLY EA 50 37.41 37.68 -17.25
CA GLY EA 50 38.15 38.88 -16.96
C GLY EA 50 37.53 39.65 -15.83
N PRO EA 51 38.24 40.67 -15.36
CA PRO EA 51 37.72 41.49 -14.25
C PRO EA 51 36.43 42.20 -14.57
N ASN EA 52 36.13 42.45 -15.84
CA ASN EA 52 34.88 43.08 -16.25
C ASN EA 52 33.84 42.07 -16.73
N GLY EA 53 34.06 40.79 -16.47
CA GLY EA 53 33.14 39.76 -16.92
C GLY EA 53 33.64 39.08 -18.18
N TYR EA 54 32.75 38.92 -19.16
CA TYR EA 54 33.10 38.34 -20.44
C TYR EA 54 32.83 39.36 -21.53
N SER EA 55 33.88 39.82 -22.19
CA SER EA 55 33.74 40.76 -23.30
C SER EA 55 33.20 40.05 -24.53
N TRP FA 2 54.81 6.86 12.62
CA TRP FA 2 55.66 5.89 11.95
C TRP FA 2 54.85 4.98 11.03
N ARG FA 3 54.27 3.93 11.60
CA ARG FA 3 53.50 2.95 10.85
C ARG FA 3 52.05 3.02 11.32
N ILE FA 4 51.28 3.92 10.72
CA ILE FA 4 49.83 3.96 10.93
C ILE FA 4 49.09 2.99 10.02
N TRP FA 5 49.74 2.47 8.98
CA TRP FA 5 49.15 1.49 8.08
C TRP FA 5 49.28 0.06 8.58
N GLN FA 6 49.98 -0.15 9.70
CA GLN FA 6 49.89 -1.40 10.41
C GLN FA 6 48.56 -1.53 11.16
N LEU FA 7 47.76 -0.46 11.17
CA LEU FA 7 46.46 -0.45 11.83
C LEU FA 7 45.31 -0.27 10.86
N PHE FA 8 45.51 0.46 9.77
CA PHE FA 8 44.47 0.74 8.78
C PHE FA 8 44.82 0.03 7.48
N ASP FA 9 43.81 -0.61 6.88
CA ASP FA 9 44.00 -1.24 5.58
C ASP FA 9 44.34 -0.17 4.56
N PRO FA 10 45.50 -0.26 3.89
CA PRO FA 10 45.83 0.76 2.88
C PRO FA 10 44.85 0.83 1.73
N ARG FA 11 44.29 -0.30 1.31
CA ARG FA 11 43.31 -0.28 0.22
C ARG FA 11 42.04 0.44 0.65
N GLN FA 12 41.48 0.05 1.79
CA GLN FA 12 40.25 0.69 2.26
C GLN FA 12 40.48 2.17 2.55
N ALA FA 13 41.61 2.50 3.17
CA ALA FA 13 41.90 3.90 3.46
C ALA FA 13 42.04 4.71 2.18
N LEU FA 14 42.74 4.16 1.18
CA LEU FA 14 42.93 4.89 -0.06
C LEU FA 14 41.60 5.10 -0.77
N VAL FA 15 40.75 4.06 -0.82
CA VAL FA 15 39.46 4.21 -1.48
C VAL FA 15 38.58 5.21 -0.74
N GLY FA 16 38.56 5.13 0.60
CA GLY FA 16 37.76 6.06 1.37
C GLY FA 16 38.20 7.51 1.19
N LEU FA 17 39.51 7.74 1.21
CA LEU FA 17 40.02 9.10 0.97
C LEU FA 17 39.75 9.58 -0.44
N ALA FA 18 39.88 8.70 -1.44
CA ALA FA 18 39.57 9.12 -2.80
C ALA FA 18 38.11 9.53 -2.91
N THR FA 19 37.20 8.73 -2.36
CA THR FA 19 35.79 9.08 -2.41
C THR FA 19 35.49 10.35 -1.64
N PHE FA 20 36.03 10.49 -0.43
CA PHE FA 20 35.79 11.68 0.38
C PHE FA 20 36.31 12.93 -0.33
N LEU FA 21 37.52 12.86 -0.87
CA LEU FA 21 38.11 14.01 -1.52
C LEU FA 21 37.32 14.38 -2.77
N PHE FA 22 36.90 13.39 -3.56
CA PHE FA 22 36.10 13.68 -4.74
C PHE FA 22 34.78 14.34 -4.35
N VAL FA 23 34.11 13.82 -3.33
CA VAL FA 23 32.82 14.36 -2.92
C VAL FA 23 32.99 15.79 -2.41
N LEU FA 24 34.01 16.04 -1.60
CA LEU FA 24 34.24 17.37 -1.07
C LEU FA 24 34.58 18.36 -2.18
N ALA FA 25 35.43 17.94 -3.13
CA ALA FA 25 35.78 18.82 -4.24
C ALA FA 25 34.57 19.12 -5.11
N LEU FA 26 33.72 18.12 -5.36
CA LEU FA 26 32.50 18.35 -6.11
C LEU FA 26 31.58 19.32 -5.37
N LEU FA 27 31.46 19.18 -4.05
CA LEU FA 27 30.63 20.07 -3.27
C LEU FA 27 31.15 21.50 -3.35
N ILE FA 28 32.47 21.69 -3.20
CA ILE FA 28 33.03 23.04 -3.25
C ILE FA 28 32.87 23.64 -4.64
N HIS FA 29 33.06 22.83 -5.68
CA HIS FA 29 32.90 23.31 -7.04
C HIS FA 29 31.47 23.74 -7.31
N PHE FA 30 30.50 22.94 -6.87
CA PHE FA 30 29.10 23.30 -7.05
C PHE FA 30 28.73 24.55 -6.24
N ILE FA 31 29.28 24.68 -5.04
CA ILE FA 31 29.03 25.88 -4.26
C ILE FA 31 29.56 27.12 -4.97
N LEU FA 32 30.77 27.03 -5.54
CA LEU FA 32 31.31 28.14 -6.30
C LEU FA 32 30.44 28.45 -7.51
N LEU FA 33 29.97 27.41 -8.21
CA LEU FA 33 29.07 27.62 -9.34
C LEU FA 33 27.74 28.23 -8.92
N SER FA 34 27.33 28.05 -7.66
CA SER FA 34 26.11 28.68 -7.18
C SER FA 34 26.26 30.17 -6.98
N THR FA 35 27.48 30.66 -6.80
CA THR FA 35 27.71 32.05 -6.48
C THR FA 35 27.54 32.92 -7.73
N GLU FA 36 27.60 34.23 -7.50
CA GLU FA 36 27.57 35.20 -8.57
C GLU FA 36 28.97 35.66 -8.97
N ARG FA 37 29.96 35.45 -8.10
CA ARG FA 37 31.31 35.97 -8.30
C ARG FA 37 32.31 34.91 -8.75
N PHE FA 38 32.18 33.68 -8.28
CA PHE FA 38 33.12 32.62 -8.59
C PHE FA 38 32.58 31.60 -9.59
N ASN FA 39 31.45 31.90 -10.22
CA ASN FA 39 30.94 31.06 -11.30
C ASN FA 39 31.76 31.38 -12.55
N TRP FA 40 32.80 30.57 -12.79
CA TRP FA 40 33.68 30.82 -13.93
C TRP FA 40 33.04 30.49 -15.26
N LEU FA 41 31.87 29.87 -15.28
CA LEU FA 41 31.16 29.59 -16.52
C LEU FA 41 30.22 30.71 -16.90
N GLU FA 42 29.42 31.19 -15.95
CA GLU FA 42 28.62 32.38 -16.18
C GLU FA 42 29.51 33.59 -16.44
N GLY FA 43 30.60 33.71 -15.69
CA GLY FA 43 31.57 34.77 -15.92
C GLY FA 43 31.06 36.17 -15.70
N ALA FA 44 30.44 36.41 -14.54
CA ALA FA 44 29.93 37.73 -14.23
C ALA FA 44 31.08 38.72 -14.01
N SER FA 45 30.72 39.99 -13.93
CA SER FA 45 31.69 41.07 -13.80
C SER FA 45 32.04 41.30 -12.34
N THR FA 46 33.34 41.35 -12.05
CA THR FA 46 33.78 41.74 -10.71
C THR FA 46 33.36 43.17 -10.41
N LYS FA 47 33.50 44.06 -11.38
CA LYS FA 47 33.06 45.44 -11.23
C LYS FA 47 31.58 45.57 -11.61
N THR GA 12 53.44 -6.66 5.44
CA THR GA 12 54.53 -6.76 6.41
C THR GA 12 54.82 -5.40 7.04
N GLU GA 13 55.65 -5.40 8.08
CA GLU GA 13 55.95 -4.17 8.80
C GLU GA 13 56.72 -3.18 7.93
N GLY GA 14 57.67 -3.67 7.12
CA GLY GA 14 58.37 -2.79 6.20
C GLY GA 14 57.45 -2.22 5.13
N GLU GA 15 56.43 -2.98 4.74
CA GLU GA 15 55.43 -2.47 3.80
C GLU GA 15 54.69 -1.27 4.37
N ALA GA 16 54.46 -1.25 5.68
CA ALA GA 16 53.85 -0.06 6.30
C ALA GA 16 54.74 1.16 6.13
N LYS GA 17 56.06 1.00 6.34
CA LYS GA 17 56.97 2.13 6.19
C LYS GA 17 57.04 2.59 4.73
N GLU GA 18 57.08 1.64 3.79
CA GLU GA 18 57.11 2.01 2.38
C GLU GA 18 55.84 2.74 1.97
N PHE GA 19 54.69 2.25 2.46
CA PHE GA 19 53.43 2.93 2.19
C PHE GA 19 53.43 4.33 2.79
N HIS GA 20 53.97 4.48 4.00
CA HIS GA 20 54.00 5.81 4.60
C HIS GA 20 54.90 6.76 3.82
N LYS GA 21 56.04 6.27 3.31
CA LYS GA 21 56.90 7.12 2.49
C LYS GA 21 56.20 7.57 1.21
N ILE GA 22 55.64 6.61 0.47
CA ILE GA 22 54.97 6.98 -0.78
C ILE GA 22 53.74 7.84 -0.51
N PHE GA 23 53.04 7.56 0.59
CA PHE GA 23 51.83 8.30 0.93
C PHE GA 23 52.17 9.73 1.33
N THR GA 24 53.25 9.94 2.07
CA THR GA 24 53.60 11.31 2.42
C THR GA 24 54.14 12.05 1.21
N SER GA 25 54.83 11.37 0.29
CA SER GA 25 55.21 12.01 -0.97
C SER GA 25 53.97 12.48 -1.73
N SER GA 26 52.96 11.62 -1.82
CA SER GA 26 51.71 11.99 -2.47
C SER GA 26 51.00 13.12 -1.72
N ILE GA 27 51.03 13.10 -0.38
CA ILE GA 27 50.46 14.18 0.41
C ILE GA 27 51.07 15.52 0.04
N LEU GA 28 52.41 15.58 0.06
CA LEU GA 28 53.05 16.85 -0.25
C LEU GA 28 52.80 17.29 -1.69
N VAL GA 29 52.84 16.37 -2.66
CA VAL GA 29 52.63 16.84 -4.03
C VAL GA 29 51.18 17.29 -4.24
N PHE GA 30 50.22 16.54 -3.68
CA PHE GA 30 48.82 16.92 -3.80
C PHE GA 30 48.53 18.25 -3.12
N PHE GA 31 49.07 18.46 -1.92
CA PHE GA 31 48.82 19.71 -1.23
C PHE GA 31 49.54 20.87 -1.89
N GLY GA 32 50.71 20.61 -2.49
CA GLY GA 32 51.39 21.66 -3.23
C GLY GA 32 50.61 22.10 -4.46
N VAL GA 33 50.08 21.15 -5.22
CA VAL GA 33 49.30 21.53 -6.39
C VAL GA 33 48.00 22.22 -5.98
N ALA GA 34 47.39 21.77 -4.87
CA ALA GA 34 46.21 22.45 -4.37
C ALA GA 34 46.52 23.89 -3.94
N ALA GA 35 47.63 24.09 -3.25
CA ALA GA 35 48.02 25.44 -2.84
C ALA GA 35 48.33 26.31 -4.04
N PHE GA 36 48.97 25.74 -5.07
CA PHE GA 36 49.23 26.51 -6.28
C PHE GA 36 47.92 26.92 -6.95
N ALA GA 37 46.96 26.00 -7.02
CA ALA GA 37 45.65 26.33 -7.59
C ALA GA 37 44.94 27.41 -6.79
N HIS GA 38 44.99 27.31 -5.47
CA HIS GA 38 44.36 28.33 -4.62
C HIS GA 38 45.02 29.69 -4.81
N LEU GA 39 46.35 29.71 -4.94
CA LEU GA 39 47.05 30.96 -5.18
C LEU GA 39 46.67 31.55 -6.53
N LEU GA 40 46.53 30.70 -7.55
CA LEU GA 40 46.08 31.17 -8.85
C LEU GA 40 44.69 31.77 -8.77
N VAL GA 41 43.77 31.12 -8.07
CA VAL GA 41 42.42 31.64 -7.92
C VAL GA 41 42.44 32.95 -7.15
N TRP GA 42 43.23 33.03 -6.08
CA TRP GA 42 43.30 34.24 -5.28
C TRP GA 42 43.81 35.41 -6.11
N ILE GA 43 44.84 35.19 -6.92
CA ILE GA 43 45.28 36.22 -7.84
C ILE GA 43 44.17 36.60 -8.80
N TRP GA 44 43.45 35.59 -9.32
CA TRP GA 44 42.30 35.86 -10.16
C TRP GA 44 41.23 36.65 -9.41
N ARG GA 45 40.68 36.05 -8.36
CA ARG GA 45 39.63 36.70 -7.57
C ARG GA 45 39.74 36.35 -6.10
N PRO GA 46 40.12 37.29 -5.24
CA PRO GA 46 40.20 36.98 -3.80
C PRO GA 46 38.83 36.73 -3.21
N TRP GA 47 38.78 35.84 -2.22
CA TRP GA 47 37.51 35.42 -1.63
C TRP GA 47 37.28 35.99 -0.24
N VAL GA 48 38.08 36.96 0.20
CA VAL GA 48 37.82 37.62 1.47
C VAL GA 48 37.33 39.04 1.20
N PRO GA 49 36.04 39.31 1.33
CA PRO GA 49 35.53 40.65 1.03
C PRO GA 49 35.95 41.67 2.08
N GLY GA 50 35.96 42.93 1.67
CA GLY GA 50 36.28 44.02 2.56
C GLY GA 50 35.07 44.53 3.29
N PRO GA 51 35.24 45.58 4.09
CA PRO GA 51 34.11 46.11 4.87
C PRO GA 51 32.93 46.54 4.02
N ASN GA 52 33.17 47.01 2.80
CA ASN GA 52 32.12 47.46 1.90
C ASN GA 52 31.74 46.41 0.87
N GLY GA 53 32.11 45.16 1.09
CA GLY GA 53 31.90 44.12 0.11
C GLY GA 53 33.06 44.05 -0.87
N TYR GA 54 32.86 43.24 -1.91
CA TYR GA 54 33.87 43.14 -2.95
C TYR GA 54 33.94 44.42 -3.78
N SER GA 55 32.80 44.91 -4.23
CA SER GA 55 32.76 46.10 -5.07
C SER GA 55 32.57 47.38 -4.23
N TRP HA 2 44.65 9.42 30.56
CA TRP HA 2 45.31 8.53 29.62
C TRP HA 2 44.60 7.19 29.62
N ARG HA 3 43.77 6.98 30.64
CA ARG HA 3 43.02 5.74 30.81
C ARG HA 3 41.76 5.70 29.95
N ILE HA 4 41.41 6.81 29.29
CA ILE HA 4 40.19 6.82 28.47
C ILE HA 4 40.28 5.80 27.35
N TRP HA 5 41.48 5.50 26.88
CA TRP HA 5 41.65 4.51 25.82
C TRP HA 5 41.43 3.09 26.29
N GLN HA 6 41.35 2.87 27.60
CA GLN HA 6 40.84 1.60 28.09
C GLN HA 6 39.32 1.51 27.89
N LEU HA 7 38.63 2.64 28.02
CA LEU HA 7 37.18 2.66 27.82
C LEU HA 7 36.80 2.68 26.34
N PHE HA 8 37.61 3.30 25.49
CA PHE HA 8 37.30 3.40 24.07
C PHE HA 8 38.52 3.03 23.25
N ASP HA 9 38.33 2.13 22.30
CA ASP HA 9 39.43 1.70 21.43
C ASP HA 9 39.87 2.86 20.55
N PRO HA 10 41.14 3.25 20.56
CA PRO HA 10 41.58 4.36 19.71
C PRO HA 10 41.33 4.14 18.23
N ARG HA 11 41.51 2.92 17.74
CA ARG HA 11 41.49 2.66 16.31
C ARG HA 11 40.14 2.98 15.68
N GLN HA 12 39.05 2.89 16.44
CA GLN HA 12 37.72 3.20 15.93
C GLN HA 12 37.14 4.47 16.50
N ALA HA 13 37.41 4.77 17.78
CA ALA HA 13 36.95 6.04 18.34
C ALA HA 13 37.60 7.22 17.62
N LEU HA 14 38.85 7.08 17.20
CA LEU HA 14 39.52 8.16 16.47
C LEU HA 14 38.81 8.45 15.15
N VAL HA 15 38.43 7.40 14.41
CA VAL HA 15 37.77 7.61 13.13
C VAL HA 15 36.37 8.16 13.32
N GLY HA 16 35.64 7.64 14.31
CA GLY HA 16 34.34 8.22 14.61
C GLY HA 16 34.41 9.68 15.00
N LEU HA 17 35.42 10.04 15.80
CA LEU HA 17 35.63 11.43 16.17
C LEU HA 17 35.97 12.29 14.97
N ALA HA 18 36.78 11.75 14.04
CA ALA HA 18 37.09 12.48 12.82
C ALA HA 18 35.84 12.74 12.01
N THR HA 19 34.96 11.73 11.89
CA THR HA 19 33.71 11.93 11.17
C THR HA 19 32.83 12.97 11.85
N PHE HA 20 32.72 12.91 13.18
CA PHE HA 20 31.91 13.90 13.90
C PHE HA 20 32.47 15.30 13.70
N LEU HA 21 33.79 15.45 13.77
CA LEU HA 21 34.41 16.75 13.58
C LEU HA 21 34.17 17.28 12.17
N PHE HA 22 34.27 16.41 11.16
CA PHE HA 22 33.99 16.85 9.80
C PHE HA 22 32.55 17.30 9.65
N VAL HA 23 31.62 16.54 10.22
CA VAL HA 23 30.20 16.93 10.14
C VAL HA 23 29.99 18.29 10.80
N LEU HA 24 30.56 18.48 11.98
CA LEU HA 24 30.39 19.74 12.68
C LEU HA 24 30.99 20.90 11.89
N ALA HA 25 32.19 20.71 11.35
CA ALA HA 25 32.84 21.78 10.58
C ALA HA 25 32.04 22.12 9.33
N LEU HA 26 31.56 21.09 8.61
CA LEU HA 26 30.78 21.34 7.41
C LEU HA 26 29.45 22.00 7.73
N LEU HA 27 28.82 21.62 8.85
CA LEU HA 27 27.59 22.27 9.28
C LEU HA 27 27.82 23.73 9.63
N ILE HA 28 28.91 24.03 10.34
CA ILE HA 28 29.20 25.42 10.69
C ILE HA 28 29.48 26.23 9.43
N HIS HA 29 30.19 25.66 8.47
CA HIS HA 29 30.44 26.36 7.22
C HIS HA 29 29.13 26.62 6.46
N PHE HA 30 28.24 25.64 6.44
CA PHE HA 30 26.95 25.85 5.78
C PHE HA 30 26.15 26.93 6.48
N ILE HA 31 26.18 26.97 7.80
CA ILE HA 31 25.48 28.01 8.55
C ILE HA 31 26.05 29.39 8.21
N LEU HA 32 27.38 29.50 8.16
CA LEU HA 32 27.99 30.77 7.80
C LEU HA 32 27.63 31.18 6.38
N LEU HA 33 27.63 30.23 5.45
CA LEU HA 33 27.24 30.53 4.07
C LEU HA 33 25.77 30.94 3.99
N SER HA 34 24.95 30.47 4.92
CA SER HA 34 23.55 30.85 4.94
C SER HA 34 23.34 32.27 5.43
N THR HA 35 24.31 32.84 6.13
CA THR HA 35 24.17 34.18 6.68
C THR HA 35 24.46 35.23 5.62
N GLU HA 36 24.28 36.49 6.02
CA GLU HA 36 24.50 37.65 5.16
C GLU HA 36 25.80 38.38 5.48
N ARG HA 37 26.30 38.26 6.71
CA ARG HA 37 27.57 38.89 7.06
C ARG HA 37 28.76 37.97 6.87
N PHE HA 38 28.60 36.67 7.16
CA PHE HA 38 29.72 35.74 7.15
C PHE HA 38 29.75 34.85 5.92
N ASN HA 39 29.03 35.23 4.87
CA ASN HA 39 29.12 34.54 3.58
C ASN HA 39 30.25 35.18 2.80
N TRP HA 40 31.41 34.52 2.79
CA TRP HA 40 32.59 35.06 2.14
C TRP HA 40 32.54 34.93 0.62
N LEU HA 41 31.57 34.20 0.09
CA LEU HA 41 31.42 34.08 -1.36
C LEU HA 41 30.47 35.14 -1.91
N GLU HA 42 29.34 35.37 -1.24
CA GLU HA 42 28.49 36.51 -1.59
C GLU HA 42 29.21 37.83 -1.33
N GLY HA 43 29.92 37.90 -0.21
CA GLY HA 43 30.67 39.11 0.13
C GLY HA 43 29.81 40.35 0.28
N ALA HA 44 28.63 40.21 0.88
CA ALA HA 44 27.75 41.35 1.05
C ALA HA 44 28.36 42.36 2.00
N SER HA 45 28.13 43.64 1.72
CA SER HA 45 28.72 44.71 2.50
C SER HA 45 28.17 44.71 3.93
N THR HA 46 29.04 45.03 4.88
CA THR HA 46 28.59 45.21 6.26
C THR HA 46 27.91 46.56 6.47
N LYS HA 47 28.26 47.55 5.66
CA LYS HA 47 27.70 48.88 5.79
C LYS HA 47 26.35 48.99 5.08
N ILE IA 11 43.80 -3.53 24.78
CA ILE IA 11 44.87 -2.55 24.88
C ILE IA 11 45.47 -2.59 26.29
N THR IA 12 46.77 -2.34 26.39
CA THR IA 12 47.45 -2.36 27.67
C THR IA 12 47.53 -0.96 28.26
N GLU IA 13 47.97 -0.89 29.51
CA GLU IA 13 48.06 0.38 30.21
C GLU IA 13 49.20 1.26 29.69
N GLY IA 14 50.18 0.68 29.00
CA GLY IA 14 51.32 1.43 28.52
C GLY IA 14 51.13 1.98 27.12
N GLU IA 15 50.66 1.13 26.22
CA GLU IA 15 50.32 1.59 24.87
C GLU IA 15 49.21 2.63 24.90
N ALA IA 16 48.32 2.58 25.90
CA ALA IA 16 47.32 3.62 26.04
C ALA IA 16 47.97 4.97 26.31
N LYS IA 17 48.96 5.01 27.20
CA LYS IA 17 49.70 6.25 27.45
C LYS IA 17 50.46 6.69 26.21
N GLU IA 18 51.07 5.73 25.50
CA GLU IA 18 51.81 6.07 24.30
C GLU IA 18 50.92 6.71 23.25
N PHE IA 19 49.71 6.16 23.07
CA PHE IA 19 48.76 6.77 22.15
C PHE IA 19 48.23 8.09 22.68
N HIS IA 20 48.07 8.22 24.00
CA HIS IA 20 47.57 9.46 24.56
C HIS IA 20 48.55 10.60 24.34
N LYS IA 21 49.85 10.32 24.31
CA LYS IA 21 50.82 11.38 24.04
C LYS IA 21 50.59 11.99 22.66
N ILE IA 22 50.54 11.16 21.62
CA ILE IA 22 50.36 11.69 20.27
C ILE IA 22 48.95 12.25 20.09
N PHE IA 23 47.97 11.69 20.79
CA PHE IA 23 46.62 12.25 20.76
C PHE IA 23 46.61 13.66 21.33
N THR IA 24 47.30 13.88 22.45
CA THR IA 24 47.38 15.21 23.03
C THR IA 24 48.11 16.16 22.09
N SER IA 25 49.19 15.70 21.46
CA SER IA 25 49.87 16.54 20.49
C SER IA 25 48.93 16.97 19.37
N SER IA 26 48.11 16.05 18.88
CA SER IA 26 47.15 16.40 17.83
C SER IA 26 46.04 17.31 18.36
N ILE IA 27 45.60 17.13 19.61
CA ILE IA 27 44.67 18.08 20.21
C ILE IA 27 45.25 19.48 20.17
N LEU IA 28 46.50 19.63 20.59
CA LEU IA 28 47.11 20.95 20.61
C LEU IA 28 47.28 21.52 19.21
N VAL IA 29 47.68 20.70 18.24
CA VAL IA 29 47.87 21.20 16.88
C VAL IA 29 46.53 21.64 16.29
N PHE IA 30 45.50 20.81 16.43
CA PHE IA 30 44.18 21.14 15.91
C PHE IA 30 43.63 22.40 16.56
N PHE IA 31 43.77 22.50 17.90
CA PHE IA 31 43.26 23.67 18.60
C PHE IA 31 44.02 24.94 18.22
N GLY IA 32 45.34 24.84 18.04
CA GLY IA 32 46.10 26.00 17.62
C GLY IA 32 45.72 26.48 16.23
N VAL IA 33 45.57 25.54 15.29
CA VAL IA 33 45.14 25.93 13.94
C VAL IA 33 43.76 26.55 13.98
N ALA IA 34 42.83 25.96 14.73
CA ALA IA 34 41.49 26.52 14.82
C ALA IA 34 41.49 27.88 15.48
N ALA IA 35 42.32 28.07 16.51
CA ALA IA 35 42.42 29.36 17.17
C ALA IA 35 42.96 30.42 16.23
N PHE IA 36 43.97 30.07 15.42
CA PHE IA 36 44.46 31.01 14.42
C PHE IA 36 43.39 31.34 13.40
N ALA IA 37 42.61 30.33 12.98
CA ALA IA 37 41.53 30.58 12.04
C ALA IA 37 40.50 31.53 12.62
N HIS IA 38 40.12 31.33 13.88
CA HIS IA 38 39.14 32.20 14.52
C HIS IA 38 39.70 33.60 14.74
N LEU IA 39 40.99 33.72 15.06
CA LEU IA 39 41.59 35.04 15.17
C LEU IA 39 41.57 35.77 13.84
N LEU IA 40 41.88 35.06 12.74
CA LEU IA 40 41.83 35.68 11.42
C LEU IA 40 40.42 36.11 11.07
N VAL IA 41 39.43 35.27 11.39
CA VAL IA 41 38.04 35.63 11.08
C VAL IA 41 37.59 36.82 11.93
N TRP IA 42 37.99 36.85 13.20
CA TRP IA 42 37.64 37.99 14.05
C TRP IA 42 38.26 39.27 13.53
N ILE IA 43 39.52 39.21 13.09
CA ILE IA 43 40.17 40.37 12.49
C ILE IA 43 39.42 40.79 11.22
N TRP IA 44 38.93 39.81 10.45
CA TRP IA 44 38.17 40.14 9.25
C TRP IA 44 36.78 40.65 9.60
N ARG IA 45 35.97 39.83 10.27
CA ARG IA 45 34.64 40.24 10.68
C ARG IA 45 34.28 39.64 12.04
N PRO IA 46 34.25 40.46 13.09
CA PRO IA 46 33.86 39.94 14.42
C PRO IA 46 32.41 39.50 14.44
N TRP IA 47 32.12 38.53 15.29
CA TRP IA 47 30.80 37.90 15.32
C TRP IA 47 30.04 38.14 16.61
N VAL IA 48 30.47 39.10 17.42
CA VAL IA 48 29.70 39.51 18.59
C VAL IA 48 29.11 40.88 18.30
N PRO IA 49 27.80 41.01 18.14
CA PRO IA 49 27.21 42.31 17.85
C PRO IA 49 27.29 43.24 19.04
N GLY IA 50 27.30 44.54 18.76
CA GLY IA 50 27.17 45.54 19.78
C GLY IA 50 25.72 45.82 20.09
N PRO IA 51 25.46 46.68 21.08
CA PRO IA 51 24.07 47.02 21.40
C PRO IA 51 23.33 47.62 20.24
N ASN IA 52 24.02 48.36 19.37
CA ASN IA 52 23.42 48.95 18.19
C ASN IA 52 23.48 48.04 16.97
N GLY IA 53 23.95 46.81 17.14
CA GLY IA 53 24.00 45.86 16.04
C GLY IA 53 25.39 45.65 15.48
N TYR IA 54 25.51 45.73 14.17
CA TYR IA 54 26.77 45.56 13.47
C TYR IA 54 27.16 46.85 12.76
N SER IA 55 28.32 46.82 12.12
CA SER IA 55 28.84 47.94 11.32
C SER IA 55 29.10 49.19 12.16
#